data_2K5L
#
_entry.id   2K5L
#
_entity_poly.entity_id   1
_entity_poly.type   'polypeptide(L)'
_entity_poly.pdbx_seq_one_letter_code
;MFSLRDAKCGQTVKVVKLHGTGALKRRIMDMGITRGCEIYIRKVAPLGDPIQINVRGYELSLRKSAAEMIEVELEHHHHH
H
;
_entity_poly.pdbx_strand_id   A
#
# COMPACT_ATOMS: atom_id res chain seq x y z
N MET A 1 4.79 4.07 -13.31
CA MET A 1 4.30 4.28 -11.93
C MET A 1 3.66 3.01 -11.38
N PHE A 2 4.24 2.48 -10.33
CA PHE A 2 3.69 1.33 -9.63
C PHE A 2 3.15 1.78 -8.29
N SER A 3 1.83 1.72 -8.14
CA SER A 3 1.18 2.20 -6.95
C SER A 3 0.73 1.03 -6.08
N LEU A 4 0.19 1.34 -4.91
CA LEU A 4 -0.32 0.32 -4.00
C LEU A 4 -1.54 -0.38 -4.62
N ARG A 5 -2.25 0.35 -5.47
CA ARG A 5 -3.44 -0.19 -6.12
C ARG A 5 -3.06 -1.10 -7.30
N ASP A 6 -1.77 -1.14 -7.62
CA ASP A 6 -1.28 -2.00 -8.70
C ASP A 6 -0.94 -3.38 -8.16
N ALA A 7 -1.02 -3.53 -6.84
CA ALA A 7 -0.75 -4.80 -6.21
C ALA A 7 -2.02 -5.64 -6.13
N LYS A 8 -1.87 -6.95 -6.14
CA LYS A 8 -3.00 -7.87 -6.09
C LYS A 8 -3.21 -8.37 -4.67
N CYS A 9 -4.45 -8.66 -4.31
CA CYS A 9 -4.75 -9.18 -2.99
C CYS A 9 -4.22 -10.59 -2.84
N GLY A 10 -3.20 -10.74 -2.01
CA GLY A 10 -2.50 -12.00 -1.89
C GLY A 10 -1.01 -11.82 -2.06
N GLN A 11 -0.61 -10.62 -2.48
CA GLN A 11 0.80 -10.29 -2.66
C GLN A 11 1.32 -9.47 -1.48
N THR A 12 2.63 -9.36 -1.39
CA THR A 12 3.26 -8.59 -0.33
C THR A 12 4.07 -7.43 -0.92
N VAL A 13 3.71 -6.21 -0.53
CA VAL A 13 4.43 -5.03 -0.99
C VAL A 13 5.09 -4.32 0.18
N LYS A 14 6.01 -3.43 -0.16
CA LYS A 14 6.65 -2.58 0.84
C LYS A 14 6.67 -1.15 0.35
N VAL A 15 6.38 -0.22 1.26
CA VAL A 15 6.29 1.19 0.92
C VAL A 15 7.69 1.79 0.78
N VAL A 16 7.90 2.50 -0.31
CA VAL A 16 9.17 3.18 -0.52
C VAL A 16 8.98 4.69 -0.55
N LYS A 17 8.15 5.17 -1.46
CA LYS A 17 7.88 6.60 -1.57
C LYS A 17 6.42 6.88 -1.32
N LEU A 18 6.13 8.13 -1.00
CA LEU A 18 4.76 8.57 -0.81
C LEU A 18 4.54 9.84 -1.61
N HIS A 19 3.75 9.74 -2.66
CA HIS A 19 3.46 10.90 -3.50
C HIS A 19 2.29 11.68 -2.94
N GLY A 20 2.13 12.91 -3.40
CA GLY A 20 1.00 13.71 -2.97
C GLY A 20 1.38 15.13 -2.64
N THR A 21 0.39 15.94 -2.29
CA THR A 21 0.59 17.35 -1.97
C THR A 21 1.10 17.55 -0.54
N GLY A 22 1.86 16.60 -0.03
CA GLY A 22 2.41 16.71 1.31
C GLY A 22 1.40 16.34 2.38
N ALA A 23 0.31 17.09 2.44
CA ALA A 23 -0.74 16.87 3.42
C ALA A 23 -1.30 15.45 3.32
N LEU A 24 -1.40 14.96 2.10
CA LEU A 24 -1.85 13.59 1.86
C LEU A 24 -0.87 12.59 2.49
N LYS A 25 0.42 12.85 2.31
CA LYS A 25 1.46 11.99 2.86
C LYS A 25 1.36 11.93 4.37
N ARG A 26 1.10 13.09 4.98
CA ARG A 26 0.97 13.20 6.42
C ARG A 26 -0.19 12.35 6.93
N ARG A 27 -1.30 12.39 6.21
CA ARG A 27 -2.47 11.58 6.57
C ARG A 27 -2.15 10.10 6.46
N ILE A 28 -1.50 9.72 5.36
CA ILE A 28 -1.07 8.36 5.14
C ILE A 28 -0.15 7.87 6.26
N MET A 29 0.88 8.67 6.55
CA MET A 29 1.88 8.30 7.56
C MET A 29 1.29 8.28 8.95
N ASP A 30 0.29 9.12 9.19
CA ASP A 30 -0.34 9.24 10.51
C ASP A 30 -1.11 7.97 10.85
N MET A 31 -1.70 7.36 9.84
CA MET A 31 -2.51 6.15 10.02
C MET A 31 -1.61 4.93 10.28
N GLY A 32 -0.34 5.05 9.96
CA GLY A 32 0.58 3.94 10.16
C GLY A 32 1.29 3.54 8.88
N ILE A 33 0.71 3.92 7.74
CA ILE A 33 1.30 3.61 6.45
C ILE A 33 2.57 4.44 6.26
N THR A 34 3.71 3.81 6.43
CA THR A 34 4.97 4.53 6.49
C THR A 34 5.99 3.97 5.50
N ARG A 35 6.94 4.81 5.12
CA ARG A 35 7.98 4.41 4.19
C ARG A 35 8.89 3.36 4.83
N GLY A 36 8.75 2.12 4.39
CA GLY A 36 9.53 1.04 4.93
C GLY A 36 8.69 -0.09 5.47
N CYS A 37 7.46 0.22 5.87
CA CYS A 37 6.58 -0.79 6.43
C CYS A 37 6.09 -1.73 5.33
N GLU A 38 5.95 -3.00 5.67
CA GLU A 38 5.47 -4.00 4.73
C GLU A 38 3.94 -4.05 4.77
N ILE A 39 3.34 -4.22 3.60
CA ILE A 39 1.90 -4.26 3.50
C ILE A 39 1.46 -5.54 2.81
N TYR A 40 0.73 -6.37 3.55
CA TYR A 40 0.16 -7.57 2.98
C TYR A 40 -1.23 -7.25 2.45
N ILE A 41 -1.37 -7.23 1.13
CA ILE A 41 -2.64 -6.89 0.51
C ILE A 41 -3.66 -8.00 0.78
N ARG A 42 -4.68 -7.67 1.56
CA ARG A 42 -5.63 -8.67 2.04
C ARG A 42 -6.78 -8.86 1.05
N LYS A 43 -7.47 -7.77 0.73
CA LYS A 43 -8.64 -7.85 -0.14
C LYS A 43 -8.79 -6.59 -0.97
N VAL A 44 -8.83 -6.75 -2.28
CA VAL A 44 -9.06 -5.63 -3.18
C VAL A 44 -10.46 -5.75 -3.79
N ALA A 45 -11.28 -4.74 -3.57
CA ALA A 45 -12.63 -4.72 -4.10
C ALA A 45 -12.60 -4.62 -5.63
N PRO A 46 -13.58 -5.26 -6.31
CA PRO A 46 -13.66 -5.25 -7.78
C PRO A 46 -13.86 -3.85 -8.36
N LEU A 47 -14.33 -2.93 -7.52
CA LEU A 47 -14.53 -1.55 -7.92
C LEU A 47 -13.19 -0.81 -7.91
N GLY A 48 -12.18 -1.46 -7.35
CA GLY A 48 -10.88 -0.83 -7.20
C GLY A 48 -10.73 -0.20 -5.82
N ASP A 49 -11.86 0.03 -5.18
CA ASP A 49 -11.91 0.68 -3.87
C ASP A 49 -13.02 0.08 -3.03
N PRO A 50 -12.79 -0.10 -1.72
CA PRO A 50 -11.52 0.19 -1.07
C PRO A 50 -10.58 -1.02 -1.04
N ILE A 51 -9.35 -0.79 -0.64
CA ILE A 51 -8.36 -1.85 -0.57
C ILE A 51 -8.08 -2.22 0.89
N GLN A 52 -8.39 -3.46 1.25
CA GLN A 52 -8.15 -3.95 2.61
C GLN A 52 -6.71 -4.43 2.73
N ILE A 53 -5.98 -3.85 3.66
CA ILE A 53 -4.58 -4.19 3.85
C ILE A 53 -4.27 -4.33 5.35
N ASN A 54 -3.29 -5.15 5.66
CA ASN A 54 -2.87 -5.33 7.04
C ASN A 54 -1.48 -4.72 7.22
N VAL A 55 -1.42 -3.65 7.98
CA VAL A 55 -0.19 -2.91 8.20
C VAL A 55 0.04 -2.68 9.69
N ARG A 56 1.24 -3.00 10.16
CA ARG A 56 1.62 -2.80 11.56
C ARG A 56 0.77 -3.64 12.51
N GLY A 57 0.07 -4.63 11.95
CA GLY A 57 -0.78 -5.48 12.76
C GLY A 57 -2.23 -5.07 12.69
N TYR A 58 -2.49 -3.94 12.05
CA TYR A 58 -3.85 -3.44 11.90
C TYR A 58 -4.36 -3.76 10.50
N GLU A 59 -5.52 -4.38 10.42
CA GLU A 59 -6.12 -4.67 9.13
C GLU A 59 -7.24 -3.69 8.87
N LEU A 60 -7.05 -2.87 7.86
CA LEU A 60 -7.95 -1.76 7.59
C LEU A 60 -8.19 -1.59 6.10
N SER A 61 -9.08 -0.67 5.76
CA SER A 61 -9.37 -0.36 4.38
C SER A 61 -8.78 0.99 4.01
N LEU A 62 -7.95 1.01 2.98
CA LEU A 62 -7.37 2.24 2.50
C LEU A 62 -8.04 2.64 1.19
N ARG A 63 -8.38 3.91 1.08
CA ARG A 63 -9.05 4.42 -0.10
C ARG A 63 -8.12 4.34 -1.30
N LYS A 64 -8.67 3.91 -2.44
CA LYS A 64 -7.91 3.79 -3.67
C LYS A 64 -7.25 5.11 -4.05
N SER A 65 -7.88 6.21 -3.66
CA SER A 65 -7.33 7.54 -3.90
C SER A 65 -5.91 7.63 -3.37
N ALA A 66 -5.71 7.15 -2.15
CA ALA A 66 -4.38 7.13 -1.54
C ALA A 66 -3.52 6.03 -2.13
N ALA A 67 -4.11 4.85 -2.28
CA ALA A 67 -3.41 3.67 -2.80
C ALA A 67 -2.82 3.94 -4.18
N GLU A 68 -3.50 4.78 -4.94
CA GLU A 68 -3.10 5.10 -6.30
C GLU A 68 -1.96 6.11 -6.32
N MET A 69 -1.68 6.69 -5.17
CA MET A 69 -0.64 7.72 -5.07
C MET A 69 0.57 7.19 -4.29
N ILE A 70 0.36 6.13 -3.53
CA ILE A 70 1.42 5.53 -2.74
C ILE A 70 2.37 4.72 -3.63
N GLU A 71 3.67 4.90 -3.40
CA GLU A 71 4.70 4.19 -4.15
C GLU A 71 5.21 3.00 -3.35
N VAL A 72 4.92 1.81 -3.84
CA VAL A 72 5.34 0.59 -3.17
C VAL A 72 6.10 -0.31 -4.13
N GLU A 73 6.70 -1.36 -3.59
CA GLU A 73 7.39 -2.35 -4.40
C GLU A 73 6.86 -3.73 -4.12
N LEU A 74 6.64 -4.50 -5.17
CA LEU A 74 6.24 -5.89 -5.02
C LEU A 74 7.49 -6.71 -4.74
N GLU A 75 7.78 -6.91 -3.46
CA GLU A 75 8.98 -7.63 -3.06
C GLU A 75 8.79 -9.12 -3.25
N HIS A 76 9.50 -9.68 -4.20
CA HIS A 76 9.44 -11.09 -4.49
C HIS A 76 10.78 -11.74 -4.15
N HIS A 77 10.90 -12.20 -2.92
CA HIS A 77 12.09 -12.92 -2.49
C HIS A 77 11.76 -14.40 -2.38
N HIS A 78 12.78 -15.24 -2.34
CA HIS A 78 12.55 -16.68 -2.30
C HIS A 78 12.72 -17.20 -0.87
N HIS A 79 12.18 -18.39 -0.63
CA HIS A 79 12.26 -19.03 0.68
C HIS A 79 13.43 -19.99 0.72
N HIS A 80 14.01 -20.17 1.90
CA HIS A 80 15.17 -21.04 2.05
C HIS A 80 15.32 -21.48 3.50
N HIS A 81 16.28 -22.35 3.75
CA HIS A 81 16.58 -22.78 5.11
C HIS A 81 17.56 -21.81 5.75
N MET A 1 3.32 2.98 -13.66
CA MET A 1 3.71 2.99 -12.24
C MET A 1 3.09 1.80 -11.51
N PHE A 2 3.65 1.47 -10.36
CA PHE A 2 3.11 0.40 -9.53
C PHE A 2 2.71 0.97 -8.17
N SER A 3 1.42 1.14 -7.97
CA SER A 3 0.92 1.71 -6.74
C SER A 3 0.49 0.60 -5.78
N LEU A 4 0.13 0.98 -4.56
CA LEU A 4 -0.36 0.01 -3.58
C LEU A 4 -1.68 -0.59 -4.04
N ARG A 5 -2.32 0.10 -4.97
CA ARG A 5 -3.56 -0.35 -5.57
C ARG A 5 -3.32 -1.49 -6.57
N ASP A 6 -2.11 -1.55 -7.08
CA ASP A 6 -1.78 -2.54 -8.11
C ASP A 6 -1.44 -3.90 -7.50
N ALA A 7 -1.26 -3.92 -6.19
CA ALA A 7 -0.94 -5.16 -5.49
C ALA A 7 -2.21 -5.97 -5.23
N LYS A 8 -2.07 -7.30 -5.22
CA LYS A 8 -3.20 -8.18 -5.01
C LYS A 8 -3.23 -8.69 -3.58
N CYS A 9 -4.32 -9.36 -3.23
CA CYS A 9 -4.51 -9.91 -1.89
C CYS A 9 -3.49 -11.02 -1.60
N GLY A 10 -2.48 -10.68 -0.80
CA GLY A 10 -1.43 -11.62 -0.48
C GLY A 10 -0.05 -11.10 -0.84
N GLN A 11 -0.01 -10.18 -1.80
CA GLN A 11 1.24 -9.58 -2.24
C GLN A 11 1.80 -8.65 -1.17
N THR A 12 3.04 -8.91 -0.77
CA THR A 12 3.70 -8.09 0.22
C THR A 12 4.63 -7.09 -0.45
N VAL A 13 4.27 -5.83 -0.39
CA VAL A 13 5.08 -4.77 -0.97
C VAL A 13 5.65 -3.87 0.12
N LYS A 14 6.55 -2.98 -0.27
CA LYS A 14 7.15 -2.03 0.67
C LYS A 14 7.09 -0.63 0.09
N VAL A 15 6.56 0.31 0.88
CA VAL A 15 6.40 1.70 0.41
C VAL A 15 7.77 2.38 0.29
N VAL A 16 8.02 2.97 -0.86
CA VAL A 16 9.30 3.62 -1.11
C VAL A 16 9.13 5.12 -1.31
N LYS A 17 8.05 5.53 -1.94
CA LYS A 17 7.82 6.94 -2.20
C LYS A 17 6.34 7.27 -2.01
N LEU A 18 6.06 8.49 -1.60
CA LEU A 18 4.69 8.93 -1.42
C LEU A 18 4.40 10.12 -2.32
N HIS A 19 3.45 9.94 -3.24
CA HIS A 19 3.15 10.95 -4.25
C HIS A 19 2.39 12.12 -3.63
N GLY A 20 1.60 11.83 -2.60
CA GLY A 20 0.83 12.85 -1.94
C GLY A 20 1.69 13.99 -1.44
N THR A 21 1.40 15.20 -1.88
CA THR A 21 2.22 16.35 -1.53
C THR A 21 2.09 16.74 -0.06
N GLY A 22 2.88 16.07 0.77
CA GLY A 22 2.99 16.41 2.18
C GLY A 22 1.76 16.04 3.00
N ALA A 23 0.69 16.80 2.86
CA ALA A 23 -0.51 16.56 3.66
C ALA A 23 -1.04 15.14 3.44
N LEU A 24 -1.14 14.75 2.18
CA LEU A 24 -1.65 13.43 1.84
C LEU A 24 -0.67 12.34 2.29
N LYS A 25 0.61 12.59 2.09
CA LYS A 25 1.64 11.59 2.43
C LYS A 25 1.76 11.44 3.94
N ARG A 26 1.45 12.49 4.68
CA ARG A 26 1.48 12.44 6.13
C ARG A 26 0.24 11.71 6.64
N ARG A 27 -0.88 11.92 5.95
CA ARG A 27 -2.15 11.30 6.30
C ARG A 27 -2.02 9.77 6.30
N ILE A 28 -1.39 9.24 5.26
CA ILE A 28 -1.15 7.80 5.15
C ILE A 28 -0.34 7.30 6.35
N MET A 29 0.64 8.10 6.76
CA MET A 29 1.49 7.78 7.90
C MET A 29 0.68 7.74 9.18
N ASP A 30 -0.39 8.53 9.23
CA ASP A 30 -1.25 8.59 10.40
C ASP A 30 -1.98 7.27 10.63
N MET A 31 -2.27 6.54 9.55
CA MET A 31 -2.91 5.23 9.67
C MET A 31 -1.89 4.16 10.03
N GLY A 32 -0.61 4.49 9.91
CA GLY A 32 0.44 3.55 10.27
C GLY A 32 1.21 3.05 9.07
N ILE A 33 0.91 3.59 7.90
CA ILE A 33 1.61 3.20 6.69
C ILE A 33 2.59 4.29 6.27
N THR A 34 3.88 3.97 6.32
CA THR A 34 4.89 4.93 5.93
C THR A 34 5.98 4.24 5.11
N ARG A 35 6.86 5.04 4.52
CA ARG A 35 7.94 4.52 3.69
C ARG A 35 8.88 3.65 4.51
N GLY A 36 9.19 2.48 3.98
CA GLY A 36 10.06 1.56 4.66
C GLY A 36 9.29 0.40 5.29
N CYS A 37 7.98 0.57 5.44
CA CYS A 37 7.15 -0.47 6.04
C CYS A 37 6.65 -1.44 4.98
N GLU A 38 6.36 -2.66 5.40
CA GLU A 38 5.87 -3.70 4.50
C GLU A 38 4.35 -3.82 4.58
N ILE A 39 3.69 -3.76 3.44
CA ILE A 39 2.24 -3.82 3.39
C ILE A 39 1.81 -4.96 2.46
N TYR A 40 1.03 -5.87 2.99
CA TYR A 40 0.43 -6.90 2.15
C TYR A 40 -1.07 -6.73 2.15
N ILE A 41 -1.67 -6.84 0.98
CA ILE A 41 -3.10 -6.58 0.82
C ILE A 41 -3.92 -7.73 1.36
N ARG A 42 -5.00 -7.40 2.06
CA ARG A 42 -5.92 -8.40 2.58
C ARG A 42 -6.98 -8.73 1.53
N LYS A 43 -7.63 -7.69 1.03
CA LYS A 43 -8.69 -7.83 0.03
C LYS A 43 -8.73 -6.62 -0.89
N VAL A 44 -8.93 -6.87 -2.18
CA VAL A 44 -9.15 -5.79 -3.13
C VAL A 44 -10.55 -5.93 -3.71
N ALA A 45 -11.42 -4.98 -3.38
CA ALA A 45 -12.79 -5.01 -3.88
C ALA A 45 -12.80 -4.96 -5.40
N PRO A 46 -13.75 -5.67 -6.02
CA PRO A 46 -13.85 -5.75 -7.48
C PRO A 46 -14.24 -4.41 -8.12
N LEU A 47 -14.60 -3.45 -7.29
CA LEU A 47 -14.96 -2.12 -7.77
C LEU A 47 -13.71 -1.26 -7.87
N GLY A 48 -12.61 -1.77 -7.32
CA GLY A 48 -11.38 -1.03 -7.28
C GLY A 48 -11.08 -0.53 -5.88
N ASP A 49 -12.14 -0.28 -5.13
CA ASP A 49 -12.02 0.11 -3.74
C ASP A 49 -13.26 -0.35 -2.99
N PRO A 50 -13.21 -0.43 -1.65
CA PRO A 50 -12.00 -0.12 -0.87
C PRO A 50 -10.96 -1.24 -0.89
N ILE A 51 -9.73 -0.87 -0.60
CA ILE A 51 -8.63 -1.82 -0.54
C ILE A 51 -8.31 -2.13 0.92
N GLN A 52 -8.55 -3.37 1.31
CA GLN A 52 -8.31 -3.78 2.70
C GLN A 52 -6.87 -4.24 2.85
N ILE A 53 -6.12 -3.58 3.71
CA ILE A 53 -4.73 -3.93 3.93
C ILE A 53 -4.48 -4.28 5.40
N ASN A 54 -3.45 -5.09 5.65
CA ASN A 54 -3.10 -5.44 7.02
C ASN A 54 -1.72 -4.90 7.36
N VAL A 55 -1.67 -3.89 8.20
CA VAL A 55 -0.42 -3.26 8.60
C VAL A 55 -0.48 -2.89 10.06
N ARG A 56 0.63 -3.09 10.78
CA ARG A 56 0.74 -2.72 12.19
C ARG A 56 -0.22 -3.56 13.04
N GLY A 57 -0.69 -4.67 12.47
CA GLY A 57 -1.64 -5.51 13.17
C GLY A 57 -3.08 -5.06 12.94
N TYR A 58 -3.25 -3.96 12.22
CA TYR A 58 -4.56 -3.41 11.96
C TYR A 58 -5.07 -3.82 10.58
N GLU A 59 -6.36 -4.08 10.47
CA GLU A 59 -6.98 -4.22 9.18
C GLU A 59 -7.60 -2.88 8.78
N LEU A 60 -7.01 -2.23 7.80
CA LEU A 60 -7.41 -0.89 7.46
C LEU A 60 -8.03 -0.82 6.07
N SER A 61 -9.17 -0.15 5.99
CA SER A 61 -9.83 0.09 4.73
C SER A 61 -9.23 1.33 4.08
N LEU A 62 -8.44 1.12 3.04
CA LEU A 62 -7.79 2.22 2.37
C LEU A 62 -8.46 2.47 1.03
N ARG A 63 -8.71 3.74 0.73
CA ARG A 63 -9.34 4.12 -0.51
C ARG A 63 -8.31 4.10 -1.64
N LYS A 64 -8.73 3.64 -2.82
CA LYS A 64 -7.85 3.53 -3.97
C LYS A 64 -7.22 4.88 -4.32
N SER A 65 -7.90 5.96 -3.99
CA SER A 65 -7.43 7.30 -4.28
C SER A 65 -6.07 7.55 -3.60
N ALA A 66 -5.96 7.12 -2.36
CA ALA A 66 -4.70 7.24 -1.63
C ALA A 66 -3.71 6.17 -2.11
N ALA A 67 -4.23 4.97 -2.39
CA ALA A 67 -3.41 3.86 -2.82
C ALA A 67 -2.67 4.18 -4.13
N GLU A 68 -3.29 5.01 -4.97
CA GLU A 68 -2.68 5.45 -6.22
C GLU A 68 -1.44 6.28 -5.94
N MET A 69 -1.47 7.03 -4.86
CA MET A 69 -0.39 7.96 -4.53
C MET A 69 0.71 7.28 -3.74
N ILE A 70 0.53 5.99 -3.48
CA ILE A 70 1.52 5.23 -2.73
C ILE A 70 2.43 4.45 -3.67
N GLU A 71 3.68 4.89 -3.76
CA GLU A 71 4.67 4.22 -4.58
C GLU A 71 5.27 3.06 -3.80
N VAL A 72 4.99 1.85 -4.24
CA VAL A 72 5.45 0.67 -3.53
C VAL A 72 6.36 -0.19 -4.39
N GLU A 73 7.11 -1.04 -3.75
CA GLU A 73 7.97 -1.97 -4.44
C GLU A 73 7.62 -3.39 -4.00
N LEU A 74 7.49 -4.29 -4.97
CA LEU A 74 7.05 -5.66 -4.69
C LEU A 74 8.25 -6.61 -4.71
N GLU A 75 8.24 -7.58 -3.79
CA GLU A 75 9.32 -8.54 -3.69
C GLU A 75 9.43 -9.35 -4.98
N HIS A 76 10.66 -9.44 -5.48
CA HIS A 76 10.95 -10.14 -6.74
C HIS A 76 10.18 -9.51 -7.88
N HIS A 77 10.64 -8.35 -8.32
CA HIS A 77 9.99 -7.61 -9.38
C HIS A 77 10.83 -7.65 -10.65
N HIS A 78 10.17 -7.48 -11.80
CA HIS A 78 10.84 -7.52 -13.10
C HIS A 78 11.41 -8.92 -13.35
N HIS A 79 10.84 -9.89 -12.64
CA HIS A 79 11.33 -11.26 -12.65
C HIS A 79 10.77 -12.02 -13.85
N HIS A 80 11.50 -12.02 -14.95
CA HIS A 80 11.06 -12.74 -16.14
C HIS A 80 11.87 -14.02 -16.27
N HIS A 81 11.37 -15.08 -15.65
CA HIS A 81 12.03 -16.37 -15.69
C HIS A 81 11.10 -17.41 -16.29
N MET A 1 5.31 3.63 -12.73
CA MET A 1 4.98 3.73 -11.29
C MET A 1 4.38 2.44 -10.78
N PHE A 2 4.93 1.90 -9.70
CA PHE A 2 4.38 0.71 -9.11
C PHE A 2 3.52 1.11 -7.92
N SER A 3 2.23 1.28 -8.18
CA SER A 3 1.33 1.79 -7.15
C SER A 3 0.80 0.65 -6.29
N LEU A 4 0.33 1.00 -5.10
CA LEU A 4 -0.25 0.04 -4.18
C LEU A 4 -1.50 -0.60 -4.77
N ARG A 5 -2.22 0.18 -5.56
CA ARG A 5 -3.44 -0.29 -6.21
C ARG A 5 -3.10 -1.30 -7.30
N ASP A 6 -1.95 -1.11 -7.94
CA ASP A 6 -1.52 -1.98 -9.04
C ASP A 6 -1.35 -3.42 -8.57
N ALA A 7 -0.97 -3.60 -7.31
CA ALA A 7 -0.82 -4.93 -6.74
C ALA A 7 -2.18 -5.54 -6.43
N LYS A 8 -2.21 -6.87 -6.30
CA LYS A 8 -3.45 -7.58 -6.00
C LYS A 8 -3.43 -8.10 -4.57
N CYS A 9 -4.50 -8.79 -4.18
CA CYS A 9 -4.64 -9.31 -2.83
C CYS A 9 -3.63 -10.43 -2.56
N GLY A 10 -3.12 -10.49 -1.34
CA GLY A 10 -2.22 -11.56 -0.96
C GLY A 10 -0.77 -11.27 -1.28
N GLN A 11 -0.51 -10.08 -1.81
CA GLN A 11 0.85 -9.71 -2.17
C GLN A 11 1.46 -8.80 -1.11
N THR A 12 2.77 -8.89 -0.96
CA THR A 12 3.50 -8.10 0.02
C THR A 12 4.23 -6.95 -0.67
N VAL A 13 3.83 -5.73 -0.36
CA VAL A 13 4.44 -4.55 -0.97
C VAL A 13 5.16 -3.71 0.06
N LYS A 14 6.36 -3.28 -0.28
CA LYS A 14 7.15 -2.43 0.60
C LYS A 14 6.93 -0.97 0.24
N VAL A 15 6.72 -0.15 1.25
CA VAL A 15 6.51 1.29 1.04
C VAL A 15 7.84 1.98 0.77
N VAL A 16 8.01 2.51 -0.43
CA VAL A 16 9.25 3.17 -0.80
C VAL A 16 9.06 4.66 -1.06
N LYS A 17 8.05 5.03 -1.84
CA LYS A 17 7.86 6.43 -2.19
C LYS A 17 6.40 6.83 -2.02
N LEU A 18 6.20 8.10 -1.74
CA LEU A 18 4.86 8.64 -1.55
C LEU A 18 4.67 9.85 -2.44
N HIS A 19 3.87 9.70 -3.50
CA HIS A 19 3.68 10.77 -4.48
C HIS A 19 2.56 11.71 -4.04
N GLY A 20 1.91 11.38 -2.95
CA GLY A 20 0.80 12.17 -2.47
C GLY A 20 1.21 13.51 -1.90
N THR A 21 0.23 14.38 -1.71
CA THR A 21 0.48 15.71 -1.17
C THR A 21 0.71 15.66 0.33
N GLY A 22 1.03 16.81 0.93
CA GLY A 22 1.33 16.85 2.35
C GLY A 22 0.21 16.33 3.22
N ALA A 23 -1.03 16.71 2.90
CA ALA A 23 -2.19 16.26 3.66
C ALA A 23 -2.38 14.76 3.56
N LEU A 24 -2.30 14.25 2.33
CA LEU A 24 -2.43 12.81 2.09
C LEU A 24 -1.28 12.05 2.74
N LYS A 25 -0.07 12.53 2.50
CA LYS A 25 1.13 11.89 3.02
C LYS A 25 1.06 11.73 4.53
N ARG A 26 0.72 12.82 5.22
CA ARG A 26 0.64 12.80 6.67
C ARG A 26 -0.31 11.73 7.17
N ARG A 27 -1.49 11.65 6.58
CA ARG A 27 -2.51 10.71 7.02
C ARG A 27 -2.05 9.27 6.75
N ILE A 28 -1.44 9.05 5.58
CA ILE A 28 -0.90 7.73 5.23
C ILE A 28 0.19 7.34 6.21
N MET A 29 1.03 8.30 6.56
CA MET A 29 2.14 8.07 7.47
C MET A 29 1.64 7.83 8.89
N ASP A 30 0.51 8.44 9.22
CA ASP A 30 -0.11 8.25 10.53
C ASP A 30 -0.56 6.81 10.72
N MET A 31 -0.91 6.16 9.61
CA MET A 31 -1.38 4.77 9.63
C MET A 31 -0.23 3.81 9.92
N GLY A 32 0.99 4.31 9.80
CA GLY A 32 2.15 3.47 9.96
C GLY A 32 2.82 3.18 8.63
N ILE A 33 2.28 3.78 7.58
CA ILE A 33 2.82 3.63 6.25
C ILE A 33 3.78 4.79 5.96
N THR A 34 5.06 4.59 6.25
CA THR A 34 6.03 5.65 6.10
C THR A 34 7.16 5.27 5.14
N ARG A 35 7.83 4.18 5.46
CA ARG A 35 9.02 3.77 4.74
C ARG A 35 9.49 2.42 5.25
N GLY A 36 9.90 1.54 4.33
CA GLY A 36 10.52 0.29 4.71
C GLY A 36 9.52 -0.79 5.13
N CYS A 37 8.39 -0.36 5.66
CA CYS A 37 7.34 -1.28 6.08
C CYS A 37 6.80 -2.05 4.89
N GLU A 38 6.53 -3.32 5.11
CA GLU A 38 5.92 -4.14 4.08
C GLU A 38 4.45 -4.39 4.42
N ILE A 39 3.60 -4.16 3.45
CA ILE A 39 2.17 -4.21 3.65
C ILE A 39 1.58 -5.42 2.96
N TYR A 40 0.89 -6.23 3.73
CA TYR A 40 0.15 -7.35 3.18
C TYR A 40 -1.24 -6.89 2.78
N ILE A 41 -1.47 -6.82 1.47
CA ILE A 41 -2.79 -6.46 0.97
C ILE A 41 -3.76 -7.60 1.25
N ARG A 42 -4.70 -7.36 2.16
CA ARG A 42 -5.58 -8.42 2.63
C ARG A 42 -6.70 -8.67 1.63
N LYS A 43 -7.41 -7.61 1.24
CA LYS A 43 -8.52 -7.77 0.32
C LYS A 43 -8.84 -6.45 -0.38
N VAL A 44 -8.81 -6.48 -1.70
CA VAL A 44 -9.21 -5.35 -2.51
C VAL A 44 -10.66 -5.54 -2.95
N ALA A 45 -11.48 -4.51 -2.74
CA ALA A 45 -12.87 -4.56 -3.17
C ALA A 45 -12.96 -4.50 -4.70
N PRO A 46 -13.93 -5.22 -5.29
CA PRO A 46 -14.13 -5.23 -6.74
C PRO A 46 -14.51 -3.85 -7.28
N LEU A 47 -14.99 -2.99 -6.38
CA LEU A 47 -15.30 -1.61 -6.73
C LEU A 47 -14.01 -0.83 -6.95
N GLY A 48 -12.93 -1.31 -6.33
CA GLY A 48 -11.66 -0.65 -6.43
C GLY A 48 -11.42 0.28 -5.26
N ASP A 49 -12.50 0.59 -4.55
CA ASP A 49 -12.44 1.51 -3.43
C ASP A 49 -13.40 1.05 -2.34
N PRO A 50 -12.91 0.89 -1.11
CA PRO A 50 -11.49 1.03 -0.78
C PRO A 50 -10.75 -0.31 -0.81
N ILE A 51 -9.48 -0.27 -0.42
CA ILE A 51 -8.65 -1.45 -0.35
C ILE A 51 -8.31 -1.76 1.10
N GLN A 52 -8.41 -3.03 1.49
CA GLN A 52 -8.10 -3.44 2.85
C GLN A 52 -6.66 -3.98 2.91
N ILE A 53 -5.80 -3.27 3.63
CA ILE A 53 -4.41 -3.68 3.77
C ILE A 53 -4.08 -3.91 5.23
N ASN A 54 -3.36 -4.98 5.52
CA ASN A 54 -3.06 -5.32 6.91
C ASN A 54 -1.73 -4.74 7.32
N VAL A 55 -1.78 -3.73 8.18
CA VAL A 55 -0.60 -3.09 8.73
C VAL A 55 -0.74 -2.97 10.23
N ARG A 56 0.34 -3.26 10.95
CA ARG A 56 0.35 -3.17 12.42
C ARG A 56 -0.62 -4.18 13.03
N GLY A 57 -0.94 -5.21 12.25
CA GLY A 57 -1.87 -6.24 12.71
C GLY A 57 -3.32 -5.81 12.58
N TYR A 58 -3.56 -4.80 11.75
CA TYR A 58 -4.91 -4.29 11.54
C TYR A 58 -5.13 -4.02 10.06
N GLU A 59 -6.29 -4.38 9.54
CA GLU A 59 -6.62 -4.10 8.16
C GLU A 59 -7.19 -2.68 8.03
N LEU A 60 -6.41 -1.81 7.41
CA LEU A 60 -6.78 -0.43 7.22
C LEU A 60 -7.43 -0.23 5.87
N SER A 61 -8.50 0.53 5.83
CA SER A 61 -9.18 0.82 4.58
C SER A 61 -8.54 2.00 3.89
N LEU A 62 -7.79 1.74 2.84
CA LEU A 62 -7.14 2.78 2.08
C LEU A 62 -7.85 2.97 0.75
N ARG A 63 -8.26 4.19 0.48
CA ARG A 63 -9.02 4.48 -0.73
C ARG A 63 -8.16 4.40 -1.97
N LYS A 64 -8.79 4.17 -3.12
CA LYS A 64 -8.08 4.01 -4.39
C LYS A 64 -7.29 5.27 -4.75
N SER A 65 -7.74 6.41 -4.24
CA SER A 65 -7.07 7.68 -4.49
C SER A 65 -5.63 7.63 -3.96
N ALA A 66 -5.49 7.16 -2.73
CA ALA A 66 -4.17 7.04 -2.11
C ALA A 66 -3.43 5.82 -2.66
N ALA A 67 -4.17 4.74 -2.88
CA ALA A 67 -3.57 3.49 -3.36
C ALA A 67 -2.91 3.67 -4.72
N GLU A 68 -3.51 4.50 -5.57
CA GLU A 68 -2.94 4.79 -6.88
C GLU A 68 -1.91 5.91 -6.80
N MET A 69 -1.63 6.38 -5.60
CA MET A 69 -0.71 7.50 -5.41
C MET A 69 0.55 7.06 -4.66
N ILE A 70 0.47 5.90 -4.01
CA ILE A 70 1.59 5.36 -3.26
C ILE A 70 2.50 4.52 -4.16
N GLU A 71 3.79 4.74 -4.04
CA GLU A 71 4.78 3.98 -4.78
C GLU A 71 5.34 2.86 -3.90
N VAL A 72 5.08 1.63 -4.29
CA VAL A 72 5.49 0.49 -3.49
C VAL A 72 6.38 -0.45 -4.30
N GLU A 73 6.83 -1.50 -3.65
CA GLU A 73 7.66 -2.50 -4.29
C GLU A 73 7.21 -3.88 -3.89
N LEU A 74 7.03 -4.75 -4.86
CA LEU A 74 6.73 -6.15 -4.57
C LEU A 74 7.98 -6.80 -4.01
N GLU A 75 7.98 -7.07 -2.71
CA GLU A 75 9.17 -7.53 -2.00
C GLU A 75 9.73 -8.80 -2.66
N HIS A 76 10.87 -8.62 -3.30
CA HIS A 76 11.52 -9.70 -4.04
C HIS A 76 12.13 -10.74 -3.11
N HIS A 77 11.61 -11.96 -3.21
CA HIS A 77 12.18 -13.12 -2.52
C HIS A 77 12.45 -14.20 -3.55
N HIS A 78 13.69 -14.68 -3.60
CA HIS A 78 14.09 -15.69 -4.57
C HIS A 78 13.88 -15.16 -5.99
N HIS A 79 14.08 -13.84 -6.14
CA HIS A 79 13.84 -13.12 -7.40
C HIS A 79 12.34 -13.05 -7.70
N HIS A 80 11.77 -14.19 -8.04
CA HIS A 80 10.35 -14.32 -8.36
C HIS A 80 10.06 -15.77 -8.71
N HIS A 81 11.01 -16.40 -9.38
CA HIS A 81 10.89 -17.79 -9.79
C HIS A 81 12.25 -18.47 -9.69
N MET A 1 3.85 3.91 -12.71
CA MET A 1 4.68 3.19 -11.72
C MET A 1 3.84 2.12 -11.03
N PHE A 2 4.46 1.30 -10.19
CA PHE A 2 3.75 0.26 -9.48
C PHE A 2 3.13 0.84 -8.22
N SER A 3 1.83 1.08 -8.27
CA SER A 3 1.11 1.64 -7.15
C SER A 3 0.54 0.54 -6.28
N LEU A 4 0.27 0.84 -5.02
CA LEU A 4 -0.32 -0.12 -4.09
C LEU A 4 -1.71 -0.54 -4.58
N ARG A 5 -2.37 0.38 -5.29
CA ARG A 5 -3.67 0.11 -5.89
C ARG A 5 -3.54 -1.00 -6.95
N ASP A 6 -2.35 -1.09 -7.55
CA ASP A 6 -2.12 -2.00 -8.67
C ASP A 6 -1.61 -3.35 -8.16
N ALA A 7 -1.41 -3.43 -6.84
CA ALA A 7 -0.96 -4.65 -6.21
C ALA A 7 -2.14 -5.61 -6.04
N LYS A 8 -1.83 -6.88 -5.86
CA LYS A 8 -2.86 -7.91 -5.71
C LYS A 8 -2.83 -8.50 -4.32
N CYS A 9 -3.98 -9.01 -3.88
CA CYS A 9 -4.11 -9.57 -2.54
C CYS A 9 -3.23 -10.82 -2.36
N GLY A 10 -2.85 -11.08 -1.12
CA GLY A 10 -2.05 -12.26 -0.81
C GLY A 10 -0.56 -11.99 -0.90
N GLN A 11 -0.19 -10.79 -1.31
CA GLN A 11 1.21 -10.43 -1.47
C GLN A 11 1.61 -9.33 -0.48
N THR A 12 2.90 -9.14 -0.33
CA THR A 12 3.43 -8.13 0.58
C THR A 12 4.26 -7.12 -0.20
N VAL A 13 4.08 -5.84 0.10
CA VAL A 13 4.80 -4.79 -0.58
C VAL A 13 5.56 -3.91 0.42
N LYS A 14 6.58 -3.22 -0.08
CA LYS A 14 7.31 -2.26 0.72
C LYS A 14 7.05 -0.86 0.20
N VAL A 15 6.56 0.02 1.04
CA VAL A 15 6.28 1.39 0.63
C VAL A 15 7.57 2.17 0.44
N VAL A 16 7.77 2.71 -0.75
CA VAL A 16 8.99 3.45 -1.02
C VAL A 16 8.73 4.93 -1.26
N LYS A 17 7.65 5.24 -1.96
CA LYS A 17 7.36 6.64 -2.26
C LYS A 17 5.90 6.98 -2.01
N LEU A 18 5.68 8.01 -1.23
CA LEU A 18 4.35 8.52 -0.98
C LEU A 18 4.11 9.75 -1.86
N HIS A 19 3.34 9.57 -2.93
CA HIS A 19 3.07 10.66 -3.87
C HIS A 19 2.05 11.63 -3.31
N GLY A 20 1.51 11.29 -2.15
CA GLY A 20 0.60 12.18 -1.46
C GLY A 20 1.30 13.44 -1.00
N THR A 21 0.79 14.58 -1.42
CA THR A 21 1.44 15.85 -1.14
C THR A 21 1.20 16.33 0.29
N GLY A 22 2.10 15.91 1.18
CA GLY A 22 2.12 16.40 2.55
C GLY A 22 0.91 15.98 3.39
N ALA A 23 -0.18 16.72 3.27
CA ALA A 23 -1.40 16.42 4.03
C ALA A 23 -1.86 15.00 3.75
N LEU A 24 -1.74 14.59 2.49
CA LEU A 24 -2.06 13.23 2.09
C LEU A 24 -1.08 12.24 2.67
N LYS A 25 0.21 12.54 2.55
CA LYS A 25 1.25 11.61 2.97
C LYS A 25 1.24 11.41 4.48
N ARG A 26 0.90 12.47 5.22
CA ARG A 26 0.86 12.37 6.67
C ARG A 26 -0.27 11.45 7.11
N ARG A 27 -1.45 11.59 6.53
CA ARG A 27 -2.57 10.73 6.87
C ARG A 27 -2.21 9.27 6.63
N ILE A 28 -1.57 9.02 5.50
CA ILE A 28 -1.11 7.69 5.13
C ILE A 28 -0.09 7.16 6.14
N MET A 29 0.92 7.97 6.44
CA MET A 29 2.01 7.55 7.32
C MET A 29 1.57 7.53 8.78
N ASP A 30 0.63 8.39 9.13
CA ASP A 30 0.06 8.44 10.47
C ASP A 30 -0.62 7.11 10.83
N MET A 31 -1.20 6.47 9.82
CA MET A 31 -1.81 5.16 10.01
C MET A 31 -0.75 4.07 10.15
N GLY A 32 0.45 4.32 9.65
CA GLY A 32 1.53 3.36 9.77
C GLY A 32 2.35 3.21 8.51
N ILE A 33 1.87 3.78 7.42
CA ILE A 33 2.56 3.68 6.13
C ILE A 33 3.60 4.78 6.01
N THR A 34 4.73 4.60 6.67
CA THR A 34 5.72 5.67 6.82
C THR A 34 6.92 5.51 5.90
N ARG A 35 6.76 4.78 4.79
CA ARG A 35 7.87 4.49 3.87
C ARG A 35 8.88 3.56 4.53
N GLY A 36 9.16 2.45 3.87
CA GLY A 36 9.99 1.43 4.47
C GLY A 36 9.15 0.42 5.22
N CYS A 37 7.88 0.78 5.40
CA CYS A 37 6.91 -0.09 6.05
C CYS A 37 6.43 -1.13 5.04
N GLU A 38 6.11 -2.31 5.53
CA GLU A 38 5.64 -3.38 4.67
C GLU A 38 4.13 -3.52 4.79
N ILE A 39 3.48 -3.77 3.67
CA ILE A 39 2.04 -3.85 3.62
C ILE A 39 1.60 -5.15 2.96
N TYR A 40 0.82 -5.93 3.68
CA TYR A 40 0.22 -7.13 3.12
C TYR A 40 -1.18 -6.79 2.61
N ILE A 41 -1.38 -6.91 1.31
CA ILE A 41 -2.68 -6.59 0.72
C ILE A 41 -3.67 -7.71 1.04
N ARG A 42 -4.70 -7.36 1.79
CA ARG A 42 -5.65 -8.33 2.30
C ARG A 42 -6.72 -8.64 1.24
N LYS A 43 -7.35 -7.60 0.73
CA LYS A 43 -8.47 -7.77 -0.19
C LYS A 43 -8.63 -6.53 -1.06
N VAL A 44 -8.79 -6.75 -2.36
CA VAL A 44 -9.04 -5.66 -3.29
C VAL A 44 -10.52 -5.64 -3.66
N ALA A 45 -11.23 -4.62 -3.19
CA ALA A 45 -12.67 -4.50 -3.43
C ALA A 45 -12.98 -4.51 -4.93
N PRO A 46 -14.14 -5.09 -5.30
CA PRO A 46 -14.54 -5.22 -6.71
C PRO A 46 -14.55 -3.88 -7.46
N LEU A 47 -14.98 -2.84 -6.78
CA LEU A 47 -15.03 -1.51 -7.38
C LEU A 47 -13.63 -0.92 -7.51
N GLY A 48 -12.74 -1.36 -6.63
CA GLY A 48 -11.42 -0.79 -6.58
C GLY A 48 -11.25 0.12 -5.38
N ASP A 49 -12.35 0.36 -4.69
CA ASP A 49 -12.36 1.23 -3.52
C ASP A 49 -13.25 0.64 -2.44
N PRO A 50 -12.73 0.46 -1.22
CA PRO A 50 -11.33 0.71 -0.90
C PRO A 50 -10.48 -0.57 -0.96
N ILE A 51 -9.19 -0.43 -0.74
CA ILE A 51 -8.29 -1.56 -0.71
C ILE A 51 -8.02 -1.96 0.75
N GLN A 52 -8.22 -3.23 1.06
CA GLN A 52 -7.98 -3.73 2.41
C GLN A 52 -6.53 -4.16 2.54
N ILE A 53 -5.82 -3.55 3.48
CA ILE A 53 -4.41 -3.82 3.68
C ILE A 53 -4.10 -4.06 5.15
N ASN A 54 -3.05 -4.81 5.42
CA ASN A 54 -2.62 -5.05 6.79
C ASN A 54 -1.35 -4.27 7.06
N VAL A 55 -1.46 -3.26 7.92
CA VAL A 55 -0.32 -2.45 8.31
C VAL A 55 -0.22 -2.39 9.83
N ARG A 56 0.94 -2.77 10.36
CA ARG A 56 1.21 -2.71 11.79
C ARG A 56 0.32 -3.68 12.57
N GLY A 57 -0.24 -4.66 11.86
CA GLY A 57 -1.11 -5.64 12.49
C GLY A 57 -2.56 -5.23 12.41
N TYR A 58 -2.80 -4.02 11.91
CA TYR A 58 -4.14 -3.50 11.80
C TYR A 58 -4.68 -3.70 10.40
N GLU A 59 -5.89 -4.24 10.31
CA GLU A 59 -6.60 -4.34 9.04
C GLU A 59 -7.12 -2.96 8.67
N LEU A 60 -6.54 -2.37 7.65
CA LEU A 60 -6.89 -1.01 7.25
C LEU A 60 -7.55 -0.99 5.87
N SER A 61 -8.23 0.09 5.57
CA SER A 61 -8.86 0.27 4.29
C SER A 61 -8.44 1.60 3.67
N LEU A 62 -7.72 1.54 2.57
CA LEU A 62 -7.26 2.74 1.88
C LEU A 62 -8.06 2.96 0.62
N ARG A 63 -8.43 4.21 0.38
CA ARG A 63 -9.23 4.55 -0.79
C ARG A 63 -8.42 4.38 -2.07
N LYS A 64 -9.14 4.18 -3.17
CA LYS A 64 -8.53 3.92 -4.47
C LYS A 64 -7.58 5.05 -4.85
N SER A 65 -8.07 6.28 -4.69
CA SER A 65 -7.30 7.47 -5.07
C SER A 65 -6.03 7.60 -4.23
N ALA A 66 -6.10 7.17 -2.97
CA ALA A 66 -4.93 7.20 -2.10
C ALA A 66 -3.95 6.07 -2.46
N ALA A 67 -4.48 4.88 -2.69
CA ALA A 67 -3.66 3.71 -2.95
C ALA A 67 -2.91 3.81 -4.28
N GLU A 68 -3.43 4.62 -5.19
CA GLU A 68 -2.77 4.81 -6.49
C GLU A 68 -1.69 5.88 -6.39
N MET A 69 -1.61 6.54 -5.24
CA MET A 69 -0.58 7.54 -4.98
C MET A 69 0.51 6.96 -4.09
N ILE A 70 0.34 5.69 -3.72
CA ILE A 70 1.32 5.00 -2.92
C ILE A 70 2.21 4.12 -3.80
N GLU A 71 3.47 4.47 -3.86
CA GLU A 71 4.44 3.72 -4.65
C GLU A 71 5.11 2.67 -3.79
N VAL A 72 4.97 1.42 -4.18
CA VAL A 72 5.46 0.31 -3.38
C VAL A 72 6.29 -0.68 -4.20
N GLU A 73 7.08 -1.47 -3.50
CA GLU A 73 7.84 -2.56 -4.11
C GLU A 73 7.13 -3.87 -3.84
N LEU A 74 6.97 -4.67 -4.86
CA LEU A 74 6.40 -6.00 -4.67
C LEU A 74 7.48 -6.90 -4.07
N GLU A 75 7.37 -7.18 -2.78
CA GLU A 75 8.39 -7.96 -2.06
C GLU A 75 8.27 -9.45 -2.38
N HIS A 76 8.24 -9.76 -3.67
CA HIS A 76 8.24 -11.13 -4.13
C HIS A 76 9.65 -11.66 -4.12
N HIS A 77 9.87 -12.73 -3.37
CA HIS A 77 11.20 -13.31 -3.27
C HIS A 77 11.61 -13.91 -4.61
N HIS A 78 12.65 -13.36 -5.20
CA HIS A 78 13.16 -13.84 -6.47
C HIS A 78 14.68 -13.91 -6.41
N HIS A 79 15.18 -15.03 -5.93
CA HIS A 79 16.62 -15.22 -5.78
C HIS A 79 17.17 -15.98 -6.97
N HIS A 80 18.10 -15.37 -7.67
CA HIS A 80 18.74 -16.01 -8.81
C HIS A 80 20.21 -15.61 -8.88
N HIS A 81 20.45 -14.32 -8.99
CA HIS A 81 21.80 -13.80 -9.06
C HIS A 81 21.87 -12.47 -8.32
N MET A 1 5.65 5.26 -12.42
CA MET A 1 5.67 4.86 -11.00
C MET A 1 4.73 3.69 -10.77
N PHE A 2 4.93 2.98 -9.67
CA PHE A 2 4.13 1.80 -9.35
C PHE A 2 3.24 2.10 -8.15
N SER A 3 1.95 2.18 -8.39
CA SER A 3 1.00 2.51 -7.34
C SER A 3 0.58 1.27 -6.56
N LEU A 4 0.17 1.48 -5.31
CA LEU A 4 -0.26 0.40 -4.43
C LEU A 4 -1.46 -0.35 -4.99
N ARG A 5 -2.29 0.36 -5.75
CA ARG A 5 -3.51 -0.22 -6.30
C ARG A 5 -3.23 -1.27 -7.38
N ASP A 6 -1.97 -1.42 -7.76
CA ASP A 6 -1.62 -2.37 -8.83
C ASP A 6 -1.33 -3.75 -8.25
N ALA A 7 -1.19 -3.81 -6.94
CA ALA A 7 -0.95 -5.07 -6.26
C ALA A 7 -2.26 -5.73 -5.88
N LYS A 8 -2.25 -7.04 -5.68
CA LYS A 8 -3.46 -7.78 -5.38
C LYS A 8 -3.41 -8.40 -3.99
N CYS A 9 -4.50 -9.04 -3.59
CA CYS A 9 -4.64 -9.61 -2.26
C CYS A 9 -3.68 -10.77 -2.03
N GLY A 10 -3.12 -10.82 -0.82
CA GLY A 10 -2.24 -11.90 -0.44
C GLY A 10 -0.81 -11.69 -0.90
N GLN A 11 -0.52 -10.50 -1.41
CA GLN A 11 0.83 -10.16 -1.84
C GLN A 11 1.43 -9.14 -0.91
N THR A 12 2.74 -9.23 -0.70
CA THR A 12 3.45 -8.34 0.19
C THR A 12 4.20 -7.27 -0.60
N VAL A 13 3.89 -6.01 -0.34
CA VAL A 13 4.56 -4.91 -1.01
C VAL A 13 5.27 -4.02 0.01
N LYS A 14 6.34 -3.38 -0.41
CA LYS A 14 7.03 -2.43 0.45
C LYS A 14 6.77 -1.01 0.00
N VAL A 15 6.45 -0.17 0.95
CA VAL A 15 6.23 1.25 0.69
C VAL A 15 7.57 1.95 0.62
N VAL A 16 7.92 2.47 -0.54
CA VAL A 16 9.20 3.11 -0.72
C VAL A 16 9.09 4.62 -0.83
N LYS A 17 8.07 5.09 -1.53
CA LYS A 17 7.90 6.52 -1.72
C LYS A 17 6.43 6.91 -1.55
N LEU A 18 6.20 7.96 -0.80
CA LEU A 18 4.86 8.48 -0.61
C LEU A 18 4.71 9.80 -1.35
N HIS A 19 3.81 9.84 -2.32
CA HIS A 19 3.55 11.04 -3.08
C HIS A 19 2.31 11.72 -2.52
N GLY A 20 1.97 12.89 -3.03
CA GLY A 20 0.81 13.62 -2.56
C GLY A 20 1.17 14.97 -1.99
N THR A 21 0.21 15.88 -1.97
CA THR A 21 0.48 17.23 -1.52
C THR A 21 0.38 17.36 0.01
N GLY A 22 1.43 16.93 0.69
CA GLY A 22 1.57 17.14 2.13
C GLY A 22 0.56 16.39 2.99
N ALA A 23 -0.67 16.89 3.01
CA ALA A 23 -1.73 16.37 3.89
C ALA A 23 -1.98 14.89 3.62
N LEU A 24 -1.99 14.51 2.35
CA LEU A 24 -2.20 13.11 1.97
C LEU A 24 -1.13 12.23 2.60
N LYS A 25 0.11 12.68 2.51
CA LYS A 25 1.25 11.97 3.09
C LYS A 25 1.07 11.74 4.58
N ARG A 26 0.66 12.78 5.30
CA ARG A 26 0.47 12.70 6.75
C ARG A 26 -0.60 11.67 7.08
N ARG A 27 -1.68 11.71 6.32
CA ARG A 27 -2.80 10.81 6.52
C ARG A 27 -2.37 9.36 6.30
N ILE A 28 -1.56 9.15 5.28
CA ILE A 28 -1.02 7.84 4.97
C ILE A 28 -0.08 7.35 6.08
N MET A 29 0.86 8.20 6.46
CA MET A 29 1.84 7.86 7.48
C MET A 29 1.19 7.68 8.85
N ASP A 30 0.14 8.45 9.10
CA ASP A 30 -0.61 8.39 10.35
C ASP A 30 -1.21 7.01 10.57
N MET A 31 -1.66 6.38 9.49
CA MET A 31 -2.29 5.07 9.59
C MET A 31 -1.26 3.99 9.87
N GLY A 32 -0.02 4.25 9.51
CA GLY A 32 1.04 3.28 9.75
C GLY A 32 1.90 3.07 8.51
N ILE A 33 1.37 3.43 7.36
CA ILE A 33 2.07 3.27 6.10
C ILE A 33 3.28 4.22 6.05
N THR A 34 4.47 3.63 6.09
CA THR A 34 5.69 4.42 6.15
C THR A 34 6.74 3.88 5.19
N ARG A 35 7.77 4.66 4.93
CA ARG A 35 8.84 4.27 4.03
C ARG A 35 9.64 3.11 4.60
N GLY A 36 9.55 1.96 3.95
CA GLY A 36 10.30 0.80 4.37
C GLY A 36 9.44 -0.23 5.07
N CYS A 37 8.15 0.06 5.26
CA CYS A 37 7.25 -0.90 5.86
C CYS A 37 6.70 -1.84 4.79
N GLU A 38 6.60 -3.11 5.14
CA GLU A 38 6.05 -4.10 4.23
C GLU A 38 4.61 -4.40 4.58
N ILE A 39 3.74 -4.23 3.60
CA ILE A 39 2.31 -4.37 3.79
C ILE A 39 1.78 -5.45 2.86
N TYR A 40 1.10 -6.43 3.42
CA TYR A 40 0.42 -7.40 2.58
C TYR A 40 -1.05 -6.99 2.46
N ILE A 41 -1.54 -6.97 1.25
CA ILE A 41 -2.92 -6.54 1.00
C ILE A 41 -3.88 -7.69 1.32
N ARG A 42 -4.85 -7.42 2.17
CA ARG A 42 -5.80 -8.44 2.59
C ARG A 42 -6.80 -8.71 1.48
N LYS A 43 -7.41 -7.65 0.97
CA LYS A 43 -8.37 -7.77 -0.13
C LYS A 43 -8.46 -6.47 -0.93
N VAL A 44 -8.47 -6.62 -2.24
CA VAL A 44 -8.70 -5.50 -3.14
C VAL A 44 -10.04 -5.68 -3.82
N ALA A 45 -10.96 -4.76 -3.60
CA ALA A 45 -12.28 -4.82 -4.22
C ALA A 45 -12.15 -4.54 -5.72
N PRO A 46 -12.96 -5.22 -6.54
CA PRO A 46 -12.93 -5.07 -8.01
C PRO A 46 -13.33 -3.66 -8.45
N LEU A 47 -13.86 -2.88 -7.50
CA LEU A 47 -14.26 -1.52 -7.75
C LEU A 47 -13.05 -0.59 -7.69
N GLY A 48 -11.93 -1.14 -7.22
CA GLY A 48 -10.74 -0.34 -7.03
C GLY A 48 -10.67 0.23 -5.63
N ASP A 49 -11.79 0.14 -4.92
CA ASP A 49 -11.89 0.61 -3.56
C ASP A 49 -13.07 -0.06 -2.88
N PRO A 50 -13.01 -0.26 -1.56
CA PRO A 50 -11.82 0.05 -0.77
C PRO A 50 -10.79 -1.07 -0.80
N ILE A 51 -9.54 -0.72 -0.53
CA ILE A 51 -8.47 -1.69 -0.47
C ILE A 51 -8.14 -2.00 0.98
N GLN A 52 -8.31 -3.26 1.35
CA GLN A 52 -8.08 -3.68 2.72
C GLN A 52 -6.63 -4.13 2.89
N ILE A 53 -5.87 -3.40 3.68
CA ILE A 53 -4.47 -3.74 3.92
C ILE A 53 -4.23 -3.99 5.40
N ASN A 54 -3.13 -4.66 5.71
CA ASN A 54 -2.78 -4.95 7.09
C ASN A 54 -1.37 -4.48 7.41
N VAL A 55 -1.27 -3.50 8.29
CA VAL A 55 0.01 -2.93 8.68
C VAL A 55 0.15 -2.99 10.18
N ARG A 56 1.38 -3.29 10.66
CA ARG A 56 1.67 -3.44 12.09
C ARG A 56 0.94 -4.65 12.65
N GLY A 57 -0.37 -4.50 12.81
CA GLY A 57 -1.23 -5.58 13.26
C GLY A 57 -2.68 -5.14 13.17
N TYR A 58 -2.94 -4.16 12.32
CA TYR A 58 -4.24 -3.54 12.23
C TYR A 58 -4.71 -3.55 10.77
N GLU A 59 -6.01 -3.75 10.58
CA GLU A 59 -6.58 -3.78 9.24
C GLU A 59 -7.00 -2.37 8.82
N LEU A 60 -6.29 -1.82 7.87
CA LEU A 60 -6.54 -0.46 7.43
C LEU A 60 -7.37 -0.45 6.15
N SER A 61 -8.44 0.34 6.15
CA SER A 61 -9.26 0.50 4.97
C SER A 61 -8.79 1.72 4.18
N LEU A 62 -8.13 1.47 3.06
CA LEU A 62 -7.61 2.54 2.24
C LEU A 62 -8.43 2.64 0.96
N ARG A 63 -8.53 3.84 0.40
CA ARG A 63 -9.27 4.02 -0.83
C ARG A 63 -8.32 4.26 -2.00
N LYS A 64 -8.86 4.19 -3.20
CA LYS A 64 -8.08 4.26 -4.43
C LYS A 64 -7.28 5.56 -4.51
N SER A 65 -7.82 6.62 -3.90
CA SER A 65 -7.20 7.94 -3.93
C SER A 65 -5.74 7.88 -3.46
N ALA A 66 -5.53 7.30 -2.28
CA ALA A 66 -4.20 7.19 -1.72
C ALA A 66 -3.40 6.09 -2.40
N ALA A 67 -4.06 4.98 -2.71
CA ALA A 67 -3.39 3.83 -3.32
C ALA A 67 -2.83 4.17 -4.71
N GLU A 68 -3.36 5.21 -5.31
CA GLU A 68 -2.89 5.68 -6.61
C GLU A 68 -1.67 6.58 -6.46
N MET A 69 -1.36 6.98 -5.24
CA MET A 69 -0.28 7.93 -5.01
C MET A 69 0.82 7.32 -4.15
N ILE A 70 0.62 6.08 -3.73
CA ILE A 70 1.62 5.37 -2.95
C ILE A 70 2.53 4.55 -3.86
N GLU A 71 3.83 4.73 -3.69
CA GLU A 71 4.83 4.02 -4.47
C GLU A 71 5.27 2.76 -3.73
N VAL A 72 5.01 1.60 -4.32
CA VAL A 72 5.35 0.33 -3.67
C VAL A 72 6.10 -0.61 -4.62
N GLU A 73 6.71 -1.63 -4.04
CA GLU A 73 7.37 -2.67 -4.80
C GLU A 73 6.97 -4.04 -4.25
N LEU A 74 6.95 -5.05 -5.11
CA LEU A 74 6.54 -6.39 -4.71
C LEU A 74 7.71 -7.16 -4.09
N GLU A 75 7.44 -7.79 -2.95
CA GLU A 75 8.41 -8.68 -2.34
C GLU A 75 8.39 -10.03 -3.04
N HIS A 76 9.51 -10.74 -2.99
CA HIS A 76 9.64 -12.08 -3.58
C HIS A 76 9.54 -11.99 -5.12
N HIS A 77 9.87 -10.83 -5.67
CA HIS A 77 9.97 -10.68 -7.11
C HIS A 77 11.29 -11.24 -7.58
N HIS A 78 11.30 -11.79 -8.80
CA HIS A 78 12.47 -12.46 -9.37
C HIS A 78 12.68 -13.83 -8.72
N HIS A 79 13.12 -14.80 -9.51
CA HIS A 79 13.30 -16.17 -9.03
C HIS A 79 14.46 -16.26 -8.04
N HIS A 80 14.14 -16.04 -6.75
CA HIS A 80 15.08 -16.16 -5.63
C HIS A 80 16.21 -15.12 -5.69
N HIS A 81 16.58 -14.61 -4.53
CA HIS A 81 17.66 -13.63 -4.44
C HIS A 81 19.00 -14.33 -4.34
N MET A 1 6.43 2.95 -12.13
CA MET A 1 5.57 3.30 -10.99
C MET A 1 4.61 2.17 -10.69
N PHE A 2 4.63 1.71 -9.45
CA PHE A 2 3.75 0.64 -9.01
C PHE A 2 3.07 1.07 -7.73
N SER A 3 1.78 1.38 -7.83
CA SER A 3 1.04 1.89 -6.69
C SER A 3 0.53 0.72 -5.85
N LEU A 4 0.09 1.01 -4.63
CA LEU A 4 -0.49 0.00 -3.77
C LEU A 4 -1.84 -0.44 -4.34
N ARG A 5 -2.37 0.37 -5.24
CA ARG A 5 -3.57 0.03 -5.98
C ARG A 5 -3.24 -1.06 -7.00
N ASP A 6 -2.06 -0.95 -7.61
CA ASP A 6 -1.61 -1.92 -8.61
C ASP A 6 -1.31 -3.27 -7.97
N ALA A 7 -1.05 -3.25 -6.67
CA ALA A 7 -0.75 -4.47 -5.94
C ALA A 7 -1.96 -5.39 -5.89
N LYS A 8 -1.71 -6.68 -5.71
CA LYS A 8 -2.78 -7.66 -5.68
C LYS A 8 -2.93 -8.23 -4.27
N CYS A 9 -4.09 -8.82 -3.99
CA CYS A 9 -4.34 -9.40 -2.69
C CYS A 9 -3.56 -10.70 -2.51
N GLY A 10 -3.02 -10.91 -1.32
CA GLY A 10 -2.21 -12.07 -1.06
C GLY A 10 -0.75 -11.80 -1.31
N GLN A 11 -0.47 -10.56 -1.68
CA GLN A 11 0.90 -10.14 -1.98
C GLN A 11 1.45 -9.30 -0.84
N THR A 12 2.77 -9.34 -0.69
CA THR A 12 3.44 -8.48 0.26
C THR A 12 4.28 -7.46 -0.50
N VAL A 13 4.13 -6.19 -0.15
CA VAL A 13 4.89 -5.14 -0.80
C VAL A 13 5.57 -4.26 0.23
N LYS A 14 6.41 -3.35 -0.24
CA LYS A 14 7.10 -2.43 0.64
C LYS A 14 6.96 -1.00 0.14
N VAL A 15 6.60 -0.10 1.04
CA VAL A 15 6.44 1.30 0.68
C VAL A 15 7.79 1.96 0.50
N VAL A 16 8.07 2.39 -0.73
CA VAL A 16 9.35 3.00 -1.03
C VAL A 16 9.21 4.50 -1.25
N LYS A 17 8.15 4.90 -1.90
CA LYS A 17 7.88 6.31 -2.15
C LYS A 17 6.45 6.66 -1.81
N LEU A 18 6.21 7.92 -1.53
CA LEU A 18 4.87 8.39 -1.26
C LEU A 18 4.56 9.60 -2.12
N HIS A 19 3.58 9.45 -3.00
CA HIS A 19 3.18 10.52 -3.89
C HIS A 19 2.15 11.40 -3.20
N GLY A 20 2.09 12.65 -3.62
CA GLY A 20 1.16 13.58 -3.03
C GLY A 20 1.85 14.86 -2.61
N THR A 21 1.07 15.81 -2.13
CA THR A 21 1.60 17.11 -1.76
C THR A 21 2.27 17.06 -0.39
N GLY A 22 1.50 16.77 0.65
CA GLY A 22 2.05 16.68 1.98
C GLY A 22 1.06 16.15 3.00
N ALA A 23 -0.08 16.83 3.12
CA ALA A 23 -1.12 16.43 4.06
C ALA A 23 -1.62 15.02 3.79
N LEU A 24 -1.90 14.74 2.52
CA LEU A 24 -2.34 13.43 2.09
C LEU A 24 -1.31 12.37 2.49
N LYS A 25 -0.03 12.70 2.33
CA LYS A 25 1.04 11.77 2.63
C LYS A 25 1.11 11.47 4.12
N ARG A 26 1.10 12.52 4.94
CA ARG A 26 1.14 12.36 6.39
C ARG A 26 -0.10 11.60 6.87
N ARG A 27 -1.21 11.81 6.18
CA ARG A 27 -2.46 11.11 6.48
C ARG A 27 -2.26 9.60 6.38
N ILE A 28 -1.53 9.17 5.36
CA ILE A 28 -1.21 7.76 5.18
C ILE A 28 -0.19 7.32 6.23
N MET A 29 0.80 8.17 6.49
CA MET A 29 1.86 7.89 7.47
C MET A 29 1.27 7.75 8.87
N ASP A 30 0.20 8.49 9.12
CA ASP A 30 -0.49 8.47 10.42
C ASP A 30 -0.97 7.07 10.76
N MET A 31 -1.32 6.31 9.74
CA MET A 31 -1.85 4.97 9.93
C MET A 31 -0.72 3.95 10.06
N GLY A 32 0.51 4.44 9.99
CA GLY A 32 1.66 3.56 10.13
C GLY A 32 2.30 3.24 8.80
N ILE A 33 1.71 3.72 7.73
CA ILE A 33 2.20 3.45 6.39
C ILE A 33 3.24 4.49 5.98
N THR A 34 4.50 4.08 5.95
CA THR A 34 5.59 4.97 5.60
C THR A 34 6.68 4.18 4.89
N ARG A 35 7.74 4.87 4.48
CA ARG A 35 8.83 4.23 3.75
C ARG A 35 9.48 3.14 4.58
N GLY A 36 9.63 1.97 4.00
CA GLY A 36 10.25 0.86 4.69
C GLY A 36 9.23 -0.05 5.35
N CYS A 37 7.96 0.34 5.30
CA CYS A 37 6.89 -0.46 5.87
C CYS A 37 6.48 -1.56 4.91
N GLU A 38 6.22 -2.73 5.45
CA GLU A 38 5.75 -3.86 4.65
C GLU A 38 4.23 -3.89 4.66
N ILE A 39 3.64 -3.92 3.48
CA ILE A 39 2.21 -3.86 3.34
C ILE A 39 1.67 -5.19 2.83
N TYR A 40 0.86 -5.83 3.63
CA TYR A 40 0.18 -7.04 3.22
C TYR A 40 -1.22 -6.71 2.69
N ILE A 41 -1.37 -6.77 1.37
CA ILE A 41 -2.66 -6.51 0.76
C ILE A 41 -3.56 -7.73 0.98
N ARG A 42 -4.54 -7.58 1.84
CA ARG A 42 -5.36 -8.72 2.24
C ARG A 42 -6.52 -8.90 1.26
N LYS A 43 -7.13 -7.80 0.84
CA LYS A 43 -8.25 -7.88 -0.08
C LYS A 43 -8.42 -6.57 -0.85
N VAL A 44 -8.68 -6.68 -2.14
CA VAL A 44 -9.01 -5.52 -2.96
C VAL A 44 -10.45 -5.63 -3.43
N ALA A 45 -11.23 -4.57 -3.25
CA ALA A 45 -12.62 -4.58 -3.71
C ALA A 45 -12.68 -4.66 -5.22
N PRO A 46 -13.67 -5.40 -5.76
CA PRO A 46 -13.82 -5.59 -7.20
C PRO A 46 -13.97 -4.29 -7.96
N LEU A 47 -14.55 -3.30 -7.29
CA LEU A 47 -14.82 -2.02 -7.90
C LEU A 47 -13.60 -1.10 -7.83
N GLY A 48 -12.56 -1.56 -7.15
CA GLY A 48 -11.34 -0.80 -7.02
C GLY A 48 -11.24 -0.06 -5.70
N ASP A 49 -12.38 0.20 -5.10
CA ASP A 49 -12.44 0.92 -3.83
C ASP A 49 -13.40 0.22 -2.88
N PRO A 50 -13.00 0.01 -1.61
CA PRO A 50 -11.68 0.37 -1.11
C PRO A 50 -10.69 -0.79 -1.17
N ILE A 51 -9.51 -0.58 -0.59
CA ILE A 51 -8.50 -1.62 -0.53
C ILE A 51 -8.22 -2.00 0.92
N GLN A 52 -8.28 -3.29 1.22
CA GLN A 52 -8.00 -3.79 2.56
C GLN A 52 -6.54 -4.21 2.68
N ILE A 53 -5.78 -3.45 3.45
CA ILE A 53 -4.37 -3.73 3.66
C ILE A 53 -4.10 -3.92 5.15
N ASN A 54 -3.19 -4.81 5.48
CA ASN A 54 -2.83 -5.04 6.86
C ASN A 54 -1.48 -4.39 7.15
N VAL A 55 -1.49 -3.37 7.99
CA VAL A 55 -0.29 -2.63 8.33
C VAL A 55 -0.08 -2.62 9.84
N ARG A 56 1.05 -3.17 10.27
CA ARG A 56 1.43 -3.17 11.69
C ARG A 56 0.41 -3.95 12.53
N GLY A 57 -0.26 -4.91 11.90
CA GLY A 57 -1.27 -5.70 12.58
C GLY A 57 -2.66 -5.12 12.41
N TYR A 58 -2.73 -3.86 11.99
CA TYR A 58 -4.01 -3.20 11.81
C TYR A 58 -4.49 -3.38 10.38
N GLU A 59 -5.73 -3.80 10.23
CA GLU A 59 -6.30 -3.97 8.90
C GLU A 59 -7.10 -2.73 8.53
N LEU A 60 -6.66 -2.07 7.49
CA LEU A 60 -7.20 -0.79 7.10
C LEU A 60 -7.88 -0.86 5.74
N SER A 61 -8.92 -0.07 5.57
CA SER A 61 -9.57 0.07 4.28
C SER A 61 -9.35 1.48 3.75
N LEU A 62 -8.53 1.59 2.72
CA LEU A 62 -8.17 2.89 2.18
C LEU A 62 -8.87 3.15 0.85
N ARG A 63 -9.07 4.43 0.56
CA ARG A 63 -9.67 4.85 -0.69
C ARG A 63 -8.76 4.51 -1.87
N LYS A 64 -9.38 4.20 -2.99
CA LYS A 64 -8.64 3.88 -4.21
C LYS A 64 -7.67 5.01 -4.56
N SER A 65 -8.13 6.24 -4.41
CA SER A 65 -7.33 7.41 -4.72
C SER A 65 -6.07 7.48 -3.85
N ALA A 66 -6.18 7.02 -2.61
CA ALA A 66 -5.05 7.05 -1.69
C ALA A 66 -4.02 5.98 -2.04
N ALA A 67 -4.51 4.84 -2.50
CA ALA A 67 -3.65 3.72 -2.85
C ALA A 67 -2.83 4.03 -4.11
N GLU A 68 -3.32 4.98 -4.90
CA GLU A 68 -2.62 5.43 -6.10
C GLU A 68 -1.34 6.17 -5.73
N MET A 69 -1.36 6.83 -4.59
CA MET A 69 -0.26 7.69 -4.18
C MET A 69 0.85 6.87 -3.52
N ILE A 70 0.51 5.70 -3.04
CA ILE A 70 1.47 4.85 -2.36
C ILE A 70 2.32 4.08 -3.36
N GLU A 71 3.59 4.47 -3.46
CA GLU A 71 4.54 3.81 -4.36
C GLU A 71 5.21 2.66 -3.62
N VAL A 72 4.93 1.44 -4.06
CA VAL A 72 5.43 0.26 -3.39
C VAL A 72 6.25 -0.60 -4.33
N GLU A 73 7.03 -1.49 -3.76
CA GLU A 73 7.77 -2.48 -4.52
C GLU A 73 7.18 -3.85 -4.27
N LEU A 74 7.17 -4.69 -5.30
CA LEU A 74 6.73 -6.06 -5.11
C LEU A 74 7.82 -6.81 -4.37
N GLU A 75 7.53 -7.17 -3.12
CA GLU A 75 8.53 -7.78 -2.24
C GLU A 75 9.08 -9.08 -2.83
N HIS A 76 10.26 -9.44 -2.38
CA HIS A 76 10.90 -10.67 -2.83
C HIS A 76 10.06 -11.87 -2.45
N HIS A 77 9.45 -12.50 -3.45
CA HIS A 77 8.50 -13.60 -3.22
C HIS A 77 9.23 -14.91 -2.99
N HIS A 78 10.52 -14.81 -2.69
CA HIS A 78 11.35 -15.97 -2.37
C HIS A 78 11.65 -16.82 -3.60
N HIS A 79 12.78 -17.51 -3.57
CA HIS A 79 13.22 -18.36 -4.68
C HIS A 79 13.46 -17.51 -5.92
N HIS A 80 14.51 -16.71 -5.87
CA HIS A 80 14.93 -15.91 -7.01
C HIS A 80 16.00 -16.68 -7.78
N HIS A 81 16.59 -17.65 -7.09
CA HIS A 81 17.59 -18.53 -7.67
C HIS A 81 17.17 -19.98 -7.49
N MET A 1 6.31 3.31 -11.63
CA MET A 1 5.75 3.35 -10.26
C MET A 1 4.80 2.18 -10.02
N PHE A 2 5.17 1.30 -9.11
CA PHE A 2 4.30 0.22 -8.70
C PHE A 2 3.37 0.74 -7.62
N SER A 3 2.12 0.94 -7.97
CA SER A 3 1.15 1.55 -7.07
C SER A 3 0.67 0.54 -6.03
N LEU A 4 0.30 1.04 -4.86
CA LEU A 4 -0.28 0.22 -3.81
C LEU A 4 -1.65 -0.29 -4.25
N ARG A 5 -2.29 0.48 -5.12
CA ARG A 5 -3.58 0.11 -5.69
C ARG A 5 -3.37 -0.84 -6.87
N ASP A 6 -2.13 -0.94 -7.32
CA ASP A 6 -1.77 -1.80 -8.44
C ASP A 6 -1.35 -3.18 -7.93
N ALA A 7 -0.99 -3.24 -6.66
CA ALA A 7 -0.60 -4.50 -6.02
C ALA A 7 -1.80 -5.45 -5.96
N LYS A 8 -1.52 -6.75 -6.03
CA LYS A 8 -2.57 -7.74 -6.03
C LYS A 8 -2.84 -8.25 -4.62
N CYS A 9 -4.11 -8.49 -4.32
CA CYS A 9 -4.48 -9.03 -3.02
C CYS A 9 -3.90 -10.43 -2.83
N GLY A 10 -3.21 -10.61 -1.72
CA GLY A 10 -2.54 -11.86 -1.46
C GLY A 10 -1.03 -11.73 -1.52
N GLN A 11 -0.56 -10.58 -2.00
CA GLN A 11 0.86 -10.32 -2.08
C GLN A 11 1.30 -9.33 -1.02
N THR A 12 2.58 -9.36 -0.70
CA THR A 12 3.16 -8.42 0.26
C THR A 12 4.08 -7.44 -0.46
N VAL A 13 3.88 -6.16 -0.22
CA VAL A 13 4.70 -5.12 -0.82
C VAL A 13 5.37 -4.29 0.26
N LYS A 14 6.16 -3.31 -0.14
CA LYS A 14 6.75 -2.36 0.79
C LYS A 14 6.53 -0.95 0.29
N VAL A 15 6.15 -0.05 1.19
CA VAL A 15 6.00 1.35 0.84
C VAL A 15 7.36 1.99 0.66
N VAL A 16 7.66 2.45 -0.54
CA VAL A 16 8.98 3.00 -0.82
C VAL A 16 8.93 4.51 -1.05
N LYS A 17 7.87 4.97 -1.68
CA LYS A 17 7.72 6.39 -1.94
C LYS A 17 6.28 6.85 -1.75
N LEU A 18 6.10 7.97 -1.08
CA LEU A 18 4.77 8.52 -0.85
C LEU A 18 4.54 9.73 -1.74
N HIS A 19 3.71 9.58 -2.76
CA HIS A 19 3.41 10.68 -3.67
C HIS A 19 2.22 11.47 -3.13
N GLY A 20 2.09 12.71 -3.57
CA GLY A 20 0.96 13.53 -3.14
C GLY A 20 1.37 14.93 -2.76
N THR A 21 0.46 15.64 -2.13
CA THR A 21 0.67 17.03 -1.74
C THR A 21 1.38 17.13 -0.38
N GLY A 22 1.72 15.99 0.19
CA GLY A 22 2.34 15.98 1.51
C GLY A 22 1.32 15.73 2.60
N ALA A 23 0.21 16.47 2.54
CA ALA A 23 -0.87 16.30 3.51
C ALA A 23 -1.45 14.90 3.42
N LEU A 24 -1.58 14.40 2.20
CA LEU A 24 -2.03 13.03 1.97
C LEU A 24 -1.05 12.05 2.61
N LYS A 25 0.24 12.33 2.44
CA LYS A 25 1.30 11.49 2.98
C LYS A 25 1.22 11.46 4.50
N ARG A 26 1.06 12.63 5.10
CA ARG A 26 0.96 12.76 6.55
C ARG A 26 -0.22 11.94 7.08
N ARG A 27 -1.33 11.95 6.33
CA ARG A 27 -2.52 11.22 6.74
C ARG A 27 -2.27 9.71 6.67
N ILE A 28 -1.62 9.26 5.61
CA ILE A 28 -1.33 7.84 5.44
C ILE A 28 -0.30 7.35 6.46
N MET A 29 0.69 8.18 6.74
CA MET A 29 1.69 7.88 7.76
C MET A 29 1.04 7.81 9.13
N ASP A 30 -0.04 8.56 9.31
CA ASP A 30 -0.77 8.62 10.57
C ASP A 30 -1.34 7.26 10.95
N MET A 31 -1.68 6.45 9.94
CA MET A 31 -2.19 5.11 10.18
C MET A 31 -1.08 4.11 10.47
N GLY A 32 0.16 4.56 10.33
CA GLY A 32 1.30 3.69 10.58
C GLY A 32 1.95 3.22 9.30
N ILE A 33 1.43 3.70 8.18
CA ILE A 33 1.96 3.36 6.87
C ILE A 33 3.08 4.32 6.50
N THR A 34 4.31 3.89 6.70
CA THR A 34 5.47 4.72 6.45
C THR A 34 6.38 4.09 5.42
N ARG A 35 7.17 4.91 4.74
CA ARG A 35 8.16 4.41 3.79
C ARG A 35 9.14 3.48 4.51
N GLY A 36 9.10 2.23 4.11
CA GLY A 36 9.93 1.21 4.74
C GLY A 36 9.10 0.03 5.25
N CYS A 37 7.88 0.29 5.67
CA CYS A 37 7.01 -0.76 6.19
C CYS A 37 6.51 -1.65 5.06
N GLU A 38 6.29 -2.92 5.37
CA GLU A 38 5.71 -3.83 4.40
C GLU A 38 4.20 -3.84 4.51
N ILE A 39 3.54 -3.89 3.36
CA ILE A 39 2.10 -3.83 3.30
C ILE A 39 1.57 -5.14 2.75
N TYR A 40 0.85 -5.88 3.56
CA TYR A 40 0.17 -7.07 3.10
C TYR A 40 -1.15 -6.67 2.46
N ILE A 41 -1.27 -6.88 1.17
CA ILE A 41 -2.49 -6.56 0.46
C ILE A 41 -3.54 -7.63 0.77
N ARG A 42 -4.43 -7.30 1.69
CA ARG A 42 -5.38 -8.27 2.21
C ARG A 42 -6.52 -8.50 1.22
N LYS A 43 -7.08 -7.42 0.69
CA LYS A 43 -8.19 -7.53 -0.24
C LYS A 43 -8.36 -6.26 -1.07
N VAL A 44 -8.31 -6.41 -2.38
CA VAL A 44 -8.64 -5.32 -3.29
C VAL A 44 -10.01 -5.58 -3.88
N ALA A 45 -10.98 -4.75 -3.52
CA ALA A 45 -12.36 -4.94 -3.96
C ALA A 45 -12.45 -4.92 -5.48
N PRO A 46 -13.35 -5.76 -6.05
CA PRO A 46 -13.52 -5.85 -7.51
C PRO A 46 -14.10 -4.59 -8.10
N LEU A 47 -14.55 -3.69 -7.22
CA LEU A 47 -15.07 -2.40 -7.65
C LEU A 47 -13.92 -1.42 -7.83
N GLY A 48 -12.78 -1.76 -7.24
CA GLY A 48 -11.62 -0.89 -7.30
C GLY A 48 -11.42 -0.11 -6.02
N ASP A 49 -12.43 -0.15 -5.16
CA ASP A 49 -12.38 0.59 -3.90
C ASP A 49 -13.32 -0.06 -2.88
N PRO A 50 -12.87 -0.17 -1.61
CA PRO A 50 -11.56 0.29 -1.17
C PRO A 50 -10.49 -0.81 -1.27
N ILE A 51 -9.30 -0.49 -0.78
CA ILE A 51 -8.23 -1.45 -0.71
C ILE A 51 -7.96 -1.79 0.75
N GLN A 52 -8.24 -3.03 1.12
CA GLN A 52 -8.05 -3.48 2.49
C GLN A 52 -6.65 -4.03 2.65
N ILE A 53 -5.84 -3.36 3.45
CA ILE A 53 -4.46 -3.76 3.65
C ILE A 53 -4.18 -4.05 5.12
N ASN A 54 -3.15 -4.83 5.40
CA ASN A 54 -2.77 -5.13 6.77
C ASN A 54 -1.43 -4.50 7.09
N VAL A 55 -1.43 -3.49 7.94
CA VAL A 55 -0.23 -2.77 8.30
C VAL A 55 -0.04 -2.81 9.81
N ARG A 56 1.17 -3.16 10.25
CA ARG A 56 1.51 -3.24 11.67
C ARG A 56 0.68 -4.32 12.36
N GLY A 57 0.07 -5.20 11.57
CA GLY A 57 -0.79 -6.24 12.11
C GLY A 57 -2.25 -5.86 12.05
N TYR A 58 -2.52 -4.56 11.86
CA TYR A 58 -3.88 -4.05 11.87
C TYR A 58 -4.35 -3.83 10.44
N GLU A 59 -5.58 -4.25 10.14
CA GLU A 59 -6.12 -4.07 8.80
C GLU A 59 -6.72 -2.67 8.63
N LEU A 60 -6.23 -1.96 7.63
CA LEU A 60 -6.63 -0.59 7.38
C LEU A 60 -7.38 -0.50 6.06
N SER A 61 -8.44 0.30 6.04
CA SER A 61 -9.19 0.52 4.83
C SER A 61 -8.71 1.78 4.14
N LEU A 62 -7.98 1.61 3.04
CA LEU A 62 -7.45 2.74 2.30
C LEU A 62 -8.23 2.91 0.99
N ARG A 63 -8.48 4.14 0.61
CA ARG A 63 -9.27 4.41 -0.59
C ARG A 63 -8.44 4.27 -1.84
N LYS A 64 -9.13 3.95 -2.93
CA LYS A 64 -8.54 3.78 -4.25
C LYS A 64 -7.56 4.91 -4.59
N SER A 65 -8.01 6.15 -4.48
CA SER A 65 -7.19 7.30 -4.86
C SER A 65 -5.94 7.42 -3.99
N ALA A 66 -6.11 7.19 -2.69
CA ALA A 66 -4.98 7.29 -1.75
C ALA A 66 -3.97 6.18 -1.99
N ALA A 67 -4.48 4.97 -2.20
CA ALA A 67 -3.62 3.81 -2.45
C ALA A 67 -2.91 3.95 -3.78
N GLU A 68 -3.61 4.50 -4.76
CA GLU A 68 -3.10 4.60 -6.11
C GLU A 68 -1.95 5.60 -6.19
N MET A 69 -1.93 6.55 -5.28
CA MET A 69 -0.89 7.58 -5.26
C MET A 69 0.36 7.07 -4.55
N ILE A 70 0.27 5.90 -3.94
CA ILE A 70 1.37 5.36 -3.17
C ILE A 70 2.27 4.49 -4.02
N GLU A 71 3.57 4.76 -3.95
CA GLU A 71 4.57 3.99 -4.66
C GLU A 71 5.11 2.91 -3.74
N VAL A 72 4.89 1.66 -4.11
CA VAL A 72 5.37 0.53 -3.32
C VAL A 72 6.22 -0.39 -4.18
N GLU A 73 6.85 -1.36 -3.54
CA GLU A 73 7.67 -2.33 -4.24
C GLU A 73 7.17 -3.73 -3.92
N LEU A 74 6.99 -4.53 -4.96
CA LEU A 74 6.52 -5.90 -4.79
C LEU A 74 7.64 -6.76 -4.22
N GLU A 75 7.48 -7.24 -2.99
CA GLU A 75 8.50 -8.04 -2.35
C GLU A 75 8.69 -9.35 -3.10
N HIS A 76 9.84 -9.47 -3.76
CA HIS A 76 10.16 -10.68 -4.50
C HIS A 76 10.62 -11.75 -3.53
N HIS A 77 9.67 -12.55 -3.08
CA HIS A 77 9.94 -13.56 -2.05
C HIS A 77 10.40 -14.87 -2.68
N HIS A 78 11.31 -14.75 -3.64
CA HIS A 78 11.97 -15.88 -4.26
C HIS A 78 13.30 -15.42 -4.82
N HIS A 79 14.31 -16.26 -4.78
CA HIS A 79 15.64 -15.84 -5.16
C HIS A 79 16.24 -16.76 -6.22
N HIS A 80 16.94 -16.16 -7.17
CA HIS A 80 17.68 -16.93 -8.17
C HIS A 80 19.09 -17.16 -7.66
N HIS A 81 19.49 -16.34 -6.71
CA HIS A 81 20.76 -16.47 -6.03
C HIS A 81 20.68 -15.74 -4.70
N MET A 1 6.09 2.90 -12.57
CA MET A 1 5.39 3.07 -11.27
C MET A 1 4.62 1.82 -10.92
N PHE A 2 4.69 1.43 -9.65
CA PHE A 2 3.97 0.27 -9.15
C PHE A 2 3.24 0.64 -7.86
N SER A 3 1.96 0.88 -7.96
CA SER A 3 1.17 1.29 -6.81
C SER A 3 0.44 0.10 -6.20
N LEU A 4 -0.29 0.35 -5.11
CA LEU A 4 -1.13 -0.67 -4.50
C LEU A 4 -2.33 -0.96 -5.39
N ARG A 5 -2.49 -0.15 -6.42
CA ARG A 5 -3.52 -0.36 -7.43
C ARG A 5 -3.01 -1.32 -8.50
N ASP A 6 -1.72 -1.27 -8.73
CA ASP A 6 -1.08 -2.15 -9.69
C ASP A 6 -0.79 -3.50 -9.04
N ALA A 7 -0.59 -3.47 -7.73
CA ALA A 7 -0.31 -4.67 -6.96
C ALA A 7 -1.54 -5.58 -6.90
N LYS A 8 -1.30 -6.86 -6.70
CA LYS A 8 -2.37 -7.84 -6.61
C LYS A 8 -2.53 -8.30 -5.17
N CYS A 9 -3.74 -8.75 -4.82
CA CYS A 9 -4.01 -9.24 -3.47
C CYS A 9 -3.09 -10.42 -3.15
N GLY A 10 -2.62 -10.47 -1.91
CA GLY A 10 -1.72 -11.53 -1.51
C GLY A 10 -0.26 -11.14 -1.63
N GLN A 11 0.02 -10.15 -2.48
CA GLN A 11 1.39 -9.69 -2.67
C GLN A 11 1.90 -8.95 -1.45
N THR A 12 3.10 -9.30 -1.03
CA THR A 12 3.75 -8.60 0.05
C THR A 12 4.68 -7.53 -0.52
N VAL A 13 4.25 -6.29 -0.43
CA VAL A 13 5.02 -5.18 -0.96
C VAL A 13 5.49 -4.29 0.19
N LYS A 14 6.29 -3.29 -0.12
CA LYS A 14 6.75 -2.35 0.88
C LYS A 14 6.66 -0.94 0.35
N VAL A 15 6.35 -0.01 1.24
CA VAL A 15 6.17 1.38 0.86
C VAL A 15 7.52 2.06 0.67
N VAL A 16 7.73 2.63 -0.49
CA VAL A 16 8.99 3.31 -0.78
C VAL A 16 8.80 4.80 -1.04
N LYS A 17 7.75 5.16 -1.76
CA LYS A 17 7.51 6.56 -2.08
C LYS A 17 6.02 6.88 -1.95
N LEU A 18 5.73 8.11 -1.60
CA LEU A 18 4.36 8.57 -1.45
C LEU A 18 4.09 9.72 -2.40
N HIS A 19 3.23 9.47 -3.39
CA HIS A 19 2.94 10.45 -4.45
C HIS A 19 2.09 11.61 -3.92
N GLY A 20 1.59 11.48 -2.70
CA GLY A 20 0.84 12.54 -2.08
C GLY A 20 1.67 13.79 -1.90
N THR A 21 1.03 14.95 -1.95
CA THR A 21 1.71 16.24 -1.85
C THR A 21 2.51 16.35 -0.54
N GLY A 22 1.81 16.66 0.54
CA GLY A 22 2.46 16.73 1.83
C GLY A 22 1.53 16.27 2.93
N ALA A 23 0.38 16.93 3.02
CA ALA A 23 -0.65 16.55 3.99
C ALA A 23 -1.13 15.12 3.71
N LEU A 24 -1.21 14.78 2.43
CA LEU A 24 -1.58 13.44 2.00
C LEU A 24 -0.62 12.40 2.60
N LYS A 25 0.67 12.68 2.50
CA LYS A 25 1.69 11.77 3.01
C LYS A 25 1.52 11.56 4.51
N ARG A 26 1.48 12.66 5.24
CA ARG A 26 1.35 12.61 6.69
C ARG A 26 0.08 11.89 7.11
N ARG A 27 -1.01 12.12 6.40
CA ARG A 27 -2.29 11.49 6.75
C ARG A 27 -2.18 9.97 6.68
N ILE A 28 -1.61 9.46 5.59
CA ILE A 28 -1.41 8.03 5.42
C ILE A 28 -0.50 7.47 6.52
N MET A 29 0.59 8.18 6.78
CA MET A 29 1.56 7.75 7.81
C MET A 29 0.93 7.83 9.20
N ASP A 30 0.02 8.77 9.37
CA ASP A 30 -0.67 8.98 10.64
C ASP A 30 -1.51 7.76 11.00
N MET A 31 -2.09 7.14 9.98
CA MET A 31 -2.92 5.96 10.16
C MET A 31 -2.07 4.71 10.41
N GLY A 32 -0.78 4.81 10.06
CA GLY A 32 0.13 3.72 10.34
C GLY A 32 0.94 3.29 9.12
N ILE A 33 0.59 3.83 7.96
CA ILE A 33 1.26 3.43 6.72
C ILE A 33 2.35 4.42 6.35
N THR A 34 3.59 4.05 6.58
CA THR A 34 4.71 4.89 6.21
C THR A 34 5.72 4.08 5.39
N ARG A 35 6.73 4.77 4.87
CA ARG A 35 7.74 4.13 4.05
C ARG A 35 8.60 3.19 4.89
N GLY A 36 8.97 2.06 4.30
CA GLY A 36 9.74 1.08 5.03
C GLY A 36 8.87 -0.02 5.61
N CYS A 37 7.58 0.28 5.78
CA CYS A 37 6.64 -0.69 6.30
C CYS A 37 6.23 -1.67 5.21
N GLU A 38 5.94 -2.89 5.62
CA GLU A 38 5.49 -3.94 4.71
C GLU A 38 3.98 -3.89 4.55
N ILE A 39 3.51 -4.01 3.33
CA ILE A 39 2.09 -3.95 3.03
C ILE A 39 1.69 -5.17 2.20
N TYR A 40 0.84 -6.02 2.72
CA TYR A 40 0.29 -7.07 1.89
C TYR A 40 -1.19 -6.83 1.68
N ILE A 41 -1.61 -6.90 0.42
CA ILE A 41 -2.98 -6.59 0.06
C ILE A 41 -3.90 -7.70 0.52
N ARG A 42 -4.74 -7.39 1.51
CA ARG A 42 -5.55 -8.38 2.18
C ARG A 42 -6.86 -8.63 1.43
N LYS A 43 -7.64 -7.57 1.23
CA LYS A 43 -8.95 -7.70 0.61
C LYS A 43 -9.25 -6.52 -0.30
N VAL A 44 -9.51 -6.80 -1.56
CA VAL A 44 -9.86 -5.77 -2.52
C VAL A 44 -11.34 -5.86 -2.88
N ALA A 45 -12.07 -4.76 -2.73
CA ALA A 45 -13.47 -4.72 -3.13
C ALA A 45 -13.58 -4.90 -4.65
N PRO A 46 -14.65 -5.57 -5.12
CA PRO A 46 -14.87 -5.85 -6.55
C PRO A 46 -14.56 -4.67 -7.46
N LEU A 47 -15.05 -3.50 -7.08
CA LEU A 47 -14.87 -2.30 -7.88
C LEU A 47 -13.41 -1.84 -7.83
N GLY A 48 -12.77 -2.03 -6.68
CA GLY A 48 -11.43 -1.55 -6.48
C GLY A 48 -11.37 -0.50 -5.39
N ASP A 49 -12.54 -0.17 -4.85
CA ASP A 49 -12.65 0.78 -3.76
C ASP A 49 -13.67 0.29 -2.75
N PRO A 50 -13.28 0.16 -1.47
CA PRO A 50 -11.92 0.47 -1.01
C PRO A 50 -10.98 -0.73 -1.09
N ILE A 51 -9.75 -0.53 -0.63
CA ILE A 51 -8.79 -1.62 -0.55
C ILE A 51 -8.37 -1.84 0.90
N GLN A 52 -8.60 -3.04 1.39
CA GLN A 52 -8.24 -3.38 2.76
C GLN A 52 -6.86 -4.04 2.78
N ILE A 53 -5.92 -3.38 3.44
CA ILE A 53 -4.56 -3.87 3.51
C ILE A 53 -4.14 -4.03 4.97
N ASN A 54 -3.26 -5.00 5.23
CA ASN A 54 -2.82 -5.26 6.58
C ASN A 54 -1.48 -4.59 6.84
N VAL A 55 -1.49 -3.59 7.71
CA VAL A 55 -0.30 -2.82 8.02
C VAL A 55 0.03 -2.95 9.51
N ARG A 56 1.26 -3.39 9.80
CA ARG A 56 1.74 -3.54 11.18
C ARG A 56 0.99 -4.65 11.90
N GLY A 57 0.23 -5.44 11.14
CA GLY A 57 -0.59 -6.47 11.73
C GLY A 57 -2.05 -6.05 11.83
N TYR A 58 -2.28 -4.75 11.68
CA TYR A 58 -3.62 -4.18 11.78
C TYR A 58 -4.19 -3.93 10.38
N GLU A 59 -5.43 -4.35 10.15
CA GLU A 59 -6.06 -4.19 8.85
C GLU A 59 -6.65 -2.78 8.71
N LEU A 60 -6.24 -2.09 7.66
CA LEU A 60 -6.71 -0.75 7.38
C LEU A 60 -7.46 -0.72 6.04
N SER A 61 -8.39 0.21 5.91
CA SER A 61 -9.16 0.33 4.69
C SER A 61 -8.91 1.70 4.05
N LEU A 62 -8.20 1.71 2.95
CA LEU A 62 -7.94 2.94 2.22
C LEU A 62 -8.76 2.98 0.95
N ARG A 63 -9.25 4.16 0.60
CA ARG A 63 -9.96 4.33 -0.65
C ARG A 63 -8.97 4.30 -1.81
N LYS A 64 -9.48 4.01 -3.00
CA LYS A 64 -8.63 3.86 -4.19
C LYS A 64 -7.74 5.08 -4.39
N SER A 65 -8.28 6.26 -4.11
CA SER A 65 -7.56 7.52 -4.31
C SER A 65 -6.23 7.52 -3.55
N ALA A 66 -6.26 7.00 -2.32
CA ALA A 66 -5.06 6.95 -1.49
C ALA A 66 -4.11 5.85 -1.96
N ALA A 67 -4.67 4.76 -2.45
CA ALA A 67 -3.87 3.63 -2.90
C ALA A 67 -3.15 3.95 -4.20
N GLU A 68 -3.77 4.81 -5.01
CA GLU A 68 -3.19 5.23 -6.29
C GLU A 68 -1.96 6.13 -6.11
N MET A 69 -1.75 6.62 -4.89
CA MET A 69 -0.62 7.51 -4.65
C MET A 69 0.48 6.81 -3.84
N ILE A 70 0.32 5.52 -3.61
CA ILE A 70 1.32 4.76 -2.86
C ILE A 70 2.26 4.02 -3.81
N GLU A 71 3.54 4.36 -3.75
CA GLU A 71 4.56 3.69 -4.54
C GLU A 71 5.16 2.55 -3.72
N VAL A 72 5.04 1.33 -4.20
CA VAL A 72 5.51 0.19 -3.44
C VAL A 72 6.46 -0.68 -4.25
N GLU A 73 7.21 -1.52 -3.55
CA GLU A 73 8.12 -2.45 -4.17
C GLU A 73 7.83 -3.87 -3.71
N LEU A 74 8.13 -4.84 -4.55
CA LEU A 74 8.07 -6.23 -4.14
C LEU A 74 9.39 -6.63 -3.52
N GLU A 75 9.36 -7.12 -2.28
CA GLU A 75 10.57 -7.58 -1.63
C GLU A 75 11.17 -8.75 -2.41
N HIS A 76 10.29 -9.44 -3.14
CA HIS A 76 10.71 -10.41 -4.13
C HIS A 76 10.18 -9.97 -5.49
N HIS A 77 10.96 -9.17 -6.21
CA HIS A 77 10.50 -8.61 -7.48
C HIS A 77 10.24 -9.73 -8.48
N HIS A 78 9.17 -9.59 -9.23
CA HIS A 78 8.72 -10.61 -10.15
C HIS A 78 9.65 -10.71 -11.35
N HIS A 79 10.47 -11.75 -11.36
CA HIS A 79 11.39 -12.01 -12.45
C HIS A 79 10.62 -12.62 -13.62
N HIS A 80 10.17 -11.78 -14.53
CA HIS A 80 9.43 -12.25 -15.69
C HIS A 80 10.41 -12.69 -16.78
N HIS A 81 10.85 -13.94 -16.68
CA HIS A 81 11.75 -14.52 -17.65
C HIS A 81 11.99 -15.99 -17.31
N MET A 1 5.47 4.10 -12.26
CA MET A 1 5.54 3.76 -10.83
C MET A 1 4.70 2.52 -10.53
N PHE A 2 5.19 1.68 -9.64
CA PHE A 2 4.42 0.53 -9.19
C PHE A 2 3.52 0.97 -8.04
N SER A 3 2.23 0.97 -8.30
CA SER A 3 1.27 1.49 -7.35
C SER A 3 0.80 0.44 -6.36
N LEU A 4 0.47 0.90 -5.16
CA LEU A 4 -0.08 0.04 -4.12
C LEU A 4 -1.43 -0.54 -4.55
N ARG A 5 -2.07 0.11 -5.52
CA ARG A 5 -3.40 -0.29 -5.96
C ARG A 5 -3.34 -1.52 -6.88
N ASP A 6 -2.14 -1.81 -7.40
CA ASP A 6 -2.00 -2.90 -8.37
C ASP A 6 -1.77 -4.23 -7.66
N ALA A 7 -1.43 -4.16 -6.39
CA ALA A 7 -1.20 -5.36 -5.59
C ALA A 7 -2.48 -6.18 -5.47
N LYS A 8 -2.33 -7.47 -5.26
CA LYS A 8 -3.48 -8.37 -5.22
C LYS A 8 -3.63 -9.02 -3.84
N CYS A 9 -4.76 -9.67 -3.62
CA CYS A 9 -5.05 -10.31 -2.35
C CYS A 9 -4.08 -11.46 -2.07
N GLY A 10 -3.20 -11.26 -1.09
CA GLY A 10 -2.21 -12.25 -0.76
C GLY A 10 -0.81 -11.76 -1.06
N GLN A 11 -0.71 -10.65 -1.77
CA GLN A 11 0.58 -10.08 -2.15
C GLN A 11 1.13 -9.20 -1.06
N THR A 12 2.44 -9.20 -0.93
CA THR A 12 3.13 -8.32 -0.01
C THR A 12 3.89 -7.26 -0.81
N VAL A 13 3.79 -6.01 -0.40
CA VAL A 13 4.50 -4.93 -1.07
C VAL A 13 5.15 -4.02 -0.05
N LYS A 14 6.26 -3.41 -0.42
CA LYS A 14 6.99 -2.52 0.46
C LYS A 14 6.90 -1.09 -0.04
N VAL A 15 6.45 -0.19 0.83
CA VAL A 15 6.32 1.22 0.47
C VAL A 15 7.69 1.88 0.35
N VAL A 16 7.91 2.57 -0.76
CA VAL A 16 9.18 3.25 -0.98
C VAL A 16 8.98 4.76 -1.09
N LYS A 17 8.00 5.20 -1.86
CA LYS A 17 7.75 6.62 -2.05
C LYS A 17 6.28 6.94 -1.82
N LEU A 18 5.99 8.19 -1.50
CA LEU A 18 4.64 8.64 -1.26
C LEU A 18 4.37 9.92 -2.05
N HIS A 19 3.43 9.87 -2.97
CA HIS A 19 3.08 11.03 -3.77
C HIS A 19 1.97 11.82 -3.08
N GLY A 20 1.60 12.95 -3.65
CA GLY A 20 0.53 13.74 -3.08
C GLY A 20 0.95 15.13 -2.70
N THR A 21 0.02 15.88 -2.11
CA THR A 21 0.27 17.24 -1.71
C THR A 21 1.11 17.31 -0.44
N GLY A 22 0.49 17.06 0.72
CA GLY A 22 1.23 17.10 1.97
C GLY A 22 0.47 16.46 3.11
N ALA A 23 -0.71 16.98 3.40
CA ALA A 23 -1.53 16.48 4.50
C ALA A 23 -1.95 15.04 4.25
N LEU A 24 -2.15 14.70 2.98
CA LEU A 24 -2.46 13.34 2.59
C LEU A 24 -1.33 12.40 3.02
N LYS A 25 -0.10 12.83 2.81
CA LYS A 25 1.07 12.05 3.19
C LYS A 25 1.10 11.85 4.70
N ARG A 26 0.82 12.91 5.44
CA ARG A 26 0.72 12.84 6.90
C ARG A 26 -0.34 11.81 7.32
N ARG A 27 -1.49 11.88 6.68
CA ARG A 27 -2.60 10.97 6.96
C ARG A 27 -2.18 9.52 6.74
N ILE A 28 -1.54 9.26 5.60
CA ILE A 28 -1.07 7.91 5.26
C ILE A 28 -0.01 7.44 6.27
N MET A 29 0.89 8.35 6.62
CA MET A 29 1.98 8.04 7.53
C MET A 29 1.47 7.70 8.93
N ASP A 30 0.60 8.57 9.47
CA ASP A 30 0.08 8.38 10.82
C ASP A 30 -0.76 7.11 10.89
N MET A 31 -1.39 6.79 9.78
CA MET A 31 -2.21 5.59 9.66
C MET A 31 -1.37 4.34 9.85
N GLY A 32 -0.08 4.45 9.56
CA GLY A 32 0.81 3.32 9.72
C GLY A 32 1.61 3.04 8.46
N ILE A 33 1.13 3.56 7.34
CA ILE A 33 1.76 3.30 6.06
C ILE A 33 2.95 4.25 5.88
N THR A 34 4.15 3.72 6.06
CA THR A 34 5.35 4.51 5.93
C THR A 34 6.39 3.78 5.10
N ARG A 35 7.47 4.47 4.76
CA ARG A 35 8.49 3.92 3.88
C ARG A 35 9.29 2.84 4.60
N GLY A 36 9.38 1.67 3.98
CA GLY A 36 10.13 0.57 4.57
C GLY A 36 9.25 -0.45 5.24
N CYS A 37 7.96 -0.15 5.34
CA CYS A 37 7.02 -1.07 5.97
C CYS A 37 6.48 -2.08 4.97
N GLU A 38 6.26 -3.30 5.45
CA GLU A 38 5.69 -4.36 4.63
C GLU A 38 4.17 -4.28 4.65
N ILE A 39 3.59 -4.12 3.48
CA ILE A 39 2.15 -3.98 3.35
C ILE A 39 1.55 -5.28 2.81
N TYR A 40 0.75 -5.92 3.63
CA TYR A 40 0.07 -7.14 3.22
C TYR A 40 -1.31 -6.79 2.68
N ILE A 41 -1.50 -6.99 1.39
CA ILE A 41 -2.77 -6.71 0.75
C ILE A 41 -3.68 -7.92 0.91
N ARG A 42 -4.72 -7.79 1.72
CA ARG A 42 -5.58 -8.94 2.01
C ARG A 42 -6.88 -8.88 1.22
N LYS A 43 -7.28 -7.68 0.80
CA LYS A 43 -8.56 -7.52 0.11
C LYS A 43 -8.50 -6.35 -0.86
N VAL A 44 -8.87 -6.62 -2.11
CA VAL A 44 -8.92 -5.58 -3.13
C VAL A 44 -10.31 -5.56 -3.76
N ALA A 45 -10.99 -4.42 -3.68
CA ALA A 45 -12.32 -4.28 -4.23
C ALA A 45 -12.28 -4.30 -5.76
N PRO A 46 -13.31 -4.88 -6.40
CA PRO A 46 -13.38 -4.98 -7.87
C PRO A 46 -13.33 -3.62 -8.56
N LEU A 47 -13.80 -2.59 -7.88
CA LEU A 47 -13.78 -1.25 -8.44
C LEU A 47 -12.61 -0.44 -7.89
N GLY A 48 -11.74 -1.12 -7.14
CA GLY A 48 -10.54 -0.48 -6.64
C GLY A 48 -10.67 0.02 -5.21
N ASP A 49 -11.86 0.50 -4.86
CA ASP A 49 -12.05 1.14 -3.55
C ASP A 49 -13.08 0.38 -2.72
N PRO A 50 -12.75 0.07 -1.46
CA PRO A 50 -11.44 0.36 -0.88
C PRO A 50 -10.48 -0.83 -0.93
N ILE A 51 -9.24 -0.59 -0.56
CA ILE A 51 -8.25 -1.65 -0.45
C ILE A 51 -7.96 -1.92 1.01
N GLN A 52 -7.96 -3.19 1.39
CA GLN A 52 -7.74 -3.57 2.78
C GLN A 52 -6.30 -4.02 2.98
N ILE A 53 -5.55 -3.29 3.78
CA ILE A 53 -4.15 -3.60 4.00
C ILE A 53 -3.87 -3.89 5.47
N ASN A 54 -3.04 -4.88 5.72
CA ASN A 54 -2.68 -5.25 7.08
C ASN A 54 -1.39 -4.57 7.49
N VAL A 55 -1.49 -3.63 8.41
CA VAL A 55 -0.34 -2.89 8.90
C VAL A 55 -0.42 -2.77 10.42
N ARG A 56 0.69 -3.10 11.10
CA ARG A 56 0.78 -3.02 12.56
C ARG A 56 -0.25 -3.93 13.23
N GLY A 57 -0.68 -4.95 12.51
CA GLY A 57 -1.63 -5.90 13.04
C GLY A 57 -3.07 -5.52 12.74
N TYR A 58 -3.26 -4.30 12.26
CA TYR A 58 -4.61 -3.81 11.97
C TYR A 58 -4.93 -3.92 10.49
N GLU A 59 -6.21 -3.96 10.18
CA GLU A 59 -6.66 -3.89 8.81
C GLU A 59 -7.10 -2.46 8.48
N LEU A 60 -6.35 -1.82 7.61
CA LEU A 60 -6.58 -0.43 7.27
C LEU A 60 -7.29 -0.31 5.93
N SER A 61 -8.39 0.44 5.92
CA SER A 61 -9.12 0.69 4.70
C SER A 61 -8.60 1.94 4.02
N LEU A 62 -7.93 1.76 2.90
CA LEU A 62 -7.33 2.87 2.18
C LEU A 62 -8.11 3.20 0.92
N ARG A 63 -8.27 4.48 0.65
CA ARG A 63 -8.92 4.93 -0.58
C ARG A 63 -8.08 4.50 -1.79
N LYS A 64 -8.75 4.02 -2.83
CA LYS A 64 -8.04 3.59 -4.05
C LYS A 64 -7.20 4.72 -4.60
N SER A 65 -7.70 5.95 -4.47
CA SER A 65 -7.00 7.14 -4.96
C SER A 65 -5.66 7.30 -4.26
N ALA A 66 -5.61 6.90 -2.98
CA ALA A 66 -4.38 6.97 -2.22
C ALA A 66 -3.44 5.85 -2.65
N ALA A 67 -4.01 4.67 -2.89
CA ALA A 67 -3.22 3.51 -3.32
C ALA A 67 -2.48 3.81 -4.61
N GLU A 68 -3.17 4.44 -5.56
CA GLU A 68 -2.56 4.78 -6.85
C GLU A 68 -1.66 6.01 -6.73
N MET A 69 -1.56 6.55 -5.51
CA MET A 69 -0.68 7.68 -5.25
C MET A 69 0.48 7.23 -4.37
N ILE A 70 0.47 5.95 -3.99
CA ILE A 70 1.53 5.39 -3.17
C ILE A 70 2.47 4.55 -4.03
N GLU A 71 3.76 4.81 -3.88
CA GLU A 71 4.78 4.12 -4.67
C GLU A 71 5.36 2.98 -3.86
N VAL A 72 5.18 1.77 -4.35
CA VAL A 72 5.65 0.58 -3.65
C VAL A 72 6.43 -0.34 -4.59
N GLU A 73 6.88 -1.46 -4.05
CA GLU A 73 7.53 -2.49 -4.83
C GLU A 73 7.03 -3.85 -4.38
N LEU A 74 6.89 -4.78 -5.31
CA LEU A 74 6.39 -6.11 -5.01
C LEU A 74 7.42 -6.86 -4.18
N GLU A 75 7.07 -7.15 -2.94
CA GLU A 75 7.96 -7.87 -2.04
C GLU A 75 8.19 -9.28 -2.54
N HIS A 76 9.33 -9.47 -3.18
CA HIS A 76 9.75 -10.77 -3.66
C HIS A 76 9.90 -11.70 -2.47
N HIS A 77 9.03 -12.68 -2.38
CA HIS A 77 8.97 -13.55 -1.21
C HIS A 77 9.45 -14.96 -1.52
N HIS A 78 10.75 -15.15 -1.41
CA HIS A 78 11.36 -16.45 -1.54
C HIS A 78 12.14 -16.75 -0.27
N HIS A 79 12.78 -15.70 0.24
CA HIS A 79 13.42 -15.70 1.56
C HIS A 79 14.48 -16.80 1.68
N HIS A 80 15.21 -17.04 0.60
CA HIS A 80 16.27 -18.04 0.62
C HIS A 80 17.14 -17.90 -0.63
N HIS A 81 18.44 -17.77 -0.43
CA HIS A 81 19.37 -17.70 -1.54
C HIS A 81 19.83 -19.11 -1.91
N MET A 1 4.85 3.19 -13.39
CA MET A 1 4.39 3.50 -12.02
C MET A 1 3.65 2.32 -11.44
N PHE A 2 4.02 1.91 -10.24
CA PHE A 2 3.36 0.81 -9.59
C PHE A 2 2.73 1.27 -8.28
N SER A 3 1.45 1.55 -8.33
CA SER A 3 0.73 2.02 -7.17
C SER A 3 0.22 0.82 -6.36
N LEU A 4 -0.07 1.05 -5.09
CA LEU A 4 -0.61 0.02 -4.21
C LEU A 4 -1.94 -0.51 -4.77
N ARG A 5 -2.60 0.34 -5.54
CA ARG A 5 -3.82 -0.03 -6.26
C ARG A 5 -3.62 -1.28 -7.12
N ASP A 6 -2.42 -1.44 -7.66
CA ASP A 6 -2.14 -2.51 -8.61
C ASP A 6 -1.73 -3.79 -7.90
N ALA A 7 -1.54 -3.71 -6.59
CA ALA A 7 -1.18 -4.88 -5.81
C ALA A 7 -2.41 -5.73 -5.53
N LYS A 8 -2.25 -7.05 -5.56
CA LYS A 8 -3.37 -7.94 -5.38
C LYS A 8 -3.42 -8.46 -3.93
N CYS A 9 -4.61 -8.83 -3.49
CA CYS A 9 -4.78 -9.37 -2.16
C CYS A 9 -4.08 -10.71 -2.04
N GLY A 10 -3.20 -10.83 -1.04
CA GLY A 10 -2.42 -12.03 -0.88
C GLY A 10 -0.97 -11.84 -1.22
N GLN A 11 -0.58 -10.58 -1.45
CA GLN A 11 0.82 -10.27 -1.73
C GLN A 11 1.40 -9.41 -0.61
N THR A 12 2.72 -9.32 -0.56
CA THR A 12 3.40 -8.47 0.38
C THR A 12 4.29 -7.47 -0.35
N VAL A 13 3.97 -6.20 -0.24
CA VAL A 13 4.73 -5.16 -0.91
C VAL A 13 5.34 -4.20 0.12
N LYS A 14 6.33 -3.44 -0.30
CA LYS A 14 6.94 -2.44 0.55
C LYS A 14 6.80 -1.06 -0.08
N VAL A 15 6.57 -0.07 0.76
CA VAL A 15 6.39 1.29 0.30
C VAL A 15 7.72 1.94 -0.03
N VAL A 16 7.84 2.51 -1.21
CA VAL A 16 9.09 3.14 -1.62
C VAL A 16 8.95 4.66 -1.78
N LYS A 17 7.84 5.09 -2.37
CA LYS A 17 7.66 6.52 -2.63
C LYS A 17 6.23 6.95 -2.33
N LEU A 18 6.09 7.95 -1.49
CA LEU A 18 4.78 8.48 -1.14
C LEU A 18 4.50 9.75 -1.94
N HIS A 19 3.49 9.68 -2.79
CA HIS A 19 3.15 10.81 -3.65
C HIS A 19 2.07 11.68 -2.99
N GLY A 20 2.05 12.95 -3.33
CA GLY A 20 1.01 13.83 -2.84
C GLY A 20 1.53 14.97 -1.99
N THR A 21 0.62 15.64 -1.31
CA THR A 21 0.97 16.77 -0.46
C THR A 21 1.35 16.29 0.93
N GLY A 22 1.81 17.21 1.77
CA GLY A 22 2.20 16.87 3.13
C GLY A 22 1.04 16.31 3.93
N ALA A 23 -0.13 16.92 3.76
CA ALA A 23 -1.34 16.46 4.45
C ALA A 23 -1.67 15.02 4.10
N LEU A 24 -1.52 14.68 2.82
CA LEU A 24 -1.80 13.31 2.36
C LEU A 24 -0.74 12.34 2.86
N LYS A 25 0.52 12.74 2.78
CA LYS A 25 1.61 11.92 3.28
C LYS A 25 1.45 11.67 4.78
N ARG A 26 1.08 12.73 5.51
CA ARG A 26 0.83 12.64 6.94
C ARG A 26 -0.31 11.68 7.23
N ARG A 27 -1.34 11.69 6.40
CA ARG A 27 -2.48 10.80 6.57
C ARG A 27 -2.04 9.34 6.44
N ILE A 28 -1.27 9.07 5.38
CA ILE A 28 -0.75 7.73 5.13
C ILE A 28 0.15 7.28 6.29
N MET A 29 1.03 8.18 6.74
CA MET A 29 1.94 7.89 7.84
C MET A 29 1.18 7.73 9.15
N ASP A 30 0.12 8.50 9.31
CA ASP A 30 -0.70 8.45 10.52
C ASP A 30 -1.30 7.07 10.69
N MET A 31 -1.73 6.48 9.58
CA MET A 31 -2.31 5.14 9.59
C MET A 31 -1.24 4.10 9.92
N GLY A 32 0.02 4.43 9.63
CA GLY A 32 1.11 3.54 9.98
C GLY A 32 2.01 3.23 8.80
N ILE A 33 1.76 3.89 7.67
CA ILE A 33 2.49 3.61 6.45
C ILE A 33 3.57 4.66 6.17
N THR A 34 4.83 4.26 6.34
CA THR A 34 5.94 5.11 5.96
C THR A 34 6.79 4.39 4.93
N ARG A 35 7.83 5.04 4.41
CA ARG A 35 8.66 4.41 3.39
C ARG A 35 9.53 3.31 4.00
N GLY A 36 9.58 2.17 3.32
CA GLY A 36 10.33 1.03 3.84
C GLY A 36 9.44 0.06 4.58
N CYS A 37 8.20 0.46 4.84
CA CYS A 37 7.24 -0.39 5.52
C CYS A 37 6.66 -1.42 4.57
N GLU A 38 6.40 -2.59 5.09
CA GLU A 38 5.80 -3.66 4.32
C GLU A 38 4.30 -3.73 4.58
N ILE A 39 3.53 -3.89 3.51
CA ILE A 39 2.09 -3.92 3.59
C ILE A 39 1.57 -5.24 3.06
N TYR A 40 0.83 -5.94 3.90
CA TYR A 40 0.19 -7.18 3.49
C TYR A 40 -1.21 -6.87 2.97
N ILE A 41 -1.36 -6.86 1.65
CA ILE A 41 -2.64 -6.53 1.05
C ILE A 41 -3.64 -7.64 1.33
N ARG A 42 -4.69 -7.29 2.07
CA ARG A 42 -5.62 -8.27 2.62
C ARG A 42 -6.78 -8.52 1.67
N LYS A 43 -7.40 -7.45 1.17
CA LYS A 43 -8.53 -7.58 0.26
C LYS A 43 -8.64 -6.39 -0.67
N VAL A 44 -8.50 -6.65 -1.97
CA VAL A 44 -8.67 -5.62 -2.98
C VAL A 44 -10.02 -5.78 -3.66
N ALA A 45 -10.74 -4.68 -3.83
CA ALA A 45 -11.97 -4.71 -4.59
C ALA A 45 -11.67 -4.49 -6.07
N PRO A 46 -12.40 -5.17 -6.96
CA PRO A 46 -12.19 -5.05 -8.42
C PRO A 46 -12.40 -3.63 -8.93
N LEU A 47 -13.15 -2.84 -8.18
CA LEU A 47 -13.37 -1.43 -8.52
C LEU A 47 -12.12 -0.62 -8.25
N GLY A 48 -11.30 -1.12 -7.34
CA GLY A 48 -10.14 -0.38 -6.90
C GLY A 48 -10.33 0.18 -5.51
N ASP A 49 -11.56 0.12 -5.03
CA ASP A 49 -11.88 0.57 -3.69
C ASP A 49 -13.06 -0.22 -3.12
N PRO A 50 -13.02 -0.53 -1.82
CA PRO A 50 -11.89 -0.21 -0.96
C PRO A 50 -10.84 -1.33 -0.94
N ILE A 51 -9.61 -0.96 -0.63
CA ILE A 51 -8.54 -1.93 -0.51
C ILE A 51 -8.13 -2.08 0.95
N GLN A 52 -8.42 -3.24 1.51
CA GLN A 52 -8.05 -3.52 2.90
C GLN A 52 -6.62 -4.03 2.95
N ILE A 53 -5.78 -3.31 3.64
CA ILE A 53 -4.37 -3.67 3.79
C ILE A 53 -4.02 -3.80 5.27
N ASN A 54 -3.28 -4.84 5.62
CA ASN A 54 -2.91 -5.04 7.01
C ASN A 54 -1.55 -4.42 7.27
N VAL A 55 -1.54 -3.34 8.04
CA VAL A 55 -0.32 -2.62 8.34
C VAL A 55 -0.09 -2.59 9.85
N ARG A 56 1.05 -3.14 10.27
CA ARG A 56 1.45 -3.18 11.67
C ARG A 56 0.45 -3.94 12.53
N GLY A 57 -0.34 -4.79 11.89
CA GLY A 57 -1.30 -5.60 12.62
C GLY A 57 -2.71 -5.02 12.58
N TYR A 58 -2.86 -3.89 11.92
CA TYR A 58 -4.18 -3.26 11.80
C TYR A 58 -4.59 -3.20 10.33
N GLU A 59 -5.82 -3.63 10.07
CA GLU A 59 -6.34 -3.63 8.71
C GLU A 59 -6.93 -2.27 8.34
N LEU A 60 -6.25 -1.60 7.42
CA LEU A 60 -6.66 -0.29 6.96
C LEU A 60 -7.46 -0.41 5.68
N SER A 61 -8.63 0.20 5.67
CA SER A 61 -9.42 0.27 4.45
C SER A 61 -9.04 1.52 3.68
N LEU A 62 -8.31 1.34 2.60
CA LEU A 62 -7.81 2.46 1.82
C LEU A 62 -8.49 2.47 0.45
N ARG A 63 -9.01 3.60 0.04
CA ARG A 63 -9.68 3.71 -1.25
C ARG A 63 -8.67 3.95 -2.36
N LYS A 64 -9.14 3.84 -3.60
CA LYS A 64 -8.26 3.89 -4.77
C LYS A 64 -7.45 5.18 -4.82
N SER A 65 -8.06 6.29 -4.37
CA SER A 65 -7.42 7.59 -4.45
C SER A 65 -6.04 7.59 -3.80
N ALA A 66 -5.97 7.15 -2.55
CA ALA A 66 -4.70 7.10 -1.84
C ALA A 66 -3.84 5.93 -2.30
N ALA A 67 -4.49 4.83 -2.69
CA ALA A 67 -3.78 3.63 -3.12
C ALA A 67 -3.01 3.89 -4.43
N GLU A 68 -3.46 4.86 -5.21
CA GLU A 68 -2.77 5.24 -6.43
C GLU A 68 -1.56 6.13 -6.11
N MET A 69 -1.64 6.81 -4.98
CA MET A 69 -0.63 7.78 -4.58
C MET A 69 0.55 7.10 -3.88
N ILE A 70 0.37 5.84 -3.52
CA ILE A 70 1.41 5.10 -2.85
C ILE A 70 2.20 4.25 -3.84
N GLU A 71 3.46 4.61 -4.03
CA GLU A 71 4.36 3.85 -4.90
C GLU A 71 4.92 2.69 -4.10
N VAL A 72 4.63 1.47 -4.54
CA VAL A 72 5.06 0.30 -3.79
C VAL A 72 5.93 -0.62 -4.64
N GLU A 73 6.69 -1.44 -3.96
CA GLU A 73 7.56 -2.40 -4.62
C GLU A 73 7.35 -3.78 -4.00
N LEU A 74 7.39 -4.81 -4.83
CA LEU A 74 7.19 -6.18 -4.37
C LEU A 74 8.34 -6.64 -3.49
N GLU A 75 8.16 -7.80 -2.87
CA GLU A 75 9.21 -8.39 -2.05
C GLU A 75 10.38 -8.86 -2.91
N HIS A 76 11.46 -9.26 -2.27
CA HIS A 76 12.65 -9.72 -2.98
C HIS A 76 13.08 -11.08 -2.46
N HIS A 77 12.09 -11.89 -2.07
CA HIS A 77 12.34 -13.21 -1.52
C HIS A 77 12.93 -14.12 -2.59
N HIS A 78 12.65 -13.82 -3.84
CA HIS A 78 13.15 -14.60 -4.97
C HIS A 78 14.53 -14.10 -5.39
N HIS A 79 15.12 -13.27 -4.55
CA HIS A 79 16.46 -12.77 -4.77
C HIS A 79 17.28 -12.93 -3.51
N HIS A 80 16.88 -12.21 -2.46
CA HIS A 80 17.57 -12.20 -1.18
C HIS A 80 19.05 -11.85 -1.37
N HIS A 81 19.31 -10.57 -1.57
CA HIS A 81 20.66 -10.06 -1.81
C HIS A 81 21.26 -10.70 -3.06
N MET A 1 6.53 4.33 -12.11
CA MET A 1 5.90 4.30 -10.77
C MET A 1 5.04 3.05 -10.61
N PHE A 2 5.10 2.46 -9.44
CA PHE A 2 4.25 1.31 -9.12
C PHE A 2 3.34 1.68 -7.95
N SER A 3 2.06 1.79 -8.24
CA SER A 3 1.10 2.22 -7.24
C SER A 3 0.59 1.04 -6.43
N LEU A 4 0.25 1.32 -5.17
CA LEU A 4 -0.26 0.29 -4.26
C LEU A 4 -1.59 -0.26 -4.76
N ARG A 5 -2.30 0.53 -5.54
CA ARG A 5 -3.60 0.14 -6.08
C ARG A 5 -3.44 -0.96 -7.14
N ASP A 6 -2.24 -1.10 -7.69
CA ASP A 6 -2.01 -2.11 -8.72
C ASP A 6 -1.63 -3.45 -8.10
N ALA A 7 -1.31 -3.41 -6.82
CA ALA A 7 -0.98 -4.63 -6.08
C ALA A 7 -2.24 -5.45 -5.86
N LYS A 8 -2.11 -6.76 -5.93
CA LYS A 8 -3.25 -7.64 -5.79
C LYS A 8 -3.31 -8.24 -4.39
N CYS A 9 -4.51 -8.66 -4.01
CA CYS A 9 -4.74 -9.25 -2.71
C CYS A 9 -4.04 -10.60 -2.59
N GLY A 10 -3.22 -10.75 -1.56
CA GLY A 10 -2.47 -11.97 -1.38
C GLY A 10 -0.98 -11.75 -1.61
N GLN A 11 -0.62 -10.53 -1.99
CA GLN A 11 0.77 -10.19 -2.21
C GLN A 11 1.28 -9.31 -1.07
N THR A 12 2.59 -9.16 -0.98
CA THR A 12 3.19 -8.31 0.04
C THR A 12 4.10 -7.27 -0.59
N VAL A 13 3.82 -6.01 -0.34
CA VAL A 13 4.59 -4.92 -0.90
C VAL A 13 5.32 -4.15 0.18
N LYS A 14 6.17 -3.23 -0.25
CA LYS A 14 6.86 -2.35 0.67
C LYS A 14 6.65 -0.90 0.25
N VAL A 15 6.30 -0.06 1.21
CA VAL A 15 6.14 1.36 0.94
C VAL A 15 7.51 2.01 0.87
N VAL A 16 7.87 2.50 -0.30
CA VAL A 16 9.17 3.11 -0.49
C VAL A 16 9.08 4.62 -0.65
N LYS A 17 8.05 5.06 -1.36
CA LYS A 17 7.91 6.47 -1.66
C LYS A 17 6.44 6.84 -1.60
N LEU A 18 6.16 8.10 -1.31
CA LEU A 18 4.79 8.58 -1.22
C LEU A 18 4.64 9.86 -2.00
N HIS A 19 3.89 9.80 -3.10
CA HIS A 19 3.68 10.96 -3.94
C HIS A 19 2.56 11.83 -3.36
N GLY A 20 1.33 11.49 -3.71
CA GLY A 20 0.17 12.19 -3.19
C GLY A 20 0.22 13.68 -3.45
N THR A 21 -0.29 14.45 -2.49
CA THR A 21 -0.28 15.91 -2.59
C THR A 21 0.54 16.51 -1.45
N GLY A 22 1.32 15.66 -0.79
CA GLY A 22 2.05 16.10 0.38
C GLY A 22 1.21 15.92 1.64
N ALA A 23 0.07 16.60 1.69
CA ALA A 23 -0.83 16.50 2.83
C ALA A 23 -1.38 15.08 2.96
N LEU A 24 -1.45 14.38 1.84
CA LEU A 24 -1.91 13.00 1.83
C LEU A 24 -0.87 12.10 2.49
N LYS A 25 0.41 12.47 2.34
CA LYS A 25 1.52 11.68 2.89
C LYS A 25 1.42 11.60 4.41
N ARG A 26 1.17 12.76 5.03
CA ARG A 26 1.03 12.82 6.47
C ARG A 26 -0.14 11.97 6.95
N ARG A 27 -1.24 12.02 6.21
CA ARG A 27 -2.44 11.26 6.55
C ARG A 27 -2.17 9.76 6.52
N ILE A 28 -1.43 9.33 5.51
CA ILE A 28 -1.07 7.92 5.38
C ILE A 28 -0.17 7.49 6.53
N MET A 29 0.82 8.32 6.83
CA MET A 29 1.78 8.01 7.90
C MET A 29 1.09 7.93 9.25
N ASP A 30 0.05 8.73 9.44
CA ASP A 30 -0.71 8.75 10.67
C ASP A 30 -1.30 7.37 10.97
N MET A 31 -1.70 6.66 9.93
CA MET A 31 -2.32 5.35 10.08
C MET A 31 -1.29 4.26 10.41
N GLY A 32 -0.02 4.65 10.40
CA GLY A 32 1.05 3.71 10.68
C GLY A 32 1.77 3.28 9.42
N ILE A 33 1.36 3.85 8.30
CA ILE A 33 1.95 3.50 7.01
C ILE A 33 2.94 4.55 6.58
N THR A 34 4.21 4.21 6.62
CA THR A 34 5.25 5.13 6.21
C THR A 34 6.30 4.41 5.36
N ARG A 35 7.26 5.16 4.86
CA ARG A 35 8.28 4.63 3.97
C ARG A 35 9.20 3.68 4.73
N GLY A 36 9.20 2.41 4.33
CA GLY A 36 10.00 1.42 5.00
C GLY A 36 9.15 0.31 5.59
N CYS A 37 7.83 0.51 5.58
CA CYS A 37 6.91 -0.48 6.12
C CYS A 37 6.46 -1.46 5.05
N GLU A 38 6.20 -2.69 5.45
CA GLU A 38 5.69 -3.71 4.53
C GLU A 38 4.17 -3.81 4.64
N ILE A 39 3.51 -4.05 3.52
CA ILE A 39 2.06 -4.12 3.48
C ILE A 39 1.60 -5.44 2.85
N TYR A 40 0.86 -6.21 3.62
CA TYR A 40 0.23 -7.42 3.12
C TYR A 40 -1.21 -7.10 2.72
N ILE A 41 -1.47 -7.07 1.42
CA ILE A 41 -2.78 -6.70 0.91
C ILE A 41 -3.76 -7.88 1.07
N ARG A 42 -4.87 -7.60 1.73
CA ARG A 42 -5.85 -8.63 2.07
C ARG A 42 -6.86 -8.82 0.94
N LYS A 43 -7.54 -7.74 0.56
CA LYS A 43 -8.52 -7.78 -0.50
C LYS A 43 -8.61 -6.43 -1.21
N VAL A 44 -8.71 -6.47 -2.53
CA VAL A 44 -8.86 -5.26 -3.31
C VAL A 44 -10.20 -5.32 -4.06
N ALA A 45 -10.90 -4.21 -4.10
CA ALA A 45 -12.18 -4.14 -4.77
C ALA A 45 -11.99 -3.97 -6.28
N PRO A 46 -12.87 -4.59 -7.10
CA PRO A 46 -12.76 -4.53 -8.56
C PRO A 46 -12.82 -3.11 -9.11
N LEU A 47 -13.34 -2.19 -8.32
CA LEU A 47 -13.44 -0.79 -8.73
C LEU A 47 -12.39 0.06 -8.02
N GLY A 48 -11.58 -0.59 -7.19
CA GLY A 48 -10.54 0.10 -6.46
C GLY A 48 -10.62 -0.13 -4.97
N ASP A 49 -11.34 0.72 -4.27
CA ASP A 49 -11.42 0.66 -2.83
C ASP A 49 -12.78 0.14 -2.38
N PRO A 50 -12.91 -0.26 -1.11
CA PRO A 50 -11.84 -0.17 -0.12
C PRO A 50 -10.77 -1.24 -0.31
N ILE A 51 -9.51 -0.83 -0.18
CA ILE A 51 -8.40 -1.75 -0.26
C ILE A 51 -8.00 -2.19 1.14
N GLN A 52 -8.23 -3.47 1.42
CA GLN A 52 -7.90 -4.03 2.72
C GLN A 52 -6.41 -4.33 2.82
N ILE A 53 -5.73 -3.62 3.70
CA ILE A 53 -4.32 -3.88 3.95
C ILE A 53 -4.11 -4.17 5.42
N ASN A 54 -3.30 -5.19 5.72
CA ASN A 54 -3.05 -5.56 7.09
C ASN A 54 -1.64 -5.19 7.49
N VAL A 55 -1.52 -4.19 8.35
CA VAL A 55 -0.23 -3.69 8.78
C VAL A 55 -0.22 -3.46 10.28
N ARG A 56 0.84 -3.92 10.93
CA ARG A 56 1.01 -3.76 12.39
C ARG A 56 -0.08 -4.51 13.14
N GLY A 57 -0.73 -5.45 12.47
CA GLY A 57 -1.79 -6.22 13.07
C GLY A 57 -3.16 -5.60 12.85
N TYR A 58 -3.17 -4.36 12.38
CA TYR A 58 -4.41 -3.65 12.14
C TYR A 58 -4.92 -3.92 10.73
N GLU A 59 -6.22 -4.14 10.63
CA GLU A 59 -6.85 -4.26 9.32
C GLU A 59 -7.31 -2.87 8.88
N LEU A 60 -6.68 -2.38 7.84
CA LEU A 60 -6.93 -1.01 7.40
C LEU A 60 -7.68 -0.98 6.08
N SER A 61 -8.78 -0.23 6.05
CA SER A 61 -9.52 -0.01 4.83
C SER A 61 -9.04 1.29 4.17
N LEU A 62 -8.28 1.16 3.10
CA LEU A 62 -7.67 2.32 2.46
C LEU A 62 -8.40 2.64 1.16
N ARG A 63 -8.68 3.93 0.98
CA ARG A 63 -9.29 4.40 -0.26
C ARG A 63 -8.26 4.39 -1.38
N LYS A 64 -8.69 4.04 -2.59
CA LYS A 64 -7.76 3.91 -3.70
C LYS A 64 -7.18 5.26 -4.09
N SER A 65 -7.91 6.34 -3.80
CA SER A 65 -7.43 7.69 -4.06
C SER A 65 -6.05 7.89 -3.44
N ALA A 66 -5.84 7.30 -2.27
CA ALA A 66 -4.53 7.31 -1.63
C ALA A 66 -3.59 6.29 -2.27
N ALA A 67 -4.07 5.06 -2.41
CA ALA A 67 -3.25 3.93 -2.87
C ALA A 67 -2.68 4.14 -4.28
N GLU A 68 -3.41 4.89 -5.11
CA GLU A 68 -2.97 5.13 -6.49
C GLU A 68 -1.84 6.16 -6.53
N MET A 69 -1.62 6.84 -5.42
CA MET A 69 -0.56 7.84 -5.32
C MET A 69 0.60 7.31 -4.47
N ILE A 70 0.47 6.08 -4.00
CA ILE A 70 1.50 5.47 -3.17
C ILE A 70 2.51 4.71 -4.03
N GLU A 71 3.79 4.91 -3.76
CA GLU A 71 4.86 4.25 -4.49
C GLU A 71 5.37 3.06 -3.68
N VAL A 72 5.07 1.86 -4.14
CA VAL A 72 5.48 0.65 -3.44
C VAL A 72 6.25 -0.29 -4.35
N GLU A 73 6.94 -1.24 -3.76
CA GLU A 73 7.61 -2.29 -4.52
C GLU A 73 6.99 -3.63 -4.20
N LEU A 74 6.91 -4.51 -5.18
CA LEU A 74 6.35 -5.84 -4.98
C LEU A 74 7.43 -6.78 -4.45
N GLU A 75 8.14 -6.33 -3.42
CA GLU A 75 9.29 -7.06 -2.86
C GLU A 75 10.31 -7.32 -3.95
N HIS A 76 11.25 -6.40 -4.12
CA HIS A 76 12.20 -6.51 -5.21
C HIS A 76 13.54 -5.86 -4.88
N HIS A 77 13.52 -4.81 -4.09
CA HIS A 77 14.75 -4.04 -3.85
C HIS A 77 15.61 -4.69 -2.77
N HIS A 78 16.21 -5.82 -3.14
CA HIS A 78 17.23 -6.51 -2.35
C HIS A 78 16.90 -6.60 -0.87
N HIS A 79 15.89 -7.39 -0.53
CA HIS A 79 15.61 -7.70 0.85
C HIS A 79 15.27 -9.19 0.97
N HIS A 80 16.32 -10.00 1.02
CA HIS A 80 16.16 -11.45 1.06
C HIS A 80 15.52 -11.90 2.37
N HIS A 81 14.47 -12.69 2.24
CA HIS A 81 13.78 -13.24 3.39
C HIS A 81 13.83 -14.76 3.33
N MET A 1 6.31 3.46 -12.89
CA MET A 1 5.85 3.64 -11.50
C MET A 1 4.89 2.53 -11.12
N PHE A 2 5.22 1.82 -10.06
CA PHE A 2 4.33 0.80 -9.51
C PHE A 2 3.69 1.32 -8.22
N SER A 3 2.39 1.52 -8.26
CA SER A 3 1.70 2.08 -7.11
C SER A 3 1.10 0.97 -6.25
N LEU A 4 0.56 1.34 -5.09
CA LEU A 4 -0.08 0.39 -4.21
C LEU A 4 -1.41 -0.07 -4.81
N ARG A 5 -1.89 0.67 -5.80
CA ARG A 5 -3.11 0.30 -6.49
C ARG A 5 -2.81 -0.71 -7.59
N ASP A 6 -1.54 -0.85 -7.92
CA ASP A 6 -1.10 -1.83 -8.92
C ASP A 6 -0.99 -3.20 -8.27
N ALA A 7 -0.84 -3.22 -6.95
CA ALA A 7 -0.71 -4.46 -6.21
C ALA A 7 -2.08 -5.07 -5.92
N LYS A 8 -2.13 -6.39 -5.79
CA LYS A 8 -3.38 -7.09 -5.51
C LYS A 8 -3.31 -7.82 -4.18
N CYS A 9 -4.44 -8.39 -3.76
CA CYS A 9 -4.52 -9.09 -2.49
C CYS A 9 -3.64 -10.32 -2.47
N GLY A 10 -2.97 -10.53 -1.34
CA GLY A 10 -2.08 -11.67 -1.20
C GLY A 10 -0.64 -11.31 -1.52
N GLN A 11 -0.45 -10.17 -2.16
CA GLN A 11 0.88 -9.70 -2.53
C GLN A 11 1.46 -8.79 -1.47
N THR A 12 2.65 -9.13 -1.01
CA THR A 12 3.35 -8.33 -0.02
C THR A 12 4.29 -7.34 -0.72
N VAL A 13 4.04 -6.06 -0.51
CA VAL A 13 4.86 -5.02 -1.08
C VAL A 13 5.49 -4.17 0.01
N LYS A 14 6.49 -3.38 -0.35
CA LYS A 14 7.15 -2.49 0.57
C LYS A 14 7.02 -1.05 0.09
N VAL A 15 6.56 -0.17 0.95
CA VAL A 15 6.37 1.24 0.60
C VAL A 15 7.71 1.93 0.43
N VAL A 16 7.91 2.57 -0.72
CA VAL A 16 9.17 3.24 -1.01
C VAL A 16 8.99 4.75 -1.18
N LYS A 17 7.91 5.16 -1.84
CA LYS A 17 7.65 6.58 -2.04
C LYS A 17 6.21 6.93 -1.69
N LEU A 18 6.03 8.08 -1.06
CA LEU A 18 4.70 8.59 -0.75
C LEU A 18 4.45 9.85 -1.56
N HIS A 19 3.66 9.76 -2.62
CA HIS A 19 3.43 10.90 -3.49
C HIS A 19 2.28 11.75 -2.96
N GLY A 20 1.06 11.39 -3.31
CA GLY A 20 -0.10 12.09 -2.82
C GLY A 20 -0.12 13.56 -3.20
N THR A 21 -0.89 14.34 -2.45
CA THR A 21 -0.96 15.77 -2.64
C THR A 21 -0.56 16.49 -1.35
N GLY A 22 0.17 15.79 -0.49
CA GLY A 22 0.60 16.36 0.76
C GLY A 22 -0.22 15.88 1.93
N ALA A 23 -1.51 16.21 1.92
CA ALA A 23 -2.43 15.79 2.98
C ALA A 23 -2.42 14.27 3.16
N LEU A 24 -2.31 13.56 2.05
CA LEU A 24 -2.25 12.10 2.07
C LEU A 24 -1.02 11.60 2.83
N LYS A 25 0.10 12.28 2.63
CA LYS A 25 1.36 11.89 3.27
C LYS A 25 1.20 11.82 4.78
N ARG A 26 0.69 12.89 5.37
CA ARG A 26 0.53 12.98 6.81
C ARG A 26 -0.37 11.88 7.35
N ARG A 27 -1.55 11.75 6.76
CA ARG A 27 -2.54 10.79 7.22
C ARG A 27 -2.00 9.37 7.17
N ILE A 28 -1.42 9.00 6.04
CA ILE A 28 -0.87 7.65 5.87
C ILE A 28 0.29 7.42 6.84
N MET A 29 1.03 8.48 7.14
CA MET A 29 2.13 8.38 8.11
C MET A 29 1.59 8.20 9.51
N ASP A 30 0.52 8.91 9.83
CA ASP A 30 -0.13 8.81 11.13
C ASP A 30 -0.65 7.40 11.39
N MET A 31 -1.04 6.71 10.32
CA MET A 31 -1.55 5.35 10.42
C MET A 31 -0.44 4.38 10.87
N GLY A 32 0.81 4.78 10.65
CA GLY A 32 1.93 3.93 10.96
C GLY A 32 2.63 3.46 9.70
N ILE A 33 2.19 3.98 8.57
CA ILE A 33 2.74 3.59 7.28
C ILE A 33 3.77 4.61 6.81
N THR A 34 5.03 4.21 6.79
CA THR A 34 6.08 5.09 6.31
C THR A 34 6.90 4.38 5.23
N ARG A 35 7.83 5.12 4.63
CA ARG A 35 8.70 4.56 3.62
C ARG A 35 9.65 3.56 4.26
N GLY A 36 9.58 2.32 3.79
CA GLY A 36 10.37 1.26 4.39
C GLY A 36 9.52 0.29 5.18
N CYS A 37 8.20 0.44 5.11
CA CYS A 37 7.28 -0.45 5.78
C CYS A 37 6.67 -1.45 4.79
N GLU A 38 6.45 -2.67 5.24
CA GLU A 38 5.85 -3.70 4.41
C GLU A 38 4.33 -3.67 4.54
N ILE A 39 3.64 -3.90 3.42
CA ILE A 39 2.19 -3.94 3.39
C ILE A 39 1.74 -5.02 2.43
N TYR A 40 0.84 -5.88 2.85
CA TYR A 40 0.25 -6.84 1.94
C TYR A 40 -1.24 -6.56 1.83
N ILE A 41 -1.75 -6.58 0.61
CA ILE A 41 -3.15 -6.29 0.38
C ILE A 41 -4.00 -7.43 0.91
N ARG A 42 -4.86 -7.12 1.86
CA ARG A 42 -5.72 -8.12 2.49
C ARG A 42 -6.83 -8.51 1.52
N LYS A 43 -7.61 -7.52 1.09
CA LYS A 43 -8.73 -7.73 0.18
C LYS A 43 -9.02 -6.46 -0.59
N VAL A 44 -9.43 -6.60 -1.83
CA VAL A 44 -9.83 -5.46 -2.63
C VAL A 44 -11.33 -5.49 -2.86
N ALA A 45 -12.00 -4.39 -2.54
CA ALA A 45 -13.43 -4.30 -2.75
C ALA A 45 -13.78 -4.56 -4.20
N PRO A 46 -14.92 -5.20 -4.46
CA PRO A 46 -15.34 -5.58 -5.82
C PRO A 46 -15.38 -4.40 -6.79
N LEU A 47 -15.47 -3.19 -6.26
CA LEU A 47 -15.54 -1.99 -7.09
C LEU A 47 -14.21 -1.26 -7.14
N GLY A 48 -13.18 -1.84 -6.52
CA GLY A 48 -11.86 -1.25 -6.54
C GLY A 48 -11.62 -0.28 -5.41
N ASP A 49 -12.69 0.28 -4.87
CA ASP A 49 -12.60 1.25 -3.79
C ASP A 49 -13.47 0.82 -2.62
N PRO A 50 -12.89 0.69 -1.42
CA PRO A 50 -11.48 0.88 -1.19
C PRO A 50 -10.70 -0.44 -1.18
N ILE A 51 -9.47 -0.39 -0.70
CA ILE A 51 -8.67 -1.59 -0.54
C ILE A 51 -8.36 -1.84 0.93
N GLN A 52 -8.51 -3.08 1.35
CA GLN A 52 -8.23 -3.46 2.71
C GLN A 52 -6.83 -4.06 2.80
N ILE A 53 -6.03 -3.55 3.71
CA ILE A 53 -4.68 -4.05 3.91
C ILE A 53 -4.49 -4.45 5.37
N ASN A 54 -3.54 -5.34 5.62
CA ASN A 54 -3.28 -5.76 6.99
C ASN A 54 -1.85 -5.42 7.36
N VAL A 55 -1.68 -4.44 8.24
CA VAL A 55 -0.36 -3.98 8.64
C VAL A 55 -0.32 -3.75 10.14
N ARG A 56 0.77 -4.19 10.77
CA ARG A 56 1.00 -3.97 12.20
C ARG A 56 0.00 -4.74 13.06
N GLY A 57 -0.73 -5.65 12.43
CA GLY A 57 -1.79 -6.37 13.13
C GLY A 57 -3.14 -5.71 12.97
N TYR A 58 -3.15 -4.57 12.30
CA TYR A 58 -4.37 -3.82 12.06
C TYR A 58 -4.82 -3.92 10.62
N GLU A 59 -6.11 -4.08 10.42
CA GLU A 59 -6.66 -4.05 9.08
C GLU A 59 -7.08 -2.63 8.71
N LEU A 60 -6.34 -2.04 7.79
CA LEU A 60 -6.58 -0.67 7.37
C LEU A 60 -7.24 -0.67 6.00
N SER A 61 -8.01 0.35 5.71
CA SER A 61 -8.65 0.45 4.42
C SER A 61 -8.36 1.80 3.78
N LEU A 62 -7.63 1.77 2.67
CA LEU A 62 -7.29 2.99 1.96
C LEU A 62 -8.10 3.09 0.68
N ARG A 63 -8.55 4.28 0.35
CA ARG A 63 -9.28 4.49 -0.90
C ARG A 63 -8.33 4.38 -2.08
N LYS A 64 -8.88 4.05 -3.24
CA LYS A 64 -8.08 3.80 -4.44
C LYS A 64 -7.20 5.00 -4.79
N SER A 65 -7.71 6.20 -4.53
CA SER A 65 -6.98 7.44 -4.83
C SER A 65 -5.67 7.51 -4.06
N ALA A 66 -5.69 7.08 -2.81
CA ALA A 66 -4.48 7.09 -1.99
C ALA A 66 -3.56 5.97 -2.41
N ALA A 67 -4.15 4.85 -2.82
CA ALA A 67 -3.39 3.67 -3.24
C ALA A 67 -2.49 3.99 -4.43
N GLU A 68 -3.04 4.71 -5.40
CA GLU A 68 -2.29 5.05 -6.61
C GLU A 68 -1.30 6.17 -6.35
N MET A 69 -1.40 6.80 -5.19
CA MET A 69 -0.47 7.85 -4.80
C MET A 69 0.69 7.28 -4.03
N ILE A 70 0.57 6.01 -3.64
CA ILE A 70 1.63 5.34 -2.91
C ILE A 70 2.47 4.51 -3.85
N GLU A 71 3.78 4.68 -3.77
CA GLU A 71 4.70 3.94 -4.60
C GLU A 71 5.34 2.81 -3.79
N VAL A 72 5.22 1.59 -4.29
CA VAL A 72 5.68 0.42 -3.56
C VAL A 72 6.52 -0.49 -4.45
N GLU A 73 7.07 -1.52 -3.84
CA GLU A 73 7.85 -2.52 -4.55
C GLU A 73 7.51 -3.91 -4.02
N LEU A 74 7.47 -4.89 -4.90
CA LEU A 74 7.15 -6.26 -4.51
C LEU A 74 8.26 -6.85 -3.68
N GLU A 75 7.91 -7.48 -2.56
CA GLU A 75 8.88 -8.18 -1.75
C GLU A 75 9.35 -9.41 -2.50
N HIS A 76 10.54 -9.31 -3.08
CA HIS A 76 11.15 -10.42 -3.77
C HIS A 76 12.62 -10.12 -3.96
N HIS A 77 13.35 -10.17 -2.84
CA HIS A 77 14.76 -9.81 -2.77
C HIS A 77 15.59 -10.44 -3.88
N HIS A 78 16.08 -9.60 -4.78
CA HIS A 78 16.99 -10.05 -5.84
C HIS A 78 18.27 -9.22 -5.83
N HIS A 79 19.35 -9.84 -6.28
CA HIS A 79 20.62 -9.15 -6.49
C HIS A 79 21.11 -9.41 -7.90
N HIS A 80 20.94 -8.43 -8.77
CA HIS A 80 21.36 -8.55 -10.15
C HIS A 80 21.59 -7.17 -10.75
N HIS A 81 22.61 -7.07 -11.58
CA HIS A 81 22.89 -5.83 -12.27
C HIS A 81 22.77 -6.06 -13.78
N MET A 1 3.50 3.92 -13.29
CA MET A 1 3.85 3.91 -11.85
C MET A 1 3.47 2.57 -11.22
N PHE A 2 4.07 2.25 -10.09
CA PHE A 2 3.77 1.01 -9.41
C PHE A 2 3.45 1.30 -7.95
N SER A 3 2.17 1.47 -7.67
CA SER A 3 1.73 1.84 -6.35
C SER A 3 0.91 0.72 -5.73
N LEU A 4 0.41 0.98 -4.53
CA LEU A 4 -0.37 0.01 -3.77
C LEU A 4 -1.64 -0.38 -4.53
N ARG A 5 -2.07 0.48 -5.44
CA ARG A 5 -3.26 0.24 -6.24
C ARG A 5 -2.94 -0.72 -7.39
N ASP A 6 -1.66 -0.97 -7.63
CA ASP A 6 -1.23 -1.79 -8.76
C ASP A 6 -1.09 -3.26 -8.38
N ALA A 7 -0.99 -3.52 -7.08
CA ALA A 7 -0.72 -4.87 -6.59
C ALA A 7 -1.99 -5.73 -6.54
N LYS A 8 -1.82 -6.98 -6.12
CA LYS A 8 -2.94 -7.93 -6.05
C LYS A 8 -3.32 -8.17 -4.59
N CYS A 9 -4.27 -9.07 -4.38
CA CYS A 9 -4.73 -9.40 -3.04
C CYS A 9 -3.80 -10.42 -2.39
N GLY A 10 -3.55 -10.25 -1.10
CA GLY A 10 -2.73 -11.20 -0.37
C GLY A 10 -1.24 -10.97 -0.59
N GLN A 11 -0.90 -9.91 -1.31
CA GLN A 11 0.48 -9.62 -1.64
C GLN A 11 1.16 -8.82 -0.54
N THR A 12 2.45 -9.07 -0.36
CA THR A 12 3.24 -8.29 0.58
C THR A 12 4.11 -7.30 -0.18
N VAL A 13 3.76 -6.03 -0.11
CA VAL A 13 4.49 -4.99 -0.83
C VAL A 13 5.17 -4.07 0.16
N LYS A 14 6.18 -3.35 -0.31
CA LYS A 14 6.91 -2.42 0.54
C LYS A 14 6.82 -1.01 -0.02
N VAL A 15 6.70 -0.05 0.88
CA VAL A 15 6.53 1.35 0.48
C VAL A 15 7.87 1.98 0.09
N VAL A 16 7.89 2.67 -1.05
CA VAL A 16 9.10 3.33 -1.49
C VAL A 16 8.93 4.86 -1.59
N LYS A 17 7.80 5.29 -2.12
CA LYS A 17 7.52 6.72 -2.23
C LYS A 17 6.08 7.00 -1.81
N LEU A 18 5.81 8.26 -1.50
CA LEU A 18 4.48 8.66 -1.04
C LEU A 18 4.00 9.92 -1.73
N HIS A 19 2.97 9.76 -2.55
CA HIS A 19 2.36 10.87 -3.28
C HIS A 19 1.28 11.52 -2.44
N GLY A 20 0.70 12.61 -2.93
CA GLY A 20 -0.42 13.21 -2.24
C GLY A 20 -0.24 14.71 -2.04
N THR A 21 -1.27 15.34 -1.48
CA THR A 21 -1.27 16.78 -1.26
C THR A 21 -0.65 17.15 0.09
N GLY A 22 0.23 16.28 0.58
CA GLY A 22 0.83 16.51 1.88
C GLY A 22 -0.01 15.93 3.00
N ALA A 23 -1.26 16.34 3.06
CA ALA A 23 -2.20 15.84 4.06
C ALA A 23 -2.36 14.33 3.94
N LEU A 24 -2.45 13.85 2.70
CA LEU A 24 -2.54 12.42 2.44
C LEU A 24 -1.28 11.70 2.89
N LYS A 25 -0.13 12.26 2.53
CA LYS A 25 1.17 11.70 2.93
C LYS A 25 1.22 11.53 4.43
N ARG A 26 0.84 12.59 5.14
CA ARG A 26 0.83 12.59 6.60
C ARG A 26 -0.10 11.52 7.12
N ARG A 27 -1.33 11.53 6.62
CA ARG A 27 -2.34 10.56 7.03
C ARG A 27 -1.83 9.13 6.85
N ILE A 28 -1.26 8.86 5.68
CA ILE A 28 -0.69 7.57 5.37
C ILE A 28 0.40 7.20 6.37
N MET A 29 1.33 8.12 6.61
CA MET A 29 2.41 7.89 7.57
C MET A 29 1.86 7.70 8.98
N ASP A 30 0.90 8.53 9.33
CA ASP A 30 0.28 8.52 10.66
C ASP A 30 -0.41 7.20 10.94
N MET A 31 -0.90 6.55 9.89
CA MET A 31 -1.58 5.26 10.03
C MET A 31 -0.56 4.12 10.21
N GLY A 32 0.72 4.45 10.08
CA GLY A 32 1.76 3.46 10.27
C GLY A 32 2.41 3.05 8.97
N ILE A 33 2.03 3.71 7.89
CA ILE A 33 2.58 3.39 6.58
C ILE A 33 3.75 4.30 6.25
N THR A 34 4.95 3.81 6.52
CA THR A 34 6.17 4.55 6.26
C THR A 34 6.99 3.86 5.16
N ARG A 35 8.05 4.52 4.71
CA ARG A 35 8.88 3.97 3.65
C ARG A 35 9.71 2.82 4.18
N GLY A 36 9.49 1.63 3.64
CA GLY A 36 10.24 0.47 4.07
C GLY A 36 9.38 -0.56 4.77
N CYS A 37 8.18 -0.17 5.19
CA CYS A 37 7.29 -1.08 5.88
C CYS A 37 6.74 -2.14 4.93
N GLU A 38 6.56 -3.35 5.44
CA GLU A 38 6.00 -4.43 4.66
C GLU A 38 4.49 -4.51 4.87
N ILE A 39 3.75 -4.22 3.81
CA ILE A 39 2.30 -4.16 3.89
C ILE A 39 1.67 -5.39 3.26
N TYR A 40 0.99 -6.15 4.09
CA TYR A 40 0.18 -7.27 3.62
C TYR A 40 -1.18 -6.76 3.16
N ILE A 41 -1.45 -6.87 1.87
CA ILE A 41 -2.73 -6.45 1.33
C ILE A 41 -3.77 -7.52 1.61
N ARG A 42 -4.82 -7.13 2.33
CA ARG A 42 -5.85 -8.08 2.74
C ARG A 42 -6.80 -8.36 1.58
N LYS A 43 -7.44 -7.30 1.08
CA LYS A 43 -8.47 -7.45 0.06
C LYS A 43 -8.42 -6.29 -0.93
N VAL A 44 -8.49 -6.62 -2.21
CA VAL A 44 -8.62 -5.62 -3.26
C VAL A 44 -9.91 -5.87 -4.03
N ALA A 45 -10.75 -4.86 -4.12
CA ALA A 45 -12.02 -5.00 -4.81
C ALA A 45 -11.82 -5.08 -6.32
N PRO A 46 -12.65 -5.86 -7.02
CA PRO A 46 -12.59 -6.00 -8.48
C PRO A 46 -12.83 -4.68 -9.19
N LEU A 47 -13.53 -3.77 -8.50
CA LEU A 47 -13.83 -2.44 -9.04
C LEU A 47 -12.76 -1.44 -8.60
N GLY A 48 -11.69 -1.96 -8.02
CA GLY A 48 -10.60 -1.12 -7.58
C GLY A 48 -10.61 -0.92 -6.08
N ASP A 49 -11.46 -0.03 -5.62
CA ASP A 49 -11.56 0.26 -4.19
C ASP A 49 -12.84 -0.34 -3.62
N PRO A 50 -12.89 -0.53 -2.30
CA PRO A 50 -11.81 -0.17 -1.39
C PRO A 50 -10.70 -1.21 -1.33
N ILE A 51 -9.49 -0.76 -1.01
CA ILE A 51 -8.36 -1.65 -0.85
C ILE A 51 -7.99 -1.75 0.63
N GLN A 52 -8.14 -2.94 1.18
CA GLN A 52 -7.89 -3.17 2.59
C GLN A 52 -6.51 -3.75 2.79
N ILE A 53 -5.69 -3.07 3.56
CA ILE A 53 -4.33 -3.52 3.84
C ILE A 53 -4.14 -3.70 5.34
N ASN A 54 -3.26 -4.61 5.72
CA ASN A 54 -2.97 -4.87 7.12
C ASN A 54 -1.58 -4.37 7.48
N VAL A 55 -1.52 -3.31 8.27
CA VAL A 55 -0.25 -2.74 8.70
C VAL A 55 -0.06 -2.95 10.19
N ARG A 56 1.10 -3.50 10.56
CA ARG A 56 1.41 -3.86 11.95
C ARG A 56 0.49 -4.98 12.41
N GLY A 57 -0.71 -4.60 12.83
CA GLY A 57 -1.72 -5.55 13.22
C GLY A 57 -3.10 -4.94 13.09
N TYR A 58 -3.18 -3.86 12.33
CA TYR A 58 -4.40 -3.09 12.18
C TYR A 58 -4.73 -2.98 10.69
N GLU A 59 -5.98 -3.25 10.34
CA GLU A 59 -6.39 -3.21 8.95
C GLU A 59 -6.91 -1.83 8.57
N LEU A 60 -6.39 -1.34 7.46
CA LEU A 60 -6.74 -0.02 6.96
C LEU A 60 -7.44 -0.14 5.61
N SER A 61 -8.62 0.45 5.51
CA SER A 61 -9.37 0.45 4.27
C SER A 61 -9.12 1.77 3.55
N LEU A 62 -8.35 1.72 2.47
CA LEU A 62 -8.03 2.91 1.70
C LEU A 62 -8.73 2.88 0.36
N ARG A 63 -9.18 4.04 -0.08
CA ARG A 63 -9.82 4.16 -1.39
C ARG A 63 -8.77 4.19 -2.49
N LYS A 64 -9.23 4.12 -3.73
CA LYS A 64 -8.35 3.99 -4.88
C LYS A 64 -7.35 5.15 -4.93
N SER A 65 -7.81 6.34 -4.56
CA SER A 65 -6.98 7.53 -4.60
C SER A 65 -5.72 7.42 -3.73
N ALA A 66 -5.87 6.91 -2.50
CA ALA A 66 -4.74 6.80 -1.60
C ALA A 66 -3.83 5.65 -2.01
N ALA A 67 -4.43 4.61 -2.57
CA ALA A 67 -3.68 3.44 -3.00
C ALA A 67 -2.74 3.78 -4.16
N GLU A 68 -3.16 4.72 -5.01
CA GLU A 68 -2.32 5.16 -6.12
C GLU A 68 -1.39 6.28 -5.70
N MET A 69 -1.43 6.63 -4.42
CA MET A 69 -0.51 7.61 -3.87
C MET A 69 0.65 6.91 -3.18
N ILE A 70 0.41 5.71 -2.70
CA ILE A 70 1.44 4.94 -2.04
C ILE A 70 2.25 4.16 -3.07
N GLU A 71 3.41 4.70 -3.45
CA GLU A 71 4.30 4.05 -4.39
C GLU A 71 4.99 2.89 -3.67
N VAL A 72 4.87 1.69 -4.21
CA VAL A 72 5.37 0.51 -3.52
C VAL A 72 6.25 -0.35 -4.41
N GLU A 73 6.67 -1.46 -3.85
CA GLU A 73 7.44 -2.46 -4.57
C GLU A 73 7.04 -3.84 -4.07
N LEU A 74 6.75 -4.73 -4.99
CA LEU A 74 6.31 -6.07 -4.65
C LEU A 74 7.44 -7.07 -4.85
N GLU A 75 7.64 -7.93 -3.87
CA GLU A 75 8.67 -8.96 -3.94
C GLU A 75 8.37 -9.95 -5.06
N HIS A 76 9.41 -10.38 -5.75
CA HIS A 76 9.26 -11.32 -6.85
C HIS A 76 10.09 -12.55 -6.60
N HIS A 77 9.52 -13.71 -6.89
CA HIS A 77 10.23 -14.97 -6.75
C HIS A 77 11.32 -15.05 -7.81
N HIS A 78 11.07 -14.40 -8.93
CA HIS A 78 12.03 -14.33 -10.01
C HIS A 78 12.01 -12.94 -10.62
N HIS A 79 12.93 -12.09 -10.20
CA HIS A 79 13.01 -10.73 -10.70
C HIS A 79 14.26 -10.57 -11.57
N HIS A 80 14.19 -11.11 -12.77
CA HIS A 80 15.30 -11.03 -13.71
C HIS A 80 14.85 -11.53 -15.08
N HIS A 81 15.12 -10.76 -16.10
CA HIS A 81 14.76 -11.13 -17.46
C HIS A 81 15.84 -12.02 -18.06
N MET A 1 6.64 2.58 -12.50
CA MET A 1 6.06 2.88 -11.18
C MET A 1 5.08 1.79 -10.77
N PHE A 2 5.25 1.27 -9.57
CA PHE A 2 4.31 0.29 -9.04
C PHE A 2 3.51 0.94 -7.90
N SER A 3 2.20 0.91 -8.02
CA SER A 3 1.34 1.54 -7.06
C SER A 3 0.66 0.51 -6.17
N LEU A 4 0.40 0.88 -4.93
CA LEU A 4 -0.32 0.02 -3.99
C LEU A 4 -1.73 -0.24 -4.51
N ARG A 5 -2.21 0.70 -5.31
CA ARG A 5 -3.49 0.59 -6.00
C ARG A 5 -3.53 -0.64 -6.91
N ASP A 6 -2.36 -1.10 -7.33
CA ASP A 6 -2.26 -2.16 -8.32
C ASP A 6 -1.64 -3.41 -7.71
N ALA A 7 -1.47 -3.39 -6.40
CA ALA A 7 -0.98 -4.55 -5.67
C ALA A 7 -2.07 -5.62 -5.60
N LYS A 8 -1.73 -6.82 -6.03
CA LYS A 8 -2.70 -7.90 -6.10
C LYS A 8 -2.97 -8.49 -4.72
N CYS A 9 -4.12 -9.12 -4.57
CA CYS A 9 -4.52 -9.72 -3.31
C CYS A 9 -3.65 -10.93 -2.98
N GLY A 10 -3.11 -10.96 -1.77
CA GLY A 10 -2.25 -12.05 -1.36
C GLY A 10 -0.78 -11.72 -1.54
N GLN A 11 -0.50 -10.48 -1.93
CA GLN A 11 0.87 -10.04 -2.13
C GLN A 11 1.41 -9.35 -0.89
N THR A 12 2.73 -9.34 -0.76
CA THR A 12 3.39 -8.60 0.29
C THR A 12 4.30 -7.56 -0.34
N VAL A 13 3.99 -6.29 -0.12
CA VAL A 13 4.72 -5.21 -0.76
C VAL A 13 5.50 -4.37 0.24
N LYS A 14 6.45 -3.62 -0.26
CA LYS A 14 7.26 -2.74 0.57
C LYS A 14 7.07 -1.30 0.12
N VAL A 15 6.61 -0.44 1.02
CA VAL A 15 6.36 0.95 0.70
C VAL A 15 7.66 1.69 0.46
N VAL A 16 7.79 2.33 -0.69
CA VAL A 16 9.02 3.02 -1.03
C VAL A 16 8.80 4.52 -1.27
N LYS A 17 7.74 4.86 -1.96
CA LYS A 17 7.47 6.26 -2.28
C LYS A 17 6.03 6.65 -1.96
N LEU A 18 5.83 7.90 -1.62
CA LEU A 18 4.49 8.40 -1.32
C LEU A 18 4.22 9.64 -2.18
N HIS A 19 3.55 9.43 -3.31
CA HIS A 19 3.36 10.48 -4.31
C HIS A 19 2.14 11.34 -3.99
N GLY A 20 1.49 11.04 -2.89
CA GLY A 20 0.36 11.84 -2.44
C GLY A 20 0.78 13.25 -2.07
N THR A 21 1.87 13.34 -1.32
CA THR A 21 2.49 14.61 -0.96
C THR A 21 1.70 15.37 0.12
N GLY A 22 2.43 15.87 1.12
CA GLY A 22 1.85 16.70 2.15
C GLY A 22 0.69 16.06 2.87
N ALA A 23 -0.51 16.56 2.58
CA ALA A 23 -1.74 16.11 3.24
C ALA A 23 -1.92 14.59 3.13
N LEU A 24 -1.56 14.06 1.96
CA LEU A 24 -1.68 12.63 1.72
C LEU A 24 -0.63 11.88 2.52
N LYS A 25 0.61 12.37 2.50
CA LYS A 25 1.70 11.72 3.21
C LYS A 25 1.39 11.61 4.70
N ARG A 26 0.96 12.73 5.29
CA ARG A 26 0.71 12.78 6.73
C ARG A 26 -0.31 11.74 7.16
N ARG A 27 -1.47 11.76 6.54
CA ARG A 27 -2.55 10.86 6.92
C ARG A 27 -2.11 9.40 6.82
N ILE A 28 -1.44 9.08 5.72
CA ILE A 28 -0.95 7.73 5.49
C ILE A 28 0.11 7.35 6.54
N MET A 29 1.05 8.25 6.78
CA MET A 29 2.13 8.00 7.73
C MET A 29 1.59 7.93 9.16
N ASP A 30 0.58 8.75 9.45
CA ASP A 30 -0.02 8.81 10.77
C ASP A 30 -0.69 7.49 11.14
N MET A 31 -1.17 6.78 10.12
CA MET A 31 -1.79 5.47 10.32
C MET A 31 -0.75 4.38 10.46
N GLY A 32 0.53 4.76 10.43
CA GLY A 32 1.60 3.81 10.61
C GLY A 32 2.22 3.37 9.31
N ILE A 33 1.63 3.80 8.21
CA ILE A 33 2.12 3.44 6.88
C ILE A 33 3.21 4.40 6.45
N THR A 34 4.46 4.01 6.68
CA THR A 34 5.59 4.86 6.36
C THR A 34 6.49 4.18 5.35
N ARG A 35 7.23 4.97 4.57
CA ARG A 35 8.14 4.41 3.59
C ARG A 35 9.19 3.54 4.28
N GLY A 36 9.24 2.27 3.90
CA GLY A 36 10.10 1.34 4.56
C GLY A 36 9.33 0.18 5.18
N CYS A 37 8.02 0.36 5.37
CA CYS A 37 7.19 -0.68 5.95
C CYS A 37 6.73 -1.66 4.87
N GLU A 38 6.19 -2.79 5.31
CA GLU A 38 5.66 -3.79 4.40
C GLU A 38 4.16 -3.96 4.61
N ILE A 39 3.44 -4.14 3.53
CA ILE A 39 2.00 -4.21 3.57
C ILE A 39 1.51 -5.50 2.93
N TYR A 40 0.66 -6.21 3.63
CA TYR A 40 0.01 -7.39 3.09
C TYR A 40 -1.41 -7.02 2.63
N ILE A 41 -1.68 -7.23 1.35
CA ILE A 41 -2.97 -6.88 0.77
C ILE A 41 -3.89 -8.10 0.76
N ARG A 42 -5.07 -7.95 1.35
CA ARG A 42 -6.03 -9.06 1.41
C ARG A 42 -7.06 -8.94 0.30
N LYS A 43 -7.76 -7.82 0.26
CA LYS A 43 -8.89 -7.66 -0.64
C LYS A 43 -8.71 -6.48 -1.58
N VAL A 44 -8.91 -6.74 -2.85
CA VAL A 44 -8.96 -5.71 -3.87
C VAL A 44 -10.31 -5.79 -4.58
N ALA A 45 -11.05 -4.69 -4.59
CA ALA A 45 -12.38 -4.66 -5.17
C ALA A 45 -12.30 -4.73 -6.69
N PRO A 46 -13.33 -5.32 -7.34
CA PRO A 46 -13.38 -5.45 -8.81
C PRO A 46 -13.39 -4.10 -9.52
N LEU A 47 -13.70 -3.05 -8.78
CA LEU A 47 -13.70 -1.70 -9.33
C LEU A 47 -12.56 -0.88 -8.71
N GLY A 48 -11.74 -1.54 -7.92
CA GLY A 48 -10.62 -0.87 -7.29
C GLY A 48 -10.82 -0.67 -5.80
N ASP A 49 -11.60 0.34 -5.46
CA ASP A 49 -11.81 0.70 -4.06
C ASP A 49 -13.02 -0.03 -3.47
N PRO A 50 -12.99 -0.32 -2.16
CA PRO A 50 -11.86 -0.03 -1.29
C PRO A 50 -10.90 -1.20 -1.15
N ILE A 51 -9.66 -0.91 -0.77
CA ILE A 51 -8.63 -1.93 -0.63
C ILE A 51 -8.38 -2.21 0.86
N GLN A 52 -8.40 -3.49 1.22
CA GLN A 52 -8.15 -3.91 2.60
C GLN A 52 -6.72 -4.40 2.77
N ILE A 53 -5.93 -3.64 3.51
CA ILE A 53 -4.53 -3.97 3.73
C ILE A 53 -4.22 -4.04 5.23
N ASN A 54 -3.09 -4.66 5.56
CA ASN A 54 -2.65 -4.75 6.95
C ASN A 54 -1.30 -4.07 7.10
N VAL A 55 -1.23 -3.09 7.99
CA VAL A 55 0.02 -2.37 8.24
C VAL A 55 0.26 -2.26 9.74
N ARG A 56 1.47 -2.63 10.17
CA ARG A 56 1.87 -2.56 11.58
C ARG A 56 1.07 -3.54 12.42
N GLY A 57 0.31 -4.42 11.76
CA GLY A 57 -0.55 -5.34 12.47
C GLY A 57 -1.99 -4.84 12.50
N TYR A 58 -2.16 -3.55 12.20
CA TYR A 58 -3.47 -2.92 12.22
C TYR A 58 -4.16 -3.10 10.87
N GLU A 59 -5.49 -3.09 10.91
CA GLU A 59 -6.29 -3.18 9.69
C GLU A 59 -6.48 -1.80 9.09
N LEU A 60 -6.06 -1.65 7.84
CA LEU A 60 -6.20 -0.37 7.15
C LEU A 60 -7.08 -0.54 5.90
N SER A 61 -8.04 0.34 5.77
CA SER A 61 -8.90 0.35 4.60
C SER A 61 -8.82 1.72 3.91
N LEU A 62 -8.15 1.76 2.77
CA LEU A 62 -7.94 3.01 2.06
C LEU A 62 -8.76 3.05 0.78
N ARG A 63 -9.16 4.25 0.39
CA ARG A 63 -9.87 4.45 -0.86
C ARG A 63 -8.89 4.31 -2.03
N LYS A 64 -9.46 4.13 -3.21
CA LYS A 64 -8.71 4.07 -4.46
C LYS A 64 -7.69 5.21 -4.57
N SER A 65 -8.13 6.41 -4.21
CA SER A 65 -7.31 7.62 -4.31
C SER A 65 -5.98 7.49 -3.54
N ALA A 66 -6.08 7.09 -2.27
CA ALA A 66 -4.90 7.01 -1.40
C ALA A 66 -3.92 5.95 -1.90
N ALA A 67 -4.42 4.74 -2.13
CA ALA A 67 -3.61 3.63 -2.61
C ALA A 67 -2.93 3.97 -3.92
N GLU A 68 -3.61 4.79 -4.69
CA GLU A 68 -3.19 5.14 -6.03
C GLU A 68 -1.95 6.03 -5.99
N MET A 69 -1.78 6.77 -4.90
CA MET A 69 -0.66 7.69 -4.77
C MET A 69 0.49 7.04 -4.00
N ILE A 70 0.26 5.84 -3.52
CA ILE A 70 1.28 5.11 -2.78
C ILE A 70 2.09 4.23 -3.72
N GLU A 71 3.39 4.46 -3.76
CA GLU A 71 4.29 3.65 -4.56
C GLU A 71 4.93 2.59 -3.70
N VAL A 72 4.69 1.34 -4.05
CA VAL A 72 5.23 0.23 -3.32
C VAL A 72 6.02 -0.68 -4.24
N GLU A 73 6.83 -1.53 -3.66
CA GLU A 73 7.63 -2.47 -4.42
C GLU A 73 7.21 -3.88 -4.06
N LEU A 74 7.40 -4.83 -4.98
CA LEU A 74 7.05 -6.22 -4.72
C LEU A 74 8.12 -6.90 -3.87
N GLU A 75 8.39 -6.29 -2.72
CA GLU A 75 9.39 -6.77 -1.77
C GLU A 75 10.80 -6.72 -2.38
N HIS A 76 11.40 -5.55 -2.35
CA HIS A 76 12.77 -5.37 -2.81
C HIS A 76 13.68 -5.25 -1.59
N HIS A 77 14.59 -6.21 -1.44
CA HIS A 77 15.45 -6.30 -0.27
C HIS A 77 14.66 -6.77 0.95
N HIS A 78 15.31 -7.57 1.80
CA HIS A 78 14.67 -8.06 3.01
C HIS A 78 15.31 -7.41 4.23
N HIS A 79 16.63 -7.29 4.18
CA HIS A 79 17.38 -6.65 5.25
C HIS A 79 18.72 -6.18 4.69
N HIS A 80 19.26 -5.11 5.25
CA HIS A 80 20.47 -4.51 4.71
C HIS A 80 21.69 -5.41 4.91
N HIS A 81 22.27 -5.83 3.80
CA HIS A 81 23.52 -6.58 3.82
C HIS A 81 24.22 -6.45 2.48
N MET A 1 6.24 3.81 -12.52
CA MET A 1 5.99 3.67 -11.07
C MET A 1 5.07 2.48 -10.81
N PHE A 2 5.15 1.93 -9.61
CA PHE A 2 4.30 0.82 -9.20
C PHE A 2 3.49 1.23 -7.98
N SER A 3 2.19 1.38 -8.17
CA SER A 3 1.32 1.91 -7.12
C SER A 3 0.86 0.79 -6.17
N LEU A 4 0.43 1.19 -4.98
CA LEU A 4 -0.06 0.24 -3.98
C LEU A 4 -1.36 -0.42 -4.44
N ARG A 5 -2.14 0.32 -5.22
CA ARG A 5 -3.41 -0.18 -5.75
C ARG A 5 -3.17 -1.18 -6.87
N ASP A 6 -1.91 -1.31 -7.26
CA ASP A 6 -1.52 -2.18 -8.36
C ASP A 6 -1.07 -3.54 -7.82
N ALA A 7 -1.12 -3.66 -6.49
CA ALA A 7 -0.75 -4.90 -5.83
C ALA A 7 -1.96 -5.82 -5.71
N LYS A 8 -1.76 -7.08 -6.05
CA LYS A 8 -2.84 -8.06 -6.00
C LYS A 8 -3.09 -8.55 -4.58
N CYS A 9 -4.26 -9.13 -4.38
CA CYS A 9 -4.66 -9.67 -3.09
C CYS A 9 -3.78 -10.84 -2.69
N GLY A 10 -3.29 -10.83 -1.47
CA GLY A 10 -2.51 -11.93 -0.96
C GLY A 10 -1.02 -11.72 -1.12
N GLN A 11 -0.64 -10.55 -1.61
CA GLN A 11 0.77 -10.24 -1.82
C GLN A 11 1.25 -9.21 -0.81
N THR A 12 2.52 -9.33 -0.41
CA THR A 12 3.13 -8.36 0.46
C THR A 12 4.08 -7.46 -0.33
N VAL A 13 3.74 -6.18 -0.38
CA VAL A 13 4.56 -5.21 -1.09
C VAL A 13 5.12 -4.20 -0.10
N LYS A 14 6.26 -3.60 -0.44
CA LYS A 14 6.91 -2.66 0.46
C LYS A 14 6.80 -1.23 -0.07
N VAL A 15 6.33 -0.33 0.78
CA VAL A 15 6.15 1.07 0.41
C VAL A 15 7.49 1.75 0.25
N VAL A 16 7.69 2.41 -0.89
CA VAL A 16 8.95 3.05 -1.20
C VAL A 16 8.84 4.57 -1.23
N LYS A 17 7.78 5.08 -1.83
CA LYS A 17 7.60 6.52 -1.92
C LYS A 17 6.14 6.90 -1.79
N LEU A 18 5.91 8.11 -1.31
CA LEU A 18 4.56 8.60 -1.09
C LEU A 18 4.34 9.91 -1.85
N HIS A 19 3.32 9.94 -2.69
CA HIS A 19 2.95 11.16 -3.39
C HIS A 19 1.89 11.91 -2.59
N GLY A 20 1.84 13.23 -2.75
CA GLY A 20 0.86 14.02 -2.05
C GLY A 20 1.37 15.39 -1.67
N THR A 21 0.46 16.31 -1.40
CA THR A 21 0.82 17.67 -1.06
C THR A 21 1.01 17.84 0.46
N GLY A 22 1.89 17.02 1.02
CA GLY A 22 2.19 17.11 2.44
C GLY A 22 1.11 16.52 3.32
N ALA A 23 -0.07 17.14 3.29
CA ALA A 23 -1.17 16.74 4.15
C ALA A 23 -1.60 15.30 3.86
N LEU A 24 -1.66 14.96 2.58
CA LEU A 24 -2.01 13.61 2.17
C LEU A 24 -0.97 12.61 2.68
N LYS A 25 0.31 12.97 2.57
CA LYS A 25 1.39 12.10 3.03
C LYS A 25 1.26 11.85 4.53
N ARG A 26 1.02 12.91 5.28
CA ARG A 26 0.89 12.81 6.73
C ARG A 26 -0.26 11.88 7.11
N ARG A 27 -1.39 12.04 6.44
CA ARG A 27 -2.54 11.17 6.68
C ARG A 27 -2.15 9.71 6.51
N ILE A 28 -1.53 9.40 5.37
CA ILE A 28 -1.11 8.03 5.07
C ILE A 28 -0.18 7.49 6.16
N MET A 29 0.79 8.31 6.56
CA MET A 29 1.76 7.92 7.57
C MET A 29 1.13 7.80 8.95
N ASP A 30 0.08 8.59 9.19
CA ASP A 30 -0.63 8.56 10.46
C ASP A 30 -1.24 7.19 10.72
N MET A 31 -1.77 6.57 9.66
CA MET A 31 -2.30 5.21 9.76
C MET A 31 -1.17 4.19 9.97
N GLY A 32 0.05 4.60 9.67
CA GLY A 32 1.19 3.73 9.84
C GLY A 32 1.90 3.43 8.54
N ILE A 33 1.32 3.90 7.45
CA ILE A 33 1.87 3.64 6.12
C ILE A 33 2.99 4.62 5.81
N THR A 34 4.22 4.15 5.81
CA THR A 34 5.35 5.01 5.57
C THR A 34 6.41 4.31 4.72
N ARG A 35 7.51 4.98 4.44
CA ARG A 35 8.53 4.45 3.55
C ARG A 35 9.35 3.37 4.25
N GLY A 36 9.41 2.19 3.64
CA GLY A 36 10.20 1.11 4.20
C GLY A 36 9.38 0.10 4.94
N CYS A 37 8.06 0.21 4.87
CA CYS A 37 7.18 -0.73 5.55
C CYS A 37 6.61 -1.74 4.55
N GLU A 38 6.51 -2.99 4.97
CA GLU A 38 5.90 -4.03 4.16
C GLU A 38 4.41 -4.11 4.45
N ILE A 39 3.61 -4.09 3.40
CA ILE A 39 2.16 -4.14 3.55
C ILE A 39 1.60 -5.37 2.86
N TYR A 40 0.98 -6.23 3.65
CA TYR A 40 0.24 -7.37 3.12
C TYR A 40 -1.12 -6.90 2.65
N ILE A 41 -1.36 -6.99 1.35
CA ILE A 41 -2.65 -6.61 0.78
C ILE A 41 -3.68 -7.68 1.07
N ARG A 42 -4.54 -7.41 2.05
CA ARG A 42 -5.52 -8.38 2.49
C ARG A 42 -6.53 -8.67 1.40
N LYS A 43 -7.19 -7.63 0.91
CA LYS A 43 -8.25 -7.80 -0.07
C LYS A 43 -8.39 -6.58 -0.96
N VAL A 44 -8.49 -6.81 -2.26
CA VAL A 44 -8.77 -5.75 -3.22
C VAL A 44 -10.21 -5.88 -3.68
N ALA A 45 -10.93 -4.77 -3.68
CA ALA A 45 -12.34 -4.78 -4.06
C ALA A 45 -12.50 -4.83 -5.57
N PRO A 46 -13.54 -5.53 -6.06
CA PRO A 46 -13.79 -5.68 -7.51
C PRO A 46 -14.03 -4.33 -8.20
N LEU A 47 -14.36 -3.32 -7.42
CA LEU A 47 -14.61 -1.98 -7.94
C LEU A 47 -13.45 -1.05 -7.60
N GLY A 48 -12.35 -1.63 -7.12
CA GLY A 48 -11.18 -0.85 -6.75
C GLY A 48 -10.99 -0.82 -5.26
N ASP A 49 -11.78 -0.01 -4.57
CA ASP A 49 -11.66 0.12 -3.13
C ASP A 49 -13.03 -0.15 -2.46
N PRO A 50 -13.08 -0.27 -1.12
CA PRO A 50 -11.93 -0.08 -0.23
C PRO A 50 -10.91 -1.20 -0.33
N ILE A 51 -9.63 -0.81 -0.31
CA ILE A 51 -8.55 -1.78 -0.31
C ILE A 51 -8.11 -2.05 1.12
N GLN A 52 -8.20 -3.30 1.52
CA GLN A 52 -7.86 -3.67 2.88
C GLN A 52 -6.40 -4.07 2.99
N ILE A 53 -5.65 -3.31 3.80
CA ILE A 53 -4.23 -3.56 3.98
C ILE A 53 -3.93 -3.84 5.45
N ASN A 54 -3.08 -4.83 5.70
CA ASN A 54 -2.76 -5.23 7.07
C ASN A 54 -1.49 -4.55 7.54
N VAL A 55 -1.63 -3.62 8.49
CA VAL A 55 -0.52 -2.84 9.02
C VAL A 55 -0.74 -2.55 10.50
N ARG A 56 0.30 -2.75 11.31
CA ARG A 56 0.28 -2.44 12.74
C ARG A 56 -0.67 -3.36 13.49
N GLY A 57 -0.97 -4.50 12.88
CA GLY A 57 -1.93 -5.42 13.48
C GLY A 57 -3.32 -5.18 12.96
N TYR A 58 -3.58 -3.95 12.54
CA TYR A 58 -4.89 -3.56 12.06
C TYR A 58 -4.99 -3.80 10.56
N GLU A 59 -6.21 -3.93 10.07
CA GLU A 59 -6.45 -3.98 8.65
C GLU A 59 -7.22 -2.75 8.22
N LEU A 60 -6.54 -1.89 7.49
CA LEU A 60 -7.04 -0.56 7.19
C LEU A 60 -7.84 -0.56 5.90
N SER A 61 -8.82 0.33 5.83
CA SER A 61 -9.59 0.51 4.62
C SER A 61 -9.09 1.75 3.88
N LEU A 62 -8.39 1.52 2.77
CA LEU A 62 -7.76 2.61 2.04
C LEU A 62 -8.52 2.90 0.75
N ARG A 63 -8.69 4.20 0.46
CA ARG A 63 -9.34 4.64 -0.76
C ARG A 63 -8.40 4.41 -1.94
N LYS A 64 -8.96 4.02 -3.07
CA LYS A 64 -8.17 3.70 -4.27
C LYS A 64 -7.33 4.90 -4.70
N SER A 65 -7.86 6.10 -4.52
CA SER A 65 -7.17 7.32 -4.93
C SER A 65 -5.83 7.46 -4.20
N ALA A 66 -5.85 7.20 -2.90
CA ALA A 66 -4.63 7.27 -2.09
C ALA A 66 -3.70 6.11 -2.40
N ALA A 67 -4.29 4.97 -2.75
CA ALA A 67 -3.51 3.79 -3.08
C ALA A 67 -2.77 3.97 -4.42
N GLU A 68 -3.24 4.90 -5.23
CA GLU A 68 -2.55 5.25 -6.47
C GLU A 68 -1.49 6.31 -6.21
N MET A 69 -1.60 6.97 -5.06
CA MET A 69 -0.68 8.03 -4.70
C MET A 69 0.55 7.46 -4.00
N ILE A 70 0.45 6.22 -3.57
CA ILE A 70 1.54 5.53 -2.92
C ILE A 70 2.23 4.60 -3.90
N GLU A 71 3.56 4.65 -3.97
CA GLU A 71 4.27 3.65 -4.76
C GLU A 71 4.95 2.64 -3.85
N VAL A 72 4.95 1.41 -4.30
CA VAL A 72 5.52 0.30 -3.55
C VAL A 72 6.34 -0.58 -4.49
N GLU A 73 6.99 -1.58 -3.93
CA GLU A 73 7.72 -2.54 -4.75
C GLU A 73 7.28 -3.96 -4.44
N LEU A 74 7.25 -4.79 -5.48
CA LEU A 74 6.91 -6.19 -5.35
C LEU A 74 8.12 -6.93 -4.79
N GLU A 75 8.02 -7.39 -3.55
CA GLU A 75 9.14 -8.05 -2.91
C GLU A 75 9.31 -9.46 -3.47
N HIS A 76 10.30 -9.61 -4.34
CA HIS A 76 10.59 -10.89 -4.96
C HIS A 76 12.10 -10.98 -5.20
N HIS A 77 12.85 -10.30 -4.33
CA HIS A 77 14.30 -10.24 -4.44
C HIS A 77 14.93 -11.63 -4.26
N HIS A 78 14.31 -12.46 -3.45
CA HIS A 78 14.84 -13.80 -3.19
C HIS A 78 14.52 -14.75 -4.34
N HIS A 79 15.37 -14.72 -5.36
CA HIS A 79 15.25 -15.60 -6.51
C HIS A 79 16.50 -15.51 -7.36
N HIS A 80 16.80 -14.30 -7.82
CA HIS A 80 17.97 -14.06 -8.66
C HIS A 80 19.23 -14.05 -7.83
N HIS A 81 20.21 -14.85 -8.22
CA HIS A 81 21.51 -14.84 -7.56
C HIS A 81 22.45 -13.91 -8.30
N MET A 1 6.80 2.88 -12.40
CA MET A 1 5.96 3.15 -11.21
C MET A 1 5.04 1.98 -10.91
N PHE A 2 5.05 1.54 -9.67
CA PHE A 2 4.14 0.50 -9.23
C PHE A 2 3.31 1.03 -8.07
N SER A 3 2.03 1.24 -8.32
CA SER A 3 1.15 1.83 -7.33
C SER A 3 0.65 0.78 -6.35
N LEU A 4 0.35 1.21 -5.13
CA LEU A 4 -0.15 0.32 -4.09
C LEU A 4 -1.53 -0.24 -4.48
N ARG A 5 -2.22 0.49 -5.35
CA ARG A 5 -3.52 0.07 -5.88
C ARG A 5 -3.38 -1.20 -6.70
N ASP A 6 -2.15 -1.45 -7.20
CA ASP A 6 -1.88 -2.59 -8.06
C ASP A 6 -1.52 -3.82 -7.25
N ALA A 7 -1.47 -3.67 -5.94
CA ALA A 7 -1.20 -4.79 -5.05
C ALA A 7 -2.50 -5.52 -4.72
N LYS A 8 -2.57 -6.78 -5.10
CA LYS A 8 -3.81 -7.54 -4.96
C LYS A 8 -3.84 -8.33 -3.67
N CYS A 9 -5.01 -8.91 -3.38
CA CYS A 9 -5.22 -9.68 -2.17
C CYS A 9 -4.29 -10.89 -2.12
N GLY A 10 -3.53 -10.98 -1.05
CA GLY A 10 -2.62 -12.09 -0.88
C GLY A 10 -1.20 -11.73 -1.24
N GLN A 11 -1.02 -10.56 -1.84
CA GLN A 11 0.30 -10.10 -2.22
C GLN A 11 0.91 -9.23 -1.13
N THR A 12 2.23 -9.14 -1.14
CA THR A 12 2.95 -8.32 -0.19
C THR A 12 3.88 -7.37 -0.93
N VAL A 13 3.79 -6.09 -0.60
CA VAL A 13 4.59 -5.07 -1.26
C VAL A 13 5.33 -4.22 -0.24
N LYS A 14 6.13 -3.28 -0.73
CA LYS A 14 6.91 -2.41 0.12
C LYS A 14 6.75 -0.96 -0.34
N VAL A 15 6.38 -0.08 0.57
CA VAL A 15 6.22 1.34 0.24
C VAL A 15 7.58 2.02 0.20
N VAL A 16 7.89 2.68 -0.90
CA VAL A 16 9.19 3.33 -1.01
C VAL A 16 9.07 4.85 -1.11
N LYS A 17 8.15 5.35 -1.91
CA LYS A 17 8.00 6.79 -2.05
C LYS A 17 6.55 7.21 -2.03
N LEU A 18 6.28 8.28 -1.32
CA LEU A 18 4.95 8.85 -1.24
C LEU A 18 4.89 10.07 -2.18
N HIS A 19 4.01 10.01 -3.18
CA HIS A 19 3.96 11.05 -4.21
C HIS A 19 3.05 12.20 -3.81
N GLY A 20 2.41 12.06 -2.66
CA GLY A 20 1.51 13.10 -2.18
C GLY A 20 2.23 14.19 -1.43
N THR A 21 1.56 15.31 -1.22
CA THR A 21 2.13 16.41 -0.46
C THR A 21 1.90 16.19 1.04
N GLY A 22 2.27 17.16 1.87
CA GLY A 22 2.23 17.00 3.32
C GLY A 22 0.90 16.49 3.86
N ALA A 23 -0.21 17.02 3.35
CA ALA A 23 -1.53 16.63 3.83
C ALA A 23 -1.81 15.17 3.49
N LEU A 24 -1.35 14.74 2.33
CA LEU A 24 -1.51 13.36 1.89
C LEU A 24 -0.58 12.46 2.71
N LYS A 25 0.67 12.88 2.83
CA LYS A 25 1.69 12.12 3.55
C LYS A 25 1.25 11.82 4.97
N ARG A 26 0.87 12.86 5.70
CA ARG A 26 0.56 12.73 7.11
C ARG A 26 -0.68 11.85 7.32
N ARG A 27 -1.62 11.93 6.39
CA ARG A 27 -2.83 11.12 6.43
C ARG A 27 -2.46 9.64 6.38
N ILE A 28 -1.59 9.30 5.43
CA ILE A 28 -1.16 7.93 5.23
C ILE A 28 -0.25 7.47 6.37
N MET A 29 0.58 8.38 6.85
CA MET A 29 1.50 8.09 7.96
C MET A 29 0.74 7.80 9.24
N ASP A 30 -0.29 8.60 9.51
CA ASP A 30 -1.15 8.39 10.68
C ASP A 30 -1.79 7.02 10.62
N MET A 31 -2.07 6.58 9.41
CA MET A 31 -2.67 5.27 9.15
C MET A 31 -1.70 4.16 9.51
N GLY A 32 -0.41 4.47 9.48
CA GLY A 32 0.60 3.48 9.78
C GLY A 32 1.49 3.19 8.60
N ILE A 33 1.03 3.60 7.42
CA ILE A 33 1.75 3.32 6.19
C ILE A 33 2.86 4.34 5.99
N THR A 34 4.10 3.87 6.01
CA THR A 34 5.26 4.75 5.91
C THR A 34 6.25 4.22 4.87
N ARG A 35 7.39 4.89 4.73
CA ARG A 35 8.39 4.47 3.77
C ARG A 35 9.22 3.32 4.35
N GLY A 36 9.34 2.25 3.58
CA GLY A 36 10.12 1.12 4.01
C GLY A 36 9.34 0.17 4.90
N CYS A 37 8.02 0.15 4.74
CA CYS A 37 7.19 -0.75 5.53
C CYS A 37 6.66 -1.89 4.67
N GLU A 38 6.47 -3.03 5.29
CA GLU A 38 5.95 -4.21 4.61
C GLU A 38 4.42 -4.15 4.57
N ILE A 39 3.87 -4.16 3.37
CA ILE A 39 2.44 -4.00 3.16
C ILE A 39 1.83 -5.29 2.63
N TYR A 40 0.97 -5.91 3.43
CA TYR A 40 0.23 -7.08 2.99
C TYR A 40 -1.21 -6.70 2.68
N ILE A 41 -1.65 -7.01 1.48
CA ILE A 41 -3.00 -6.67 1.06
C ILE A 41 -3.97 -7.81 1.36
N ARG A 42 -4.96 -7.51 2.20
CA ARG A 42 -5.98 -8.49 2.58
C ARG A 42 -6.95 -8.70 1.45
N LYS A 43 -7.58 -7.62 0.99
CA LYS A 43 -8.64 -7.68 0.01
C LYS A 43 -8.63 -6.45 -0.89
N VAL A 44 -8.82 -6.67 -2.19
CA VAL A 44 -9.05 -5.58 -3.12
C VAL A 44 -10.46 -5.69 -3.66
N ALA A 45 -11.25 -4.64 -3.49
CA ALA A 45 -12.64 -4.64 -3.92
C ALA A 45 -12.73 -4.60 -5.44
N PRO A 46 -13.73 -5.29 -6.02
CA PRO A 46 -13.94 -5.32 -7.47
C PRO A 46 -14.27 -3.93 -8.04
N LEU A 47 -14.74 -3.06 -7.17
CA LEU A 47 -15.03 -1.67 -7.55
C LEU A 47 -13.74 -0.86 -7.57
N GLY A 48 -12.72 -1.38 -6.91
CA GLY A 48 -11.45 -0.69 -6.80
C GLY A 48 -11.06 -0.43 -5.37
N ASP A 49 -12.03 -0.02 -4.57
CA ASP A 49 -11.78 0.27 -3.16
C ASP A 49 -13.09 0.13 -2.39
N PRO A 50 -13.05 0.11 -1.04
CA PRO A 50 -11.82 0.26 -0.26
C PRO A 50 -10.88 -0.95 -0.35
N ILE A 51 -9.59 -0.67 -0.28
CA ILE A 51 -8.58 -1.70 -0.29
C ILE A 51 -8.22 -2.05 1.15
N GLN A 52 -8.17 -3.34 1.45
CA GLN A 52 -7.89 -3.80 2.81
C GLN A 52 -6.43 -4.19 2.95
N ILE A 53 -5.74 -3.54 3.88
CA ILE A 53 -4.33 -3.85 4.13
C ILE A 53 -4.16 -4.28 5.58
N ASN A 54 -3.07 -4.99 5.86
CA ASN A 54 -2.70 -5.34 7.22
C ASN A 54 -1.35 -4.74 7.55
N VAL A 55 -1.34 -3.75 8.43
CA VAL A 55 -0.12 -3.09 8.85
C VAL A 55 -0.08 -3.03 10.36
N ARG A 56 1.03 -3.47 10.96
CA ARG A 56 1.19 -3.46 12.42
C ARG A 56 0.17 -4.40 13.07
N GLY A 57 -0.36 -5.32 12.27
CA GLY A 57 -1.39 -6.23 12.75
C GLY A 57 -2.77 -5.59 12.73
N TYR A 58 -2.85 -4.41 12.14
CA TYR A 58 -4.10 -3.67 12.07
C TYR A 58 -4.64 -3.70 10.65
N GLU A 59 -5.92 -4.05 10.49
CA GLU A 59 -6.57 -3.96 9.19
C GLU A 59 -6.86 -2.50 8.87
N LEU A 60 -6.57 -2.13 7.64
CA LEU A 60 -6.75 -0.75 7.21
C LEU A 60 -7.60 -0.70 5.95
N SER A 61 -8.55 0.22 5.92
CA SER A 61 -9.33 0.48 4.72
C SER A 61 -8.76 1.70 3.99
N LEU A 62 -8.09 1.46 2.87
CA LEU A 62 -7.49 2.54 2.12
C LEU A 62 -8.28 2.81 0.85
N ARG A 63 -8.39 4.09 0.50
CA ARG A 63 -9.06 4.50 -0.73
C ARG A 63 -8.12 4.28 -1.91
N LYS A 64 -8.68 3.80 -3.02
CA LYS A 64 -7.88 3.45 -4.19
C LYS A 64 -7.14 4.68 -4.74
N SER A 65 -7.74 5.85 -4.56
CA SER A 65 -7.13 7.10 -5.00
C SER A 65 -5.79 7.33 -4.30
N ALA A 66 -5.73 6.99 -3.03
CA ALA A 66 -4.49 7.10 -2.28
C ALA A 66 -3.53 5.98 -2.64
N ALA A 67 -4.09 4.81 -2.93
CA ALA A 67 -3.29 3.64 -3.28
C ALA A 67 -2.57 3.84 -4.62
N GLU A 68 -3.17 4.63 -5.51
CA GLU A 68 -2.61 4.83 -6.84
C GLU A 68 -1.70 6.06 -6.89
N MET A 69 -1.45 6.67 -5.74
CA MET A 69 -0.54 7.82 -5.68
C MET A 69 0.69 7.46 -4.84
N ILE A 70 0.87 6.18 -4.59
CA ILE A 70 1.98 5.70 -3.78
C ILE A 70 2.92 4.82 -4.60
N GLU A 71 4.22 5.07 -4.45
CA GLU A 71 5.23 4.28 -5.13
C GLU A 71 5.66 3.11 -4.25
N VAL A 72 5.38 1.90 -4.71
CA VAL A 72 5.75 0.71 -3.96
C VAL A 72 6.45 -0.31 -4.86
N GLU A 73 7.01 -1.34 -4.25
CA GLU A 73 7.65 -2.41 -4.99
C GLU A 73 7.16 -3.76 -4.48
N LEU A 74 7.43 -4.81 -5.24
CA LEU A 74 6.96 -6.14 -4.89
C LEU A 74 7.92 -6.81 -3.90
N GLU A 75 7.35 -7.39 -2.86
CA GLU A 75 8.11 -8.17 -1.88
C GLU A 75 8.05 -9.64 -2.28
N HIS A 76 8.41 -10.54 -1.36
CA HIS A 76 8.38 -11.97 -1.65
C HIS A 76 6.95 -12.43 -1.94
N HIS A 77 6.68 -12.73 -3.20
CA HIS A 77 5.33 -13.08 -3.60
C HIS A 77 5.06 -14.58 -3.40
N HIS A 78 4.91 -14.99 -2.15
CA HIS A 78 4.59 -16.37 -1.84
C HIS A 78 3.17 -16.48 -1.32
N HIS A 79 2.24 -16.69 -2.24
CA HIS A 79 0.84 -16.84 -1.87
C HIS A 79 0.35 -18.21 -2.32
N HIS A 80 1.16 -18.88 -3.12
CA HIS A 80 0.92 -20.28 -3.45
C HIS A 80 1.48 -21.16 -2.34
N HIS A 81 2.40 -20.58 -1.57
CA HIS A 81 2.99 -21.24 -0.42
C HIS A 81 3.94 -20.29 0.27
N MET A 1 7.08 3.04 -11.65
CA MET A 1 6.18 3.23 -10.49
C MET A 1 5.19 2.08 -10.41
N PHE A 2 5.26 1.33 -9.32
CA PHE A 2 4.31 0.25 -9.07
C PHE A 2 3.28 0.73 -8.04
N SER A 3 2.05 0.90 -8.49
CA SER A 3 1.01 1.44 -7.62
C SER A 3 0.51 0.37 -6.65
N LEU A 4 0.24 0.79 -5.42
CA LEU A 4 -0.32 -0.12 -4.41
C LEU A 4 -1.67 -0.66 -4.88
N ARG A 5 -2.40 0.18 -5.61
CA ARG A 5 -3.69 -0.22 -6.18
C ARG A 5 -3.49 -1.30 -7.24
N ASP A 6 -2.34 -1.28 -7.89
CA ASP A 6 -2.05 -2.16 -9.02
C ASP A 6 -1.63 -3.55 -8.55
N ALA A 7 -1.33 -3.65 -7.26
CA ALA A 7 -0.97 -4.92 -6.66
C ALA A 7 -2.22 -5.78 -6.45
N LYS A 8 -2.05 -6.92 -5.80
CA LYS A 8 -3.16 -7.84 -5.58
C LYS A 8 -3.19 -8.31 -4.13
N CYS A 9 -4.27 -8.99 -3.75
CA CYS A 9 -4.43 -9.47 -2.39
C CYS A 9 -3.53 -10.67 -2.12
N GLY A 10 -3.06 -10.79 -0.88
CA GLY A 10 -2.18 -11.89 -0.52
C GLY A 10 -0.73 -11.59 -0.82
N GLN A 11 -0.48 -10.40 -1.36
CA GLN A 11 0.86 -9.99 -1.73
C GLN A 11 1.44 -9.07 -0.65
N THR A 12 2.74 -9.21 -0.42
CA THR A 12 3.43 -8.37 0.56
C THR A 12 4.27 -7.32 -0.16
N VAL A 13 3.88 -6.07 -0.03
CA VAL A 13 4.59 -4.97 -0.67
C VAL A 13 5.25 -4.07 0.37
N LYS A 14 6.21 -3.29 -0.07
CA LYS A 14 6.90 -2.34 0.80
C LYS A 14 6.74 -0.93 0.23
N VAL A 15 6.41 0.03 1.07
CA VAL A 15 6.21 1.40 0.61
C VAL A 15 7.55 2.03 0.22
N VAL A 16 7.64 2.47 -1.03
CA VAL A 16 8.88 3.09 -1.52
C VAL A 16 8.68 4.57 -1.83
N LYS A 17 7.49 4.95 -2.27
CA LYS A 17 7.24 6.35 -2.62
C LYS A 17 5.88 6.81 -2.13
N LEU A 18 5.87 7.88 -1.34
CA LEU A 18 4.64 8.49 -0.88
C LEU A 18 4.36 9.77 -1.66
N HIS A 19 3.44 9.70 -2.61
CA HIS A 19 3.06 10.88 -3.38
C HIS A 19 2.10 11.75 -2.56
N GLY A 20 1.80 12.92 -3.09
CA GLY A 20 0.96 13.85 -2.37
C GLY A 20 1.80 14.88 -1.64
N THR A 21 1.15 15.83 -1.00
CA THR A 21 1.88 16.85 -0.26
C THR A 21 1.29 17.06 1.11
N GLY A 22 2.11 16.80 2.14
CA GLY A 22 1.71 17.08 3.51
C GLY A 22 0.54 16.24 3.98
N ALA A 23 -0.67 16.75 3.80
CA ALA A 23 -1.89 16.12 4.29
C ALA A 23 -1.98 14.65 3.88
N LEU A 24 -1.81 14.39 2.58
CA LEU A 24 -1.86 13.03 2.06
C LEU A 24 -0.82 12.14 2.75
N LYS A 25 0.42 12.62 2.77
CA LYS A 25 1.51 11.89 3.40
C LYS A 25 1.23 11.66 4.88
N ARG A 26 0.93 12.75 5.58
CA ARG A 26 0.69 12.72 7.02
C ARG A 26 -0.43 11.75 7.37
N ARG A 27 -1.48 11.75 6.55
CA ARG A 27 -2.63 10.89 6.78
C ARG A 27 -2.23 9.42 6.76
N ILE A 28 -1.52 9.04 5.70
CA ILE A 28 -1.07 7.67 5.53
C ILE A 28 0.01 7.30 6.55
N MET A 29 0.96 8.20 6.77
CA MET A 29 2.10 7.91 7.66
C MET A 29 1.66 7.75 9.11
N ASP A 30 0.64 8.51 9.51
CA ASP A 30 0.16 8.47 10.89
C ASP A 30 -0.38 7.09 11.25
N MET A 31 -0.87 6.38 10.24
CA MET A 31 -1.45 5.06 10.45
C MET A 31 -0.35 4.00 10.54
N GLY A 32 0.89 4.42 10.32
CA GLY A 32 2.01 3.49 10.39
C GLY A 32 2.57 3.19 9.01
N ILE A 33 1.97 3.77 7.99
CA ILE A 33 2.38 3.51 6.62
C ILE A 33 3.33 4.60 6.13
N THR A 34 4.61 4.28 6.09
CA THR A 34 5.61 5.20 5.57
C THR A 34 6.63 4.44 4.73
N ARG A 35 7.42 5.15 3.96
CA ARG A 35 8.39 4.53 3.08
C ARG A 35 9.41 3.74 3.90
N GLY A 36 9.53 2.46 3.55
CA GLY A 36 10.39 1.57 4.30
C GLY A 36 9.60 0.46 4.97
N CYS A 37 8.36 0.77 5.33
CA CYS A 37 7.48 -0.20 5.95
C CYS A 37 6.79 -1.06 4.90
N GLU A 38 6.44 -2.28 5.27
CA GLU A 38 5.75 -3.19 4.35
C GLU A 38 4.26 -3.25 4.67
N ILE A 39 3.49 -3.70 3.71
CA ILE A 39 2.05 -3.82 3.83
C ILE A 39 1.58 -5.15 3.30
N TYR A 40 0.85 -5.90 4.11
CA TYR A 40 0.20 -7.10 3.64
C TYR A 40 -1.19 -6.75 3.11
N ILE A 41 -1.39 -6.96 1.83
CA ILE A 41 -2.65 -6.59 1.20
C ILE A 41 -3.72 -7.65 1.44
N ARG A 42 -4.84 -7.22 2.03
CA ARG A 42 -5.94 -8.12 2.34
C ARG A 42 -6.94 -8.20 1.20
N LYS A 43 -7.47 -7.05 0.80
CA LYS A 43 -8.52 -7.00 -0.21
C LYS A 43 -8.36 -5.83 -1.16
N VAL A 44 -8.10 -6.14 -2.42
CA VAL A 44 -8.15 -5.13 -3.48
C VAL A 44 -9.30 -5.48 -4.41
N ALA A 45 -10.21 -4.54 -4.61
CA ALA A 45 -11.35 -4.76 -5.48
C ALA A 45 -10.89 -4.85 -6.93
N PRO A 46 -11.53 -5.72 -7.72
CA PRO A 46 -11.20 -5.89 -9.14
C PRO A 46 -11.30 -4.59 -9.92
N LEU A 47 -12.15 -3.69 -9.45
CA LEU A 47 -12.29 -2.37 -10.06
C LEU A 47 -11.24 -1.43 -9.49
N GLY A 48 -11.06 -1.46 -8.17
CA GLY A 48 -10.10 -0.62 -7.52
C GLY A 48 -10.34 -0.51 -6.03
N ASP A 49 -11.20 0.42 -5.64
CA ASP A 49 -11.53 0.63 -4.24
C ASP A 49 -12.64 -0.32 -3.80
N PRO A 50 -12.66 -0.69 -2.51
CA PRO A 50 -11.68 -0.24 -1.53
C PRO A 50 -10.46 -1.15 -1.47
N ILE A 51 -9.41 -0.67 -0.81
CA ILE A 51 -8.19 -1.45 -0.64
C ILE A 51 -7.95 -1.69 0.85
N GLN A 52 -8.26 -2.90 1.28
CA GLN A 52 -8.04 -3.29 2.67
C GLN A 52 -6.63 -3.86 2.82
N ILE A 53 -5.89 -3.32 3.76
CA ILE A 53 -4.50 -3.71 3.97
C ILE A 53 -4.21 -3.90 5.44
N ASN A 54 -3.27 -4.76 5.76
CA ASN A 54 -2.85 -4.94 7.14
C ASN A 54 -1.44 -4.40 7.32
N VAL A 55 -1.35 -3.31 8.06
CA VAL A 55 -0.07 -2.64 8.26
C VAL A 55 0.34 -2.72 9.72
N ARG A 56 1.48 -3.37 9.97
CA ARG A 56 2.05 -3.52 11.32
C ARG A 56 1.21 -4.46 12.19
N GLY A 57 0.05 -4.85 11.70
CA GLY A 57 -0.86 -5.67 12.47
C GLY A 57 -2.25 -5.08 12.51
N TYR A 58 -2.34 -3.78 12.21
CA TYR A 58 -3.61 -3.10 12.17
C TYR A 58 -4.22 -3.16 10.77
N GLU A 59 -5.49 -3.50 10.71
CA GLU A 59 -6.18 -3.63 9.44
C GLU A 59 -6.82 -2.31 9.06
N LEU A 60 -6.47 -1.83 7.87
CA LEU A 60 -6.90 -0.53 7.39
C LEU A 60 -7.63 -0.66 6.07
N SER A 61 -8.46 0.31 5.75
CA SER A 61 -9.18 0.34 4.48
C SER A 61 -8.95 1.68 3.80
N LEU A 62 -8.22 1.68 2.70
CA LEU A 62 -7.94 2.89 1.96
C LEU A 62 -8.74 2.94 0.66
N ARG A 63 -8.92 4.13 0.13
CA ARG A 63 -9.64 4.30 -1.11
C ARG A 63 -8.70 4.19 -2.30
N LYS A 64 -9.28 4.11 -3.50
CA LYS A 64 -8.51 3.93 -4.72
C LYS A 64 -7.52 5.06 -4.91
N SER A 65 -7.96 6.28 -4.65
CA SER A 65 -7.15 7.46 -4.83
C SER A 65 -5.84 7.40 -4.05
N ALA A 66 -5.92 6.99 -2.78
CA ALA A 66 -4.74 6.91 -1.93
C ALA A 66 -3.86 5.74 -2.33
N ALA A 67 -4.47 4.59 -2.56
CA ALA A 67 -3.74 3.38 -2.93
C ALA A 67 -3.01 3.56 -4.27
N GLU A 68 -3.63 4.31 -5.15
CA GLU A 68 -3.13 4.45 -6.51
C GLU A 68 -2.06 5.54 -6.59
N MET A 69 -1.96 6.36 -5.55
CA MET A 69 -0.96 7.43 -5.52
C MET A 69 0.28 6.97 -4.77
N ILE A 70 0.24 5.76 -4.25
CA ILE A 70 1.37 5.24 -3.50
C ILE A 70 2.12 4.21 -4.33
N GLU A 71 3.42 4.40 -4.45
CA GLU A 71 4.27 3.47 -5.16
C GLU A 71 4.94 2.54 -4.17
N VAL A 72 4.77 1.24 -4.40
CA VAL A 72 5.26 0.24 -3.49
C VAL A 72 6.12 -0.79 -4.22
N GLU A 73 6.93 -1.50 -3.44
CA GLU A 73 7.79 -2.54 -3.95
C GLU A 73 7.22 -3.89 -3.58
N LEU A 74 7.01 -4.73 -4.58
CA LEU A 74 6.50 -6.07 -4.34
C LEU A 74 7.65 -7.06 -4.32
N GLU A 75 7.56 -8.03 -3.41
CA GLU A 75 8.58 -9.07 -3.29
C GLU A 75 8.87 -9.69 -4.66
N HIS A 76 10.11 -9.53 -5.11
CA HIS A 76 10.49 -9.96 -6.45
C HIS A 76 11.77 -10.79 -6.41
N HIS A 77 11.65 -12.04 -6.82
CA HIS A 77 12.79 -12.94 -6.93
C HIS A 77 12.59 -13.88 -8.11
N HIS A 78 13.67 -14.53 -8.54
CA HIS A 78 13.67 -15.40 -9.73
C HIS A 78 13.54 -14.57 -11.01
N HIS A 79 13.35 -13.27 -10.84
CA HIS A 79 13.23 -12.37 -11.96
C HIS A 79 14.61 -11.83 -12.33
N HIS A 80 15.46 -12.73 -12.81
CA HIS A 80 16.83 -12.36 -13.20
C HIS A 80 16.81 -11.48 -14.43
N HIS A 81 15.81 -11.68 -15.27
CA HIS A 81 15.62 -10.87 -16.45
C HIS A 81 14.29 -10.13 -16.33
N MET A 1 5.93 4.12 -12.64
CA MET A 1 5.34 4.16 -11.29
C MET A 1 4.64 2.85 -10.97
N PHE A 2 4.79 2.38 -9.75
CA PHE A 2 4.07 1.22 -9.27
C PHE A 2 3.44 1.54 -7.93
N SER A 3 2.16 1.85 -7.95
CA SER A 3 1.46 2.27 -6.75
C SER A 3 0.87 1.08 -6.01
N LEU A 4 0.35 1.34 -4.82
CA LEU A 4 -0.28 0.31 -4.01
C LEU A 4 -1.53 -0.22 -4.72
N ARG A 5 -2.08 0.60 -5.61
CA ARG A 5 -3.23 0.21 -6.39
C ARG A 5 -2.81 -0.60 -7.63
N ASP A 6 -1.51 -0.66 -7.86
CA ASP A 6 -0.99 -1.45 -8.98
C ASP A 6 -0.68 -2.86 -8.53
N ALA A 7 -0.70 -3.08 -7.22
CA ALA A 7 -0.49 -4.41 -6.65
C ALA A 7 -1.76 -5.24 -6.77
N LYS A 8 -1.66 -6.52 -6.44
CA LYS A 8 -2.82 -7.41 -6.51
C LYS A 8 -3.04 -8.09 -5.17
N CYS A 9 -4.28 -8.52 -4.92
CA CYS A 9 -4.60 -9.19 -3.66
C CYS A 9 -3.84 -10.51 -3.55
N GLY A 10 -3.18 -10.71 -2.41
CA GLY A 10 -2.36 -11.89 -2.23
C GLY A 10 -0.89 -11.60 -2.38
N GLN A 11 -0.56 -10.32 -2.49
CA GLN A 11 0.83 -9.90 -2.61
C GLN A 11 1.26 -9.06 -1.41
N THR A 12 2.53 -9.18 -1.05
CA THR A 12 3.10 -8.36 0.00
C THR A 12 4.06 -7.34 -0.60
N VAL A 13 3.78 -6.07 -0.37
CA VAL A 13 4.62 -5.00 -0.87
C VAL A 13 5.15 -4.15 0.27
N LYS A 14 6.05 -3.24 -0.03
CA LYS A 14 6.54 -2.30 0.98
C LYS A 14 6.50 -0.89 0.45
N VAL A 15 6.33 0.06 1.34
CA VAL A 15 6.26 1.46 0.97
C VAL A 15 7.66 2.03 0.75
N VAL A 16 7.86 2.71 -0.37
CA VAL A 16 9.14 3.34 -0.64
C VAL A 16 9.03 4.85 -0.80
N LYS A 17 7.99 5.31 -1.49
CA LYS A 17 7.81 6.73 -1.74
C LYS A 17 6.35 7.11 -1.60
N LEU A 18 6.08 8.25 -0.99
CA LEU A 18 4.71 8.68 -0.78
C LEU A 18 4.40 9.94 -1.58
N HIS A 19 3.48 9.82 -2.52
CA HIS A 19 3.08 10.96 -3.35
C HIS A 19 1.99 11.73 -2.64
N GLY A 20 1.86 13.02 -2.95
CA GLY A 20 0.81 13.82 -2.34
C GLY A 20 1.25 15.24 -2.08
N THR A 21 0.27 16.11 -1.83
CA THR A 21 0.53 17.53 -1.59
C THR A 21 0.89 17.77 -0.12
N GLY A 22 1.58 16.82 0.49
CA GLY A 22 1.98 16.97 1.88
C GLY A 22 0.93 16.45 2.84
N ALA A 23 -0.23 17.09 2.85
CA ALA A 23 -1.30 16.71 3.77
C ALA A 23 -1.73 15.26 3.55
N LEU A 24 -1.87 14.87 2.30
CA LEU A 24 -2.23 13.49 1.96
C LEU A 24 -1.17 12.53 2.49
N LYS A 25 0.10 12.87 2.27
CA LYS A 25 1.22 12.06 2.73
C LYS A 25 1.18 11.89 4.25
N ARG A 26 0.99 12.99 4.95
CA ARG A 26 0.95 12.98 6.40
C ARG A 26 -0.22 12.13 6.90
N ARG A 27 -1.34 12.18 6.17
CA ARG A 27 -2.51 11.39 6.52
C ARG A 27 -2.20 9.89 6.41
N ILE A 28 -1.48 9.53 5.35
CA ILE A 28 -1.08 8.14 5.14
C ILE A 28 -0.23 7.65 6.31
N MET A 29 0.76 8.45 6.67
CA MET A 29 1.67 8.11 7.75
C MET A 29 0.94 8.09 9.08
N ASP A 30 -0.08 8.91 9.21
CA ASP A 30 -0.87 9.00 10.44
C ASP A 30 -1.58 7.67 10.72
N MET A 31 -2.01 6.99 9.67
CA MET A 31 -2.71 5.71 9.83
C MET A 31 -1.74 4.60 10.21
N GLY A 32 -0.45 4.83 9.96
CA GLY A 32 0.56 3.82 10.28
C GLY A 32 1.34 3.38 9.06
N ILE A 33 0.89 3.81 7.89
CA ILE A 33 1.54 3.44 6.65
C ILE A 33 2.74 4.36 6.39
N THR A 34 3.92 3.89 6.78
CA THR A 34 5.14 4.62 6.56
C THR A 34 6.08 3.84 5.66
N ARG A 35 7.05 4.50 5.06
CA ARG A 35 7.98 3.82 4.16
C ARG A 35 8.82 2.80 4.93
N GLY A 36 9.06 1.67 4.29
CA GLY A 36 9.82 0.62 4.94
C GLY A 36 8.93 -0.41 5.60
N CYS A 37 7.64 -0.11 5.70
CA CYS A 37 6.68 -1.02 6.30
C CYS A 37 6.08 -1.94 5.25
N GLU A 38 5.83 -3.18 5.65
CA GLU A 38 5.29 -4.18 4.75
C GLU A 38 3.77 -4.09 4.70
N ILE A 39 3.23 -4.07 3.50
CA ILE A 39 1.80 -4.01 3.29
C ILE A 39 1.34 -5.23 2.51
N TYR A 40 0.53 -6.06 3.14
CA TYR A 40 -0.05 -7.20 2.44
C TYR A 40 -1.43 -6.82 1.91
N ILE A 41 -1.61 -6.93 0.60
CA ILE A 41 -2.91 -6.67 -0.01
C ILE A 41 -3.84 -7.85 0.28
N ARG A 42 -4.72 -7.66 1.24
CA ARG A 42 -5.54 -8.74 1.76
C ARG A 42 -6.84 -8.88 0.96
N LYS A 43 -7.59 -7.79 0.86
CA LYS A 43 -8.87 -7.80 0.16
C LYS A 43 -9.04 -6.55 -0.69
N VAL A 44 -9.61 -6.74 -1.88
CA VAL A 44 -10.01 -5.62 -2.73
C VAL A 44 -11.52 -5.68 -2.94
N ALA A 45 -12.22 -4.67 -2.45
CA ALA A 45 -13.68 -4.66 -2.52
C ALA A 45 -14.17 -4.61 -3.97
N PRO A 46 -15.27 -5.31 -4.27
CA PRO A 46 -15.86 -5.33 -5.61
C PRO A 46 -16.51 -4.00 -5.95
N LEU A 47 -15.67 -3.05 -6.34
CA LEU A 47 -16.09 -1.70 -6.64
C LEU A 47 -14.86 -0.90 -7.07
N GLY A 48 -13.77 -1.14 -6.37
CA GLY A 48 -12.53 -0.46 -6.64
C GLY A 48 -11.89 0.04 -5.37
N ASP A 49 -12.72 0.36 -4.38
CA ASP A 49 -12.25 0.78 -3.07
C ASP A 49 -13.26 0.33 -2.01
N PRO A 50 -12.82 0.20 -0.75
CA PRO A 50 -11.43 0.45 -0.35
C PRO A 50 -10.54 -0.77 -0.52
N ILE A 51 -9.24 -0.56 -0.36
CA ILE A 51 -8.27 -1.64 -0.39
C ILE A 51 -7.97 -2.06 1.04
N GLN A 52 -8.29 -3.30 1.37
CA GLN A 52 -8.06 -3.79 2.72
C GLN A 52 -6.66 -4.41 2.80
N ILE A 53 -5.80 -3.77 3.56
CA ILE A 53 -4.40 -4.15 3.63
C ILE A 53 -3.99 -4.50 5.05
N ASN A 54 -2.89 -5.21 5.16
CA ASN A 54 -2.31 -5.53 6.45
C ASN A 54 -0.99 -4.79 6.63
N VAL A 55 -0.99 -3.82 7.54
CA VAL A 55 0.20 -3.05 7.85
C VAL A 55 0.48 -3.11 9.34
N ARG A 56 1.74 -3.32 9.71
CA ARG A 56 2.15 -3.45 11.11
C ARG A 56 1.58 -4.73 11.72
N GLY A 57 0.28 -4.72 11.93
CA GLY A 57 -0.42 -5.89 12.44
C GLY A 57 -1.91 -5.64 12.45
N TYR A 58 -2.35 -4.69 11.64
CA TYR A 58 -3.74 -4.27 11.63
C TYR A 58 -4.38 -4.48 10.27
N GLU A 59 -5.70 -4.63 10.26
CA GLU A 59 -6.47 -4.58 9.04
C GLU A 59 -6.81 -3.13 8.74
N LEU A 60 -6.22 -2.59 7.69
CA LEU A 60 -6.40 -1.19 7.36
C LEU A 60 -7.15 -1.03 6.05
N SER A 61 -7.89 0.06 5.93
CA SER A 61 -8.63 0.35 4.73
C SER A 61 -8.08 1.60 4.04
N LEU A 62 -7.46 1.40 2.89
CA LEU A 62 -6.93 2.50 2.10
C LEU A 62 -7.78 2.72 0.87
N ARG A 63 -8.12 3.96 0.58
CA ARG A 63 -8.91 4.27 -0.59
C ARG A 63 -8.06 4.13 -1.84
N LYS A 64 -8.69 3.79 -2.95
CA LYS A 64 -7.97 3.59 -4.21
C LYS A 64 -7.26 4.87 -4.63
N SER A 65 -7.87 6.00 -4.28
CA SER A 65 -7.31 7.32 -4.60
C SER A 65 -5.96 7.50 -3.93
N ALA A 66 -5.86 7.09 -2.68
CA ALA A 66 -4.61 7.17 -1.94
C ALA A 66 -3.65 6.06 -2.39
N ALA A 67 -4.21 4.88 -2.61
CA ALA A 67 -3.42 3.71 -2.99
C ALA A 67 -2.68 3.95 -4.30
N GLU A 68 -3.30 4.67 -5.23
CA GLU A 68 -2.71 4.89 -6.54
C GLU A 68 -1.67 6.02 -6.51
N MET A 69 -1.40 6.55 -5.32
CA MET A 69 -0.36 7.55 -5.17
C MET A 69 0.67 7.12 -4.12
N ILE A 70 0.55 5.87 -3.66
CA ILE A 70 1.53 5.29 -2.76
C ILE A 70 2.50 4.43 -3.56
N GLU A 71 3.77 4.79 -3.55
CA GLU A 71 4.78 4.06 -4.31
C GLU A 71 5.25 2.87 -3.50
N VAL A 72 5.09 1.67 -4.05
CA VAL A 72 5.44 0.45 -3.33
C VAL A 72 6.42 -0.42 -4.11
N GLU A 73 6.98 -1.38 -3.40
CA GLU A 73 7.92 -2.34 -3.99
C GLU A 73 7.48 -3.76 -3.64
N LEU A 74 7.77 -4.70 -4.51
CA LEU A 74 7.27 -6.07 -4.38
C LEU A 74 8.10 -6.91 -3.43
N GLU A 75 7.50 -8.01 -3.00
CA GLU A 75 8.14 -9.00 -2.15
C GLU A 75 9.26 -9.74 -2.87
N HIS A 76 9.99 -10.56 -2.14
CA HIS A 76 10.98 -11.44 -2.73
C HIS A 76 10.97 -12.80 -2.05
N HIS A 77 10.13 -13.68 -2.53
CA HIS A 77 10.07 -15.05 -2.02
C HIS A 77 11.17 -15.88 -2.66
N HIS A 78 11.66 -16.86 -1.92
CA HIS A 78 12.81 -17.64 -2.37
C HIS A 78 12.38 -18.96 -2.97
N HIS A 79 12.98 -19.31 -4.10
CA HIS A 79 12.63 -20.53 -4.81
C HIS A 79 13.01 -21.77 -4.00
N HIS A 80 12.30 -22.87 -4.25
CA HIS A 80 12.45 -24.08 -3.45
C HIS A 80 13.63 -24.92 -3.91
N HIS A 81 14.07 -24.71 -5.15
CA HIS A 81 15.16 -25.49 -5.70
C HIS A 81 16.24 -24.56 -6.25
N MET A 1 1.41 3.98 -13.23
CA MET A 1 2.61 3.75 -12.40
C MET A 1 2.51 2.40 -11.70
N PHE A 2 3.40 2.15 -10.76
CA PHE A 2 3.35 0.93 -9.97
C PHE A 2 3.13 1.29 -8.51
N SER A 3 1.88 1.41 -8.13
CA SER A 3 1.52 1.81 -6.79
C SER A 3 0.74 0.72 -6.08
N LEU A 4 0.32 1.01 -4.85
CA LEU A 4 -0.51 0.09 -4.08
C LEU A 4 -1.87 -0.07 -4.76
N ARG A 5 -2.19 0.90 -5.61
CA ARG A 5 -3.41 0.89 -6.40
C ARG A 5 -3.33 -0.20 -7.48
N ASP A 6 -2.14 -0.41 -8.01
CA ASP A 6 -1.95 -1.31 -9.13
C ASP A 6 -1.69 -2.75 -8.66
N ALA A 7 -1.32 -2.90 -7.39
CA ALA A 7 -0.99 -4.20 -6.84
C ALA A 7 -2.25 -5.03 -6.56
N LYS A 8 -2.07 -6.30 -6.23
CA LYS A 8 -3.19 -7.21 -6.03
C LYS A 8 -3.22 -7.75 -4.60
N CYS A 9 -4.37 -8.25 -4.19
CA CYS A 9 -4.52 -8.83 -2.87
C CYS A 9 -3.83 -10.19 -2.80
N GLY A 10 -3.29 -10.51 -1.63
CA GLY A 10 -2.54 -11.74 -1.46
C GLY A 10 -1.06 -11.53 -1.65
N GLN A 11 -0.71 -10.38 -2.21
CA GLN A 11 0.69 -10.03 -2.45
C GLN A 11 1.24 -9.22 -1.29
N THR A 12 2.55 -9.21 -1.18
CA THR A 12 3.21 -8.43 -0.15
C THR A 12 4.13 -7.40 -0.79
N VAL A 13 3.87 -6.15 -0.50
CA VAL A 13 4.66 -5.06 -1.05
C VAL A 13 5.28 -4.25 0.07
N LYS A 14 6.16 -3.33 -0.25
CA LYS A 14 6.71 -2.44 0.74
C LYS A 14 6.61 -0.99 0.25
N VAL A 15 6.18 -0.11 1.15
CA VAL A 15 6.07 1.30 0.82
C VAL A 15 7.44 1.95 0.80
N VAL A 16 7.84 2.46 -0.35
CA VAL A 16 9.17 3.02 -0.49
C VAL A 16 9.15 4.54 -0.70
N LYS A 17 8.09 5.03 -1.30
CA LYS A 17 7.97 6.46 -1.53
C LYS A 17 6.52 6.92 -1.32
N LEU A 18 6.36 8.07 -0.69
CA LEU A 18 5.04 8.61 -0.41
C LEU A 18 4.73 9.80 -1.31
N HIS A 19 3.76 9.63 -2.19
CA HIS A 19 3.38 10.69 -3.11
C HIS A 19 2.29 11.56 -2.50
N GLY A 20 2.01 12.69 -3.14
CA GLY A 20 1.00 13.59 -2.65
C GLY A 20 1.58 14.93 -2.23
N THR A 21 0.71 15.86 -1.88
CA THR A 21 1.13 17.19 -1.46
C THR A 21 1.68 17.17 -0.04
N GLY A 22 0.79 17.16 0.94
CA GLY A 22 1.20 17.10 2.33
C GLY A 22 0.20 16.36 3.17
N ALA A 23 -1.05 16.81 3.14
CA ALA A 23 -2.13 16.18 3.89
C ALA A 23 -2.35 14.75 3.42
N LEU A 24 -2.13 14.51 2.13
CA LEU A 24 -2.24 13.16 1.57
C LEU A 24 -1.20 12.24 2.19
N LYS A 25 0.05 12.69 2.20
CA LYS A 25 1.14 11.93 2.78
C LYS A 25 0.85 11.60 4.24
N ARG A 26 0.54 12.64 5.02
CA ARG A 26 0.30 12.47 6.45
C ARG A 26 -0.94 11.63 6.73
N ARG A 27 -1.96 11.73 5.89
CA ARG A 27 -3.15 10.90 6.02
C ARG A 27 -2.75 9.43 5.99
N ILE A 28 -1.86 9.09 5.08
CA ILE A 28 -1.41 7.72 4.89
C ILE A 28 -0.41 7.31 5.97
N MET A 29 0.62 8.12 6.14
CA MET A 29 1.71 7.80 7.06
C MET A 29 1.24 7.73 8.51
N ASP A 30 0.21 8.52 8.84
CA ASP A 30 -0.37 8.51 10.18
C ASP A 30 -0.95 7.15 10.52
N MET A 31 -1.25 6.35 9.50
CA MET A 31 -1.82 5.03 9.69
C MET A 31 -0.71 3.98 9.82
N GLY A 32 0.54 4.42 9.88
CA GLY A 32 1.64 3.50 10.05
C GLY A 32 2.44 3.33 8.78
N ILE A 33 2.01 4.01 7.72
CA ILE A 33 2.71 3.95 6.45
C ILE A 33 3.82 4.99 6.42
N THR A 34 4.90 4.72 7.14
CA THR A 34 5.93 5.72 7.35
C THR A 34 7.15 5.51 6.46
N ARG A 35 6.94 4.80 5.35
CA ARG A 35 8.02 4.52 4.39
C ARG A 35 9.01 3.50 4.98
N GLY A 36 9.13 2.36 4.31
CA GLY A 36 9.93 1.28 4.85
C GLY A 36 9.07 0.31 5.63
N CYS A 37 7.77 0.38 5.39
CA CYS A 37 6.81 -0.49 6.05
C CYS A 37 6.25 -1.49 5.06
N GLU A 38 6.22 -2.76 5.45
CA GLU A 38 5.69 -3.81 4.58
C GLU A 38 4.16 -3.81 4.60
N ILE A 39 3.59 -4.01 3.42
CA ILE A 39 2.15 -3.98 3.24
C ILE A 39 1.65 -5.36 2.81
N TYR A 40 0.86 -5.98 3.67
CA TYR A 40 0.21 -7.23 3.30
C TYR A 40 -1.17 -6.90 2.74
N ILE A 41 -1.29 -6.92 1.42
CA ILE A 41 -2.55 -6.56 0.79
C ILE A 41 -3.57 -7.67 1.00
N ARG A 42 -4.53 -7.41 1.88
CA ARG A 42 -5.47 -8.42 2.31
C ARG A 42 -6.60 -8.61 1.30
N LYS A 43 -7.28 -7.52 0.97
CA LYS A 43 -8.52 -7.63 0.22
C LYS A 43 -8.76 -6.40 -0.66
N VAL A 44 -9.21 -6.63 -1.88
CA VAL A 44 -9.56 -5.56 -2.78
C VAL A 44 -11.05 -5.60 -3.09
N ALA A 45 -11.76 -4.55 -2.72
CA ALA A 45 -13.20 -4.48 -2.92
C ALA A 45 -13.56 -4.36 -4.40
N PRO A 46 -14.70 -4.96 -4.80
CA PRO A 46 -15.16 -4.95 -6.21
C PRO A 46 -15.43 -3.55 -6.73
N LEU A 47 -15.55 -2.59 -5.83
CA LEU A 47 -15.82 -1.21 -6.23
C LEU A 47 -14.51 -0.49 -6.54
N GLY A 48 -13.41 -1.23 -6.40
CA GLY A 48 -12.11 -0.66 -6.62
C GLY A 48 -11.45 -0.29 -5.32
N ASP A 49 -12.27 0.08 -4.36
CA ASP A 49 -11.82 0.38 -3.01
C ASP A 49 -12.99 0.19 -2.04
N PRO A 50 -12.73 0.17 -0.72
CA PRO A 50 -11.39 0.38 -0.16
C PRO A 50 -10.48 -0.83 -0.37
N ILE A 51 -9.19 -0.56 -0.40
CA ILE A 51 -8.20 -1.61 -0.46
C ILE A 51 -7.74 -1.93 0.95
N GLN A 52 -8.12 -3.11 1.41
CA GLN A 52 -7.87 -3.52 2.78
C GLN A 52 -6.47 -4.11 2.89
N ILE A 53 -5.59 -3.43 3.59
CA ILE A 53 -4.23 -3.89 3.74
C ILE A 53 -3.88 -4.09 5.20
N ASN A 54 -2.99 -5.03 5.46
CA ASN A 54 -2.54 -5.31 6.81
C ASN A 54 -1.25 -4.58 7.11
N VAL A 55 -1.33 -3.60 7.97
CA VAL A 55 -0.18 -2.82 8.37
C VAL A 55 0.11 -3.07 9.85
N ARG A 56 1.28 -3.63 10.11
CA ARG A 56 1.72 -3.95 11.47
C ARG A 56 0.83 -5.03 12.09
N GLY A 57 -0.01 -5.65 11.27
CA GLY A 57 -0.90 -6.68 11.76
C GLY A 57 -2.34 -6.19 11.88
N TYR A 58 -2.55 -4.90 11.63
CA TYR A 58 -3.88 -4.31 11.71
C TYR A 58 -4.52 -4.21 10.33
N GLU A 59 -5.84 -4.16 10.29
CA GLU A 59 -6.56 -4.00 9.02
C GLU A 59 -7.03 -2.57 8.87
N LEU A 60 -6.53 -1.87 7.88
CA LEU A 60 -6.95 -0.51 7.60
C LEU A 60 -7.23 -0.34 6.11
N SER A 61 -8.08 0.62 5.78
CA SER A 61 -8.57 0.77 4.42
C SER A 61 -7.97 1.98 3.72
N LEU A 62 -7.54 1.79 2.48
CA LEU A 62 -7.07 2.88 1.63
C LEU A 62 -8.03 3.09 0.46
N ARG A 63 -8.25 4.35 0.12
CA ARG A 63 -9.08 4.68 -1.04
C ARG A 63 -8.28 4.49 -2.33
N LYS A 64 -8.98 4.35 -3.45
CA LYS A 64 -8.32 4.06 -4.72
C LYS A 64 -7.28 5.14 -5.08
N SER A 65 -7.60 6.39 -4.79
CA SER A 65 -6.68 7.49 -5.07
C SER A 65 -5.51 7.49 -4.08
N ALA A 66 -5.78 7.12 -2.84
CA ALA A 66 -4.77 7.10 -1.80
C ALA A 66 -3.76 5.98 -2.05
N ALA A 67 -4.25 4.85 -2.52
CA ALA A 67 -3.41 3.70 -2.85
C ALA A 67 -2.39 4.08 -3.91
N GLU A 68 -2.82 4.92 -4.84
CA GLU A 68 -2.00 5.30 -5.97
C GLU A 68 -0.90 6.28 -5.53
N MET A 69 -1.08 6.89 -4.37
CA MET A 69 -0.09 7.79 -3.83
C MET A 69 1.03 7.00 -3.15
N ILE A 70 0.80 5.72 -2.98
CA ILE A 70 1.75 4.86 -2.29
C ILE A 70 2.64 4.11 -3.27
N GLU A 71 3.89 4.53 -3.37
CA GLU A 71 4.87 3.87 -4.22
C GLU A 71 5.35 2.60 -3.53
N VAL A 72 5.11 1.47 -4.15
CA VAL A 72 5.44 0.18 -3.54
C VAL A 72 6.37 -0.65 -4.42
N GLU A 73 6.72 -1.82 -3.92
CA GLU A 73 7.54 -2.77 -4.66
C GLU A 73 7.21 -4.19 -4.16
N LEU A 74 7.25 -5.15 -5.06
CA LEU A 74 6.92 -6.53 -4.73
C LEU A 74 8.10 -7.23 -4.06
N GLU A 75 7.81 -8.04 -3.06
CA GLU A 75 8.84 -8.84 -2.41
C GLU A 75 9.07 -10.14 -3.19
N HIS A 76 8.17 -10.40 -4.13
CA HIS A 76 8.23 -11.62 -4.93
C HIS A 76 8.97 -11.35 -6.24
N HIS A 77 10.28 -11.56 -6.24
CA HIS A 77 11.11 -11.29 -7.41
C HIS A 77 11.92 -12.54 -7.78
N HIS A 78 12.25 -12.66 -9.06
CA HIS A 78 13.04 -13.80 -9.54
C HIS A 78 14.25 -13.34 -10.34
N HIS A 79 15.43 -13.71 -9.85
CA HIS A 79 16.71 -13.50 -10.53
C HIS A 79 17.10 -12.02 -10.55
N HIS A 80 16.25 -11.18 -10.00
CA HIS A 80 16.55 -9.75 -9.85
C HIS A 80 15.82 -9.22 -8.64
N HIS A 81 16.56 -8.97 -7.58
CA HIS A 81 15.97 -8.53 -6.33
C HIS A 81 15.72 -7.03 -6.37
N MET A 1 5.58 3.05 -13.40
CA MET A 1 4.86 3.30 -12.14
C MET A 1 4.06 2.07 -11.72
N PHE A 2 4.45 1.49 -10.58
CA PHE A 2 3.70 0.41 -9.98
C PHE A 2 3.09 0.91 -8.68
N SER A 3 1.78 1.04 -8.67
CA SER A 3 1.08 1.60 -7.52
C SER A 3 0.58 0.50 -6.60
N LEU A 4 0.32 0.85 -5.35
CA LEU A 4 -0.27 -0.07 -4.40
C LEU A 4 -1.64 -0.50 -4.90
N ARG A 5 -2.34 0.47 -5.48
CA ARG A 5 -3.59 0.26 -6.20
C ARG A 5 -3.52 -0.94 -7.15
N ASP A 6 -2.31 -1.26 -7.61
CA ASP A 6 -2.12 -2.30 -8.61
C ASP A 6 -1.66 -3.61 -7.98
N ALA A 7 -1.50 -3.60 -6.67
CA ALA A 7 -1.12 -4.83 -5.94
C ALA A 7 -2.31 -5.78 -5.85
N LYS A 8 -2.02 -7.07 -5.79
CA LYS A 8 -3.06 -8.08 -5.71
C LYS A 8 -3.26 -8.56 -4.28
N CYS A 9 -4.38 -9.25 -4.05
CA CYS A 9 -4.80 -9.66 -2.71
C CYS A 9 -4.04 -10.90 -2.21
N GLY A 10 -2.84 -11.08 -2.72
CA GLY A 10 -2.01 -12.20 -2.30
C GLY A 10 -0.54 -11.88 -2.40
N GLN A 11 -0.24 -10.60 -2.45
CA GLN A 11 1.13 -10.16 -2.63
C GLN A 11 1.63 -9.40 -1.41
N THR A 12 2.89 -9.58 -1.06
CA THR A 12 3.52 -8.80 -0.02
C THR A 12 4.13 -7.53 -0.62
N VAL A 13 3.65 -6.39 -0.18
CA VAL A 13 4.10 -5.12 -0.72
C VAL A 13 4.84 -4.32 0.34
N LYS A 14 5.78 -3.51 -0.10
CA LYS A 14 6.57 -2.70 0.79
C LYS A 14 6.55 -1.25 0.32
N VAL A 15 6.05 -0.36 1.16
CA VAL A 15 5.92 1.04 0.80
C VAL A 15 7.29 1.69 0.81
N VAL A 16 7.63 2.37 -0.27
CA VAL A 16 8.94 3.01 -0.35
C VAL A 16 8.83 4.52 -0.41
N LYS A 17 7.86 5.03 -1.14
CA LYS A 17 7.66 6.48 -1.24
C LYS A 17 6.18 6.81 -1.23
N LEU A 18 5.85 8.00 -0.75
CA LEU A 18 4.46 8.42 -0.68
C LEU A 18 4.28 9.73 -1.43
N HIS A 19 3.52 9.69 -2.51
CA HIS A 19 3.28 10.89 -3.30
C HIS A 19 2.06 11.61 -2.76
N GLY A 20 1.86 12.84 -3.22
CA GLY A 20 0.67 13.57 -2.83
C GLY A 20 0.98 15.00 -2.44
N THR A 21 -0.05 15.72 -2.02
CA THR A 21 0.08 17.13 -1.65
C THR A 21 0.42 17.27 -0.16
N GLY A 22 1.14 16.28 0.36
CA GLY A 22 1.61 16.33 1.73
C GLY A 22 0.55 15.97 2.76
N ALA A 23 -0.55 16.72 2.77
CA ALA A 23 -1.62 16.48 3.73
C ALA A 23 -2.16 15.05 3.60
N LEU A 24 -2.24 14.56 2.37
CA LEU A 24 -2.74 13.21 2.12
C LEU A 24 -1.68 12.17 2.49
N LYS A 25 -0.44 12.41 2.06
CA LYS A 25 0.63 11.44 2.29
C LYS A 25 0.98 11.32 3.77
N ARG A 26 0.80 12.40 4.51
CA ARG A 26 0.98 12.36 5.95
C ARG A 26 -0.18 11.61 6.59
N ARG A 27 -1.39 11.83 6.06
CA ARG A 27 -2.58 11.16 6.56
C ARG A 27 -2.41 9.64 6.50
N ILE A 28 -1.75 9.17 5.45
CA ILE A 28 -1.47 7.76 5.27
C ILE A 28 -0.57 7.24 6.39
N MET A 29 0.52 7.95 6.65
CA MET A 29 1.49 7.55 7.68
C MET A 29 0.89 7.67 9.07
N ASP A 30 0.03 8.65 9.25
CA ASP A 30 -0.63 8.88 10.54
C ASP A 30 -1.48 7.68 10.94
N MET A 31 -1.90 6.89 9.96
CA MET A 31 -2.70 5.70 10.23
C MET A 31 -1.82 4.48 10.51
N GLY A 32 -0.58 4.52 10.02
CA GLY A 32 0.34 3.41 10.22
C GLY A 32 1.13 3.12 8.96
N ILE A 33 0.55 3.39 7.80
CA ILE A 33 1.20 3.12 6.53
C ILE A 33 2.31 4.12 6.28
N THR A 34 3.53 3.73 6.60
CA THR A 34 4.67 4.62 6.50
C THR A 34 5.62 4.17 5.40
N ARG A 35 6.64 4.97 5.14
CA ARG A 35 7.66 4.61 4.16
C ARG A 35 8.65 3.62 4.78
N GLY A 36 8.76 2.46 4.17
CA GLY A 36 9.62 1.42 4.69
C GLY A 36 8.86 0.47 5.60
N CYS A 37 7.58 0.25 5.29
CA CYS A 37 6.77 -0.68 6.05
C CYS A 37 6.35 -1.84 5.17
N GLU A 38 6.09 -2.98 5.80
CA GLU A 38 5.61 -4.16 5.09
C GLU A 38 4.09 -4.24 5.19
N ILE A 39 3.45 -4.48 4.05
CA ILE A 39 2.00 -4.53 3.99
C ILE A 39 1.54 -5.74 3.21
N TYR A 40 0.57 -6.44 3.75
CA TYR A 40 -0.07 -7.52 3.04
C TYR A 40 -1.42 -7.05 2.50
N ILE A 41 -1.59 -7.14 1.19
CA ILE A 41 -2.86 -6.77 0.57
C ILE A 41 -3.87 -7.90 0.73
N ARG A 42 -4.95 -7.62 1.42
CA ARG A 42 -5.95 -8.64 1.74
C ARG A 42 -7.02 -8.72 0.66
N LYS A 43 -7.56 -7.58 0.26
CA LYS A 43 -8.62 -7.54 -0.75
C LYS A 43 -8.67 -6.19 -1.45
N VAL A 44 -9.01 -6.21 -2.73
CA VAL A 44 -9.20 -4.99 -3.49
C VAL A 44 -10.64 -4.92 -4.00
N ALA A 45 -11.32 -3.83 -3.69
CA ALA A 45 -12.72 -3.67 -4.06
C ALA A 45 -12.88 -3.51 -5.56
N PRO A 46 -13.99 -4.04 -6.12
CA PRO A 46 -14.26 -4.00 -7.56
C PRO A 46 -14.33 -2.57 -8.12
N LEU A 47 -14.74 -1.63 -7.28
CA LEU A 47 -14.86 -0.24 -7.69
C LEU A 47 -13.58 0.53 -7.40
N GLY A 48 -12.60 -0.17 -6.83
CA GLY A 48 -11.35 0.46 -6.50
C GLY A 48 -11.07 0.39 -5.01
N ASP A 49 -11.81 1.16 -4.24
CA ASP A 49 -11.64 1.20 -2.80
C ASP A 49 -12.93 0.73 -2.11
N PRO A 50 -12.85 0.37 -0.82
CA PRO A 50 -11.62 0.43 -0.03
C PRO A 50 -10.75 -0.81 -0.21
N ILE A 51 -9.44 -0.62 -0.16
CA ILE A 51 -8.50 -1.72 -0.26
C ILE A 51 -8.13 -2.20 1.13
N GLN A 52 -8.30 -3.47 1.40
CA GLN A 52 -8.00 -4.04 2.70
C GLN A 52 -6.51 -4.31 2.81
N ILE A 53 -5.84 -3.55 3.66
CA ILE A 53 -4.39 -3.66 3.79
C ILE A 53 -3.99 -3.93 5.23
N ASN A 54 -2.87 -4.60 5.42
CA ASN A 54 -2.32 -4.81 6.76
C ASN A 54 -0.91 -4.24 6.82
N VAL A 55 -0.77 -3.16 7.57
CA VAL A 55 0.49 -2.43 7.67
C VAL A 55 1.14 -2.66 9.02
N ARG A 56 2.40 -3.07 9.02
CA ARG A 56 3.12 -3.38 10.26
C ARG A 56 2.43 -4.53 10.98
N GLY A 57 1.42 -4.19 11.76
CA GLY A 57 0.57 -5.17 12.39
C GLY A 57 -0.84 -4.61 12.57
N TYR A 58 -1.26 -3.79 11.62
CA TYR A 58 -2.54 -3.11 11.69
C TYR A 58 -3.30 -3.28 10.38
N GLU A 59 -4.54 -3.71 10.44
CA GLU A 59 -5.33 -3.89 9.23
C GLU A 59 -6.37 -2.78 9.07
N LEU A 60 -6.24 -2.04 7.98
CA LEU A 60 -7.08 -0.88 7.72
C LEU A 60 -7.63 -0.92 6.31
N SER A 61 -8.56 0.00 6.02
CA SER A 61 -9.03 0.20 4.67
C SER A 61 -8.32 1.38 4.04
N LEU A 62 -7.75 1.16 2.87
CA LEU A 62 -7.02 2.20 2.17
C LEU A 62 -7.85 2.71 1.00
N ARG A 63 -7.70 3.98 0.68
CA ARG A 63 -8.49 4.60 -0.37
C ARG A 63 -7.89 4.34 -1.73
N LYS A 64 -8.73 4.45 -2.74
CA LYS A 64 -8.35 4.21 -4.12
C LYS A 64 -7.28 5.21 -4.57
N SER A 65 -7.54 6.48 -4.29
CA SER A 65 -6.64 7.55 -4.70
C SER A 65 -5.32 7.44 -3.96
N ALA A 66 -5.40 7.14 -2.66
CA ALA A 66 -4.21 6.98 -1.85
C ALA A 66 -3.36 5.82 -2.34
N ALA A 67 -4.02 4.73 -2.71
CA ALA A 67 -3.34 3.52 -3.13
C ALA A 67 -2.55 3.73 -4.42
N GLU A 68 -2.96 4.69 -5.24
CA GLU A 68 -2.25 4.96 -6.49
C GLU A 68 -1.29 6.13 -6.34
N MET A 69 -1.28 6.74 -5.16
CA MET A 69 -0.32 7.78 -4.85
C MET A 69 0.85 7.22 -4.08
N ILE A 70 0.73 5.96 -3.66
CA ILE A 70 1.78 5.31 -2.90
C ILE A 70 2.76 4.58 -3.82
N GLU A 71 4.02 4.95 -3.73
CA GLU A 71 5.09 4.26 -4.43
C GLU A 71 5.46 3.02 -3.63
N VAL A 72 5.20 1.84 -4.17
CA VAL A 72 5.46 0.61 -3.46
C VAL A 72 6.42 -0.29 -4.21
N GLU A 73 6.98 -1.22 -3.48
CA GLU A 73 7.83 -2.26 -4.06
C GLU A 73 7.17 -3.61 -3.85
N LEU A 74 7.07 -4.39 -4.91
CA LEU A 74 6.53 -5.73 -4.80
C LEU A 74 7.63 -6.64 -4.31
N GLU A 75 7.50 -7.12 -3.08
CA GLU A 75 8.52 -7.96 -2.49
C GLU A 75 8.50 -9.34 -3.15
N HIS A 76 9.51 -9.59 -3.95
CA HIS A 76 9.57 -10.81 -4.74
C HIS A 76 9.92 -12.00 -3.86
N HIS A 77 9.58 -13.19 -4.34
CA HIS A 77 9.96 -14.40 -3.67
C HIS A 77 11.18 -14.98 -4.40
N HIS A 78 12.35 -14.77 -3.82
CA HIS A 78 13.60 -15.05 -4.51
C HIS A 78 14.29 -16.29 -3.97
N HIS A 79 15.23 -16.81 -4.76
CA HIS A 79 16.05 -17.93 -4.34
C HIS A 79 17.10 -17.44 -3.34
N HIS A 80 17.17 -18.10 -2.19
CA HIS A 80 18.13 -17.75 -1.16
C HIS A 80 19.54 -18.12 -1.60
N HIS A 81 20.53 -17.54 -0.94
CA HIS A 81 21.91 -17.93 -1.14
C HIS A 81 22.51 -18.36 0.18
#